data_1A62
# 
_entry.id   1A62 
# 
_audit_conform.dict_name       mmcif_pdbx.dic 
_audit_conform.dict_version    5.397 
_audit_conform.dict_location   http://mmcif.pdb.org/dictionaries/ascii/mmcif_pdbx.dic 
# 
loop_
_database_2.database_id 
_database_2.database_code 
_database_2.pdbx_database_accession 
_database_2.pdbx_DOI 
PDB   1A62         pdb_00001a62 10.2210/pdb1a62/pdb 
WWPDB D_1000170437 ?            ?                   
# 
loop_
_pdbx_audit_revision_history.ordinal 
_pdbx_audit_revision_history.data_content_type 
_pdbx_audit_revision_history.major_revision 
_pdbx_audit_revision_history.minor_revision 
_pdbx_audit_revision_history.revision_date 
1 'Structure model' 1 0 1998-06-17 
2 'Structure model' 1 1 2008-03-24 
3 'Structure model' 1 2 2011-07-13 
4 'Structure model' 1 3 2024-06-05 
5 'Structure model' 1 4 2024-10-30 
# 
_pdbx_audit_revision_details.ordinal             1 
_pdbx_audit_revision_details.revision_ordinal    1 
_pdbx_audit_revision_details.data_content_type   'Structure model' 
_pdbx_audit_revision_details.provider            repository 
_pdbx_audit_revision_details.type                'Initial release' 
_pdbx_audit_revision_details.description         ? 
_pdbx_audit_revision_details.details             ? 
# 
loop_
_pdbx_audit_revision_group.ordinal 
_pdbx_audit_revision_group.revision_ordinal 
_pdbx_audit_revision_group.data_content_type 
_pdbx_audit_revision_group.group 
1 2 'Structure model' 'Version format compliance' 
2 3 'Structure model' 'Version format compliance' 
3 4 'Structure model' 'Data collection'           
4 4 'Structure model' 'Database references'       
5 4 'Structure model' 'Derived calculations'      
6 4 'Structure model' Other                       
7 5 'Structure model' 'Structure summary'         
# 
loop_
_pdbx_audit_revision_category.ordinal 
_pdbx_audit_revision_category.revision_ordinal 
_pdbx_audit_revision_category.data_content_type 
_pdbx_audit_revision_category.category 
1 4 'Structure model' chem_comp_atom            
2 4 'Structure model' chem_comp_bond            
3 4 'Structure model' database_2                
4 4 'Structure model' pdbx_database_status      
5 4 'Structure model' struct_conn               
6 4 'Structure model' struct_ref_seq_dif        
7 5 'Structure model' pdbx_entry_details        
8 5 'Structure model' pdbx_modification_feature 
# 
loop_
_pdbx_audit_revision_item.ordinal 
_pdbx_audit_revision_item.revision_ordinal 
_pdbx_audit_revision_item.data_content_type 
_pdbx_audit_revision_item.item 
1  4 'Structure model' '_database_2.pdbx_DOI'                
2  4 'Structure model' '_database_2.pdbx_database_accession' 
3  4 'Structure model' '_pdbx_database_status.process_site'  
4  4 'Structure model' '_struct_conn.pdbx_leaving_atom_flag' 
5  4 'Structure model' '_struct_conn.ptnr1_auth_comp_id'     
6  4 'Structure model' '_struct_conn.ptnr1_auth_seq_id'      
7  4 'Structure model' '_struct_conn.ptnr1_label_atom_id'    
8  4 'Structure model' '_struct_conn.ptnr1_label_comp_id'    
9  4 'Structure model' '_struct_conn.ptnr1_label_seq_id'     
10 4 'Structure model' '_struct_conn.ptnr2_auth_comp_id'     
11 4 'Structure model' '_struct_conn.ptnr2_auth_seq_id'      
12 4 'Structure model' '_struct_conn.ptnr2_label_atom_id'    
13 4 'Structure model' '_struct_conn.ptnr2_label_comp_id'    
14 4 'Structure model' '_struct_conn.ptnr2_label_seq_id'     
15 4 'Structure model' '_struct_ref_seq_dif.details'         
# 
_pdbx_database_status.status_code                     REL 
_pdbx_database_status.entry_id                        1A62 
_pdbx_database_status.recvd_initial_deposition_date   1998-03-05 
_pdbx_database_status.deposit_site                    ? 
_pdbx_database_status.process_site                    BNL 
_pdbx_database_status.SG_entry                        . 
_pdbx_database_status.pdb_format_compatible           Y 
_pdbx_database_status.status_code_mr                  ? 
_pdbx_database_status.status_code_sf                  ? 
_pdbx_database_status.status_code_cs                  ? 
_pdbx_database_status.status_code_nmr_data            ? 
_pdbx_database_status.methods_development_category    ? 
# 
loop_
_audit_author.name 
_audit_author.pdbx_ordinal 
'Allison, T.J.'    1 
'Wood, T.C.'       2 
'Briercheck, D.M.' 3 
'Rastinejad, F.'   4 
'Richardson, J.P.' 5 
'Rule, G.S.'       6 
# 
loop_
_citation.id 
_citation.title 
_citation.journal_abbrev 
_citation.journal_volume 
_citation.page_first 
_citation.page_last 
_citation.year 
_citation.journal_id_ASTM 
_citation.country 
_citation.journal_id_ISSN 
_citation.journal_id_CSD 
_citation.book_publisher 
_citation.pdbx_database_id_PubMed 
_citation.pdbx_database_id_DOI 
primary 'Crystal structure of the RNA-binding domain from transcription termination factor rho.' Nat.Struct.Biol. 5 352 356 1998 
NSBIEW US 1072-8368 2024 ? 9586995 10.1038/nsb0598-352 
1       'The NMR Structure of the RNA Binding Domain of E. Coli Rho Factor Suggests Possible RNA-Protein Interactions' 
Nat.Struct.Biol. 5 393 ?   1998 NSBIEW US 1072-8368 2024 ? ?       ?                   
2       
'1H, 15N and 13C Resonance Assignments and Secondary Structure Determination of the RNA-Binding Domain of E.Coli Rho Protein' 
J.Biomol.NMR     8 429 ?   1996 JBNME9 NE 0925-2738 0800 ? ?       ?                   
# 
loop_
_citation_author.citation_id 
_citation_author.name 
_citation_author.ordinal 
_citation_author.identifier_ORCID 
primary 'Allison, T.J.'    1  ? 
primary 'Wood, T.C.'       2  ? 
primary 'Briercheck, D.M.' 3  ? 
primary 'Rastinejad, F.'   4  ? 
primary 'Richardson, J.P.' 5  ? 
primary 'Rule, G.S.'       6  ? 
1       'Briercheck, D.M.' 7  ? 
1       'Wood, T.C.'       8  ? 
1       'Allison, T.J.'    9  ? 
1       'Richardson, J.P.' 10 ? 
1       'Rule, G.S.'       11 ? 
2       'Briercheck, D.M.' 12 ? 
2       'Allison, T.J.'    13 ? 
2       'Richardson, J.P.' 14 ? 
2       'Ellena, J.F.'     15 ? 
2       'Wood, T.C.'       16 ? 
2       'Rule, G.S.'       17 ? 
# 
loop_
_entity.id 
_entity.type 
_entity.src_method 
_entity.pdbx_description 
_entity.formula_weight 
_entity.pdbx_number_of_molecules 
_entity.pdbx_ec 
_entity.pdbx_mutation 
_entity.pdbx_fragment 
_entity.details 
1 polymer man RHO   14775.287 1   ? ? 'RNA BINDING DOMAIN, RESIDUES 1 - 130' ? 
2 water   nat water 18.015    115 ? ? ?                                      ? 
# 
_entity_poly.entity_id                      1 
_entity_poly.type                           'polypeptide(L)' 
_entity_poly.nstd_linkage                   no 
_entity_poly.nstd_monomer                   yes 
_entity_poly.pdbx_seq_one_letter_code       
;(MSE)NLTELKNTPVSELITLGEN(MSE)GLENLAR(MSE)RKQDIIFAILKQHAKSGEDIFGDGVLEILQDGFGFLRSA
DSSYLAGPDDIYVSPSQIRRFNLRTGDTISGKIRPPKEGERYFALLKVNEVNFDKPENARNK
;
_entity_poly.pdbx_seq_one_letter_code_can   
;MNLTELKNTPVSELITLGENMGLENLARMRKQDIIFAILKQHAKSGEDIFGDGVLEILQDGFGFLRSADSSYLAGPDDIY
VSPSQIRRFNLRTGDTISGKIRPPKEGERYFALLKVNEVNFDKPENARNK
;
_entity_poly.pdbx_strand_id                 A 
_entity_poly.pdbx_target_identifier         ? 
# 
_pdbx_entity_nonpoly.entity_id   2 
_pdbx_entity_nonpoly.name        water 
_pdbx_entity_nonpoly.comp_id     HOH 
# 
loop_
_entity_poly_seq.entity_id 
_entity_poly_seq.num 
_entity_poly_seq.mon_id 
_entity_poly_seq.hetero 
1 1   MSE n 
1 2   ASN n 
1 3   LEU n 
1 4   THR n 
1 5   GLU n 
1 6   LEU n 
1 7   LYS n 
1 8   ASN n 
1 9   THR n 
1 10  PRO n 
1 11  VAL n 
1 12  SER n 
1 13  GLU n 
1 14  LEU n 
1 15  ILE n 
1 16  THR n 
1 17  LEU n 
1 18  GLY n 
1 19  GLU n 
1 20  ASN n 
1 21  MSE n 
1 22  GLY n 
1 23  LEU n 
1 24  GLU n 
1 25  ASN n 
1 26  LEU n 
1 27  ALA n 
1 28  ARG n 
1 29  MSE n 
1 30  ARG n 
1 31  LYS n 
1 32  GLN n 
1 33  ASP n 
1 34  ILE n 
1 35  ILE n 
1 36  PHE n 
1 37  ALA n 
1 38  ILE n 
1 39  LEU n 
1 40  LYS n 
1 41  GLN n 
1 42  HIS n 
1 43  ALA n 
1 44  LYS n 
1 45  SER n 
1 46  GLY n 
1 47  GLU n 
1 48  ASP n 
1 49  ILE n 
1 50  PHE n 
1 51  GLY n 
1 52  ASP n 
1 53  GLY n 
1 54  VAL n 
1 55  LEU n 
1 56  GLU n 
1 57  ILE n 
1 58  LEU n 
1 59  GLN n 
1 60  ASP n 
1 61  GLY n 
1 62  PHE n 
1 63  GLY n 
1 64  PHE n 
1 65  LEU n 
1 66  ARG n 
1 67  SER n 
1 68  ALA n 
1 69  ASP n 
1 70  SER n 
1 71  SER n 
1 72  TYR n 
1 73  LEU n 
1 74  ALA n 
1 75  GLY n 
1 76  PRO n 
1 77  ASP n 
1 78  ASP n 
1 79  ILE n 
1 80  TYR n 
1 81  VAL n 
1 82  SER n 
1 83  PRO n 
1 84  SER n 
1 85  GLN n 
1 86  ILE n 
1 87  ARG n 
1 88  ARG n 
1 89  PHE n 
1 90  ASN n 
1 91  LEU n 
1 92  ARG n 
1 93  THR n 
1 94  GLY n 
1 95  ASP n 
1 96  THR n 
1 97  ILE n 
1 98  SER n 
1 99  GLY n 
1 100 LYS n 
1 101 ILE n 
1 102 ARG n 
1 103 PRO n 
1 104 PRO n 
1 105 LYS n 
1 106 GLU n 
1 107 GLY n 
1 108 GLU n 
1 109 ARG n 
1 110 TYR n 
1 111 PHE n 
1 112 ALA n 
1 113 LEU n 
1 114 LEU n 
1 115 LYS n 
1 116 VAL n 
1 117 ASN n 
1 118 GLU n 
1 119 VAL n 
1 120 ASN n 
1 121 PHE n 
1 122 ASP n 
1 123 LYS n 
1 124 PRO n 
1 125 GLU n 
1 126 ASN n 
1 127 ALA n 
1 128 ARG n 
1 129 ASN n 
1 130 LYS n 
# 
_entity_src_gen.entity_id                          1 
_entity_src_gen.pdbx_src_id                        1 
_entity_src_gen.pdbx_alt_source_flag               sample 
_entity_src_gen.pdbx_seq_type                      ? 
_entity_src_gen.pdbx_beg_seq_num                   ? 
_entity_src_gen.pdbx_end_seq_num                   ? 
_entity_src_gen.gene_src_common_name               ? 
_entity_src_gen.gene_src_genus                     Escherichia 
_entity_src_gen.pdbx_gene_src_gene                 ? 
_entity_src_gen.gene_src_species                   'Escherichia coli' 
_entity_src_gen.gene_src_strain                    'BL21 (DE3)' 
_entity_src_gen.gene_src_tissue                    ? 
_entity_src_gen.gene_src_tissue_fraction           ? 
_entity_src_gen.gene_src_details                   ? 
_entity_src_gen.pdbx_gene_src_fragment             ? 
_entity_src_gen.pdbx_gene_src_scientific_name      'Escherichia coli BL21(DE3)' 
_entity_src_gen.pdbx_gene_src_ncbi_taxonomy_id     469008 
_entity_src_gen.pdbx_gene_src_variant              ? 
_entity_src_gen.pdbx_gene_src_cell_line            BL21 
_entity_src_gen.pdbx_gene_src_atcc                 ? 
_entity_src_gen.pdbx_gene_src_organ                ? 
_entity_src_gen.pdbx_gene_src_organelle            ? 
_entity_src_gen.pdbx_gene_src_cell                 ? 
_entity_src_gen.pdbx_gene_src_cellular_location    ? 
_entity_src_gen.host_org_common_name               ? 
_entity_src_gen.pdbx_host_org_scientific_name      'Escherichia coli BL21(DE3)' 
_entity_src_gen.pdbx_host_org_ncbi_taxonomy_id     469008 
_entity_src_gen.host_org_genus                     Escherichia 
_entity_src_gen.pdbx_host_org_gene                 RHO 
_entity_src_gen.pdbx_host_org_organ                ? 
_entity_src_gen.host_org_species                   'Escherichia coli' 
_entity_src_gen.pdbx_host_org_tissue               ? 
_entity_src_gen.pdbx_host_org_tissue_fraction      ? 
_entity_src_gen.pdbx_host_org_strain               'BL21 (DE3)' 
_entity_src_gen.pdbx_host_org_variant              ? 
_entity_src_gen.pdbx_host_org_cell_line            ? 
_entity_src_gen.pdbx_host_org_atcc                 ? 
_entity_src_gen.pdbx_host_org_culture_collection   ? 
_entity_src_gen.pdbx_host_org_cell                 ? 
_entity_src_gen.pdbx_host_org_organelle            ? 
_entity_src_gen.pdbx_host_org_cellular_location    ? 
_entity_src_gen.pdbx_host_org_vector_type          PLASMID 
_entity_src_gen.pdbx_host_org_vector               T7 
_entity_src_gen.host_org_details                   ? 
_entity_src_gen.expression_system_id               ? 
_entity_src_gen.plasmid_name                       PET11A 
_entity_src_gen.plasmid_details                    ? 
_entity_src_gen.pdbx_description                   ? 
# 
loop_
_chem_comp.id 
_chem_comp.type 
_chem_comp.mon_nstd_flag 
_chem_comp.name 
_chem_comp.pdbx_synonyms 
_chem_comp.formula 
_chem_comp.formula_weight 
ALA 'L-peptide linking' y ALANINE          ? 'C3 H7 N O2'     89.093  
ARG 'L-peptide linking' y ARGININE         ? 'C6 H15 N4 O2 1' 175.209 
ASN 'L-peptide linking' y ASPARAGINE       ? 'C4 H8 N2 O3'    132.118 
ASP 'L-peptide linking' y 'ASPARTIC ACID'  ? 'C4 H7 N O4'     133.103 
GLN 'L-peptide linking' y GLUTAMINE        ? 'C5 H10 N2 O3'   146.144 
GLU 'L-peptide linking' y 'GLUTAMIC ACID'  ? 'C5 H9 N O4'     147.129 
GLY 'peptide linking'   y GLYCINE          ? 'C2 H5 N O2'     75.067  
HIS 'L-peptide linking' y HISTIDINE        ? 'C6 H10 N3 O2 1' 156.162 
HOH non-polymer         . WATER            ? 'H2 O'           18.015  
ILE 'L-peptide linking' y ISOLEUCINE       ? 'C6 H13 N O2'    131.173 
LEU 'L-peptide linking' y LEUCINE          ? 'C6 H13 N O2'    131.173 
LYS 'L-peptide linking' y LYSINE           ? 'C6 H15 N2 O2 1' 147.195 
MET 'L-peptide linking' y METHIONINE       ? 'C5 H11 N O2 S'  149.211 
MSE 'L-peptide linking' n SELENOMETHIONINE ? 'C5 H11 N O2 Se' 196.106 
PHE 'L-peptide linking' y PHENYLALANINE    ? 'C9 H11 N O2'    165.189 
PRO 'L-peptide linking' y PROLINE          ? 'C5 H9 N O2'     115.130 
SER 'L-peptide linking' y SERINE           ? 'C3 H7 N O3'     105.093 
THR 'L-peptide linking' y THREONINE        ? 'C4 H9 N O3'     119.119 
TYR 'L-peptide linking' y TYROSINE         ? 'C9 H11 N O3'    181.189 
VAL 'L-peptide linking' y VALINE           ? 'C5 H11 N O2'    117.146 
# 
loop_
_pdbx_poly_seq_scheme.asym_id 
_pdbx_poly_seq_scheme.entity_id 
_pdbx_poly_seq_scheme.seq_id 
_pdbx_poly_seq_scheme.mon_id 
_pdbx_poly_seq_scheme.ndb_seq_num 
_pdbx_poly_seq_scheme.pdb_seq_num 
_pdbx_poly_seq_scheme.auth_seq_num 
_pdbx_poly_seq_scheme.pdb_mon_id 
_pdbx_poly_seq_scheme.auth_mon_id 
_pdbx_poly_seq_scheme.pdb_strand_id 
_pdbx_poly_seq_scheme.pdb_ins_code 
_pdbx_poly_seq_scheme.hetero 
A 1 1   MSE 1   1   1   MSE MSE A . n 
A 1 2   ASN 2   2   2   ASN ASN A . n 
A 1 3   LEU 3   3   3   LEU LEU A . n 
A 1 4   THR 4   4   4   THR THR A . n 
A 1 5   GLU 5   5   5   GLU GLU A . n 
A 1 6   LEU 6   6   6   LEU LEU A . n 
A 1 7   LYS 7   7   7   LYS LYS A . n 
A 1 8   ASN 8   8   8   ASN ASN A . n 
A 1 9   THR 9   9   9   THR THR A . n 
A 1 10  PRO 10  10  10  PRO PRO A . n 
A 1 11  VAL 11  11  11  VAL VAL A . n 
A 1 12  SER 12  12  12  SER SER A . n 
A 1 13  GLU 13  13  13  GLU GLU A . n 
A 1 14  LEU 14  14  14  LEU LEU A . n 
A 1 15  ILE 15  15  15  ILE ILE A . n 
A 1 16  THR 16  16  16  THR THR A . n 
A 1 17  LEU 17  17  17  LEU LEU A . n 
A 1 18  GLY 18  18  18  GLY GLY A . n 
A 1 19  GLU 19  19  19  GLU GLU A . n 
A 1 20  ASN 20  20  20  ASN ASN A . n 
A 1 21  MSE 21  21  21  MSE MSE A . n 
A 1 22  GLY 22  22  22  GLY GLY A . n 
A 1 23  LEU 23  23  23  LEU LEU A . n 
A 1 24  GLU 24  24  24  GLU GLU A . n 
A 1 25  ASN 25  25  25  ASN ASN A . n 
A 1 26  LEU 26  26  26  LEU LEU A . n 
A 1 27  ALA 27  27  27  ALA ALA A . n 
A 1 28  ARG 28  28  28  ARG ARG A . n 
A 1 29  MSE 29  29  29  MSE MSE A . n 
A 1 30  ARG 30  30  30  ARG ARG A . n 
A 1 31  LYS 31  31  31  LYS LYS A . n 
A 1 32  GLN 32  32  32  GLN GLN A . n 
A 1 33  ASP 33  33  33  ASP ASP A . n 
A 1 34  ILE 34  34  34  ILE ILE A . n 
A 1 35  ILE 35  35  35  ILE ILE A . n 
A 1 36  PHE 36  36  36  PHE PHE A . n 
A 1 37  ALA 37  37  37  ALA ALA A . n 
A 1 38  ILE 38  38  38  ILE ILE A . n 
A 1 39  LEU 39  39  39  LEU LEU A . n 
A 1 40  LYS 40  40  40  LYS LYS A . n 
A 1 41  GLN 41  41  41  GLN GLN A . n 
A 1 42  HIS 42  42  42  HIS HIS A . n 
A 1 43  ALA 43  43  43  ALA ALA A . n 
A 1 44  LYS 44  44  44  LYS LYS A . n 
A 1 45  SER 45  45  45  SER SER A . n 
A 1 46  GLY 46  46  46  GLY GLY A . n 
A 1 47  GLU 47  47  47  GLU GLU A . n 
A 1 48  ASP 48  48  48  ASP ASP A . n 
A 1 49  ILE 49  49  49  ILE ILE A . n 
A 1 50  PHE 50  50  50  PHE PHE A . n 
A 1 51  GLY 51  51  51  GLY GLY A . n 
A 1 52  ASP 52  52  52  ASP ASP A . n 
A 1 53  GLY 53  53  53  GLY GLY A . n 
A 1 54  VAL 54  54  54  VAL VAL A . n 
A 1 55  LEU 55  55  55  LEU LEU A . n 
A 1 56  GLU 56  56  56  GLU GLU A . n 
A 1 57  ILE 57  57  57  ILE ILE A . n 
A 1 58  LEU 58  58  58  LEU LEU A . n 
A 1 59  GLN 59  59  59  GLN GLN A . n 
A 1 60  ASP 60  60  60  ASP ASP A . n 
A 1 61  GLY 61  61  61  GLY GLY A . n 
A 1 62  PHE 62  62  62  PHE PHE A . n 
A 1 63  GLY 63  63  63  GLY GLY A . n 
A 1 64  PHE 64  64  64  PHE PHE A . n 
A 1 65  LEU 65  65  65  LEU LEU A . n 
A 1 66  ARG 66  66  66  ARG ARG A . n 
A 1 67  SER 67  67  67  SER SER A . n 
A 1 68  ALA 68  68  68  ALA ALA A . n 
A 1 69  ASP 69  69  69  ASP ASP A . n 
A 1 70  SER 70  70  70  SER SER A . n 
A 1 71  SER 71  71  71  SER SER A . n 
A 1 72  TYR 72  72  72  TYR TYR A . n 
A 1 73  LEU 73  73  73  LEU LEU A . n 
A 1 74  ALA 74  74  74  ALA ALA A . n 
A 1 75  GLY 75  75  75  GLY GLY A . n 
A 1 76  PRO 76  76  76  PRO PRO A . n 
A 1 77  ASP 77  77  77  ASP ASP A . n 
A 1 78  ASP 78  78  78  ASP ASP A . n 
A 1 79  ILE 79  79  79  ILE ILE A . n 
A 1 80  TYR 80  80  80  TYR TYR A . n 
A 1 81  VAL 81  81  81  VAL VAL A . n 
A 1 82  SER 82  82  82  SER SER A . n 
A 1 83  PRO 83  83  83  PRO PRO A . n 
A 1 84  SER 84  84  84  SER SER A . n 
A 1 85  GLN 85  85  85  GLN GLN A . n 
A 1 86  ILE 86  86  86  ILE ILE A . n 
A 1 87  ARG 87  87  87  ARG ARG A . n 
A 1 88  ARG 88  88  88  ARG ARG A . n 
A 1 89  PHE 89  89  89  PHE PHE A . n 
A 1 90  ASN 90  90  90  ASN ASN A . n 
A 1 91  LEU 91  91  91  LEU LEU A . n 
A 1 92  ARG 92  92  92  ARG ARG A . n 
A 1 93  THR 93  93  93  THR THR A . n 
A 1 94  GLY 94  94  94  GLY GLY A . n 
A 1 95  ASP 95  95  95  ASP ASP A . n 
A 1 96  THR 96  96  96  THR THR A . n 
A 1 97  ILE 97  97  97  ILE ILE A . n 
A 1 98  SER 98  98  98  SER SER A . n 
A 1 99  GLY 99  99  99  GLY GLY A . n 
A 1 100 LYS 100 100 100 LYS LYS A . n 
A 1 101 ILE 101 101 101 ILE ILE A . n 
A 1 102 ARG 102 102 102 ARG ARG A . n 
A 1 103 PRO 103 103 103 PRO PRO A . n 
A 1 104 PRO 104 104 104 PRO PRO A . n 
A 1 105 LYS 105 105 105 LYS LYS A . n 
A 1 106 GLU 106 106 106 GLU GLU A . n 
A 1 107 GLY 107 107 107 GLY GLY A . n 
A 1 108 GLU 108 108 108 GLU GLU A . n 
A 1 109 ARG 109 109 109 ARG ARG A . n 
A 1 110 TYR 110 110 110 TYR TYR A . n 
A 1 111 PHE 111 111 111 PHE PHE A . n 
A 1 112 ALA 112 112 112 ALA ALA A . n 
A 1 113 LEU 113 113 113 LEU LEU A . n 
A 1 114 LEU 114 114 114 LEU LEU A . n 
A 1 115 LYS 115 115 115 LYS LYS A . n 
A 1 116 VAL 116 116 116 VAL VAL A . n 
A 1 117 ASN 117 117 117 ASN ASN A . n 
A 1 118 GLU 118 118 118 GLU GLU A . n 
A 1 119 VAL 119 119 119 VAL VAL A . n 
A 1 120 ASN 120 120 120 ASN ASN A . n 
A 1 121 PHE 121 121 121 PHE PHE A . n 
A 1 122 ASP 122 122 122 ASP ASP A . n 
A 1 123 LYS 123 123 123 LYS LYS A . n 
A 1 124 PRO 124 124 124 PRO PRO A . n 
A 1 125 GLU 125 125 125 GLU GLU A . n 
A 1 126 ASN 126 126 ?   ?   ?   A . n 
A 1 127 ALA 127 127 ?   ?   ?   A . n 
A 1 128 ARG 128 128 ?   ?   ?   A . n 
A 1 129 ASN 129 129 ?   ?   ?   A . n 
A 1 130 LYS 130 130 ?   ?   ?   A . n 
# 
loop_
_pdbx_nonpoly_scheme.asym_id 
_pdbx_nonpoly_scheme.entity_id 
_pdbx_nonpoly_scheme.mon_id 
_pdbx_nonpoly_scheme.ndb_seq_num 
_pdbx_nonpoly_scheme.pdb_seq_num 
_pdbx_nonpoly_scheme.auth_seq_num 
_pdbx_nonpoly_scheme.pdb_mon_id 
_pdbx_nonpoly_scheme.auth_mon_id 
_pdbx_nonpoly_scheme.pdb_strand_id 
_pdbx_nonpoly_scheme.pdb_ins_code 
B 2 HOH 1   1001 1001 HOH HOH A . 
B 2 HOH 2   1002 1002 HOH HOH A . 
B 2 HOH 3   1003 1003 HOH HOH A . 
B 2 HOH 4   1004 1004 HOH HOH A . 
B 2 HOH 5   1005 1005 HOH HOH A . 
B 2 HOH 6   1006 1006 HOH HOH A . 
B 2 HOH 7   1007 1007 HOH HOH A . 
B 2 HOH 8   1008 1008 HOH HOH A . 
B 2 HOH 9   1009 1009 HOH HOH A . 
B 2 HOH 10  1011 1011 HOH HOH A . 
B 2 HOH 11  1012 1012 HOH HOH A . 
B 2 HOH 12  1013 1013 HOH HOH A . 
B 2 HOH 13  1014 1014 HOH HOH A . 
B 2 HOH 14  1015 1015 HOH HOH A . 
B 2 HOH 15  1016 1016 HOH HOH A . 
B 2 HOH 16  1017 1017 HOH HOH A . 
B 2 HOH 17  1018 1018 HOH HOH A . 
B 2 HOH 18  1019 1019 HOH HOH A . 
B 2 HOH 19  1020 1020 HOH HOH A . 
B 2 HOH 20  1021 1021 HOH HOH A . 
B 2 HOH 21  1022 1022 HOH HOH A . 
B 2 HOH 22  1023 1023 HOH HOH A . 
B 2 HOH 23  1024 1024 HOH HOH A . 
B 2 HOH 24  1025 1025 HOH HOH A . 
B 2 HOH 25  1026 1026 HOH HOH A . 
B 2 HOH 26  1030 1030 HOH HOH A . 
B 2 HOH 27  1032 1032 HOH HOH A . 
B 2 HOH 28  1035 1035 HOH HOH A . 
B 2 HOH 29  1036 1036 HOH HOH A . 
B 2 HOH 30  1037 1037 HOH HOH A . 
B 2 HOH 31  1039 1039 HOH HOH A . 
B 2 HOH 32  1042 1042 HOH HOH A . 
B 2 HOH 33  1043 1043 HOH HOH A . 
B 2 HOH 34  1048 1048 HOH HOH A . 
B 2 HOH 35  1049 1049 HOH HOH A . 
B 2 HOH 36  1050 1050 HOH HOH A . 
B 2 HOH 37  1052 1052 HOH HOH A . 
B 2 HOH 38  1053 1053 HOH HOH A . 
B 2 HOH 39  1054 1054 HOH HOH A . 
B 2 HOH 40  1061 1061 HOH HOH A . 
B 2 HOH 41  1064 1064 HOH HOH A . 
B 2 HOH 42  1075 1075 HOH HOH A . 
B 2 HOH 43  1077 1077 HOH HOH A . 
B 2 HOH 44  1079 1079 HOH HOH A . 
B 2 HOH 45  1089 1089 HOH HOH A . 
B 2 HOH 46  1107 1107 HOH HOH A . 
B 2 HOH 47  1120 1120 HOH HOH A . 
B 2 HOH 48  1133 1133 HOH HOH A . 
B 2 HOH 49  1134 1134 HOH HOH A . 
B 2 HOH 50  1150 1150 HOH HOH A . 
B 2 HOH 51  1152 1152 HOH HOH A . 
B 2 HOH 52  2006 2006 HOH HOH A . 
B 2 HOH 53  2008 2008 HOH HOH A . 
B 2 HOH 54  2018 2018 HOH HOH A . 
B 2 HOH 55  2029 2029 HOH HOH A . 
B 2 HOH 56  2045 2045 HOH HOH A . 
B 2 HOH 57  2059 2059 HOH HOH A . 
B 2 HOH 58  2074 2074 HOH HOH A . 
B 2 HOH 59  2096 2096 HOH HOH A . 
B 2 HOH 60  2207 2207 HOH HOH A . 
B 2 HOH 61  3002 3002 HOH HOH A . 
B 2 HOH 62  3004 3004 HOH HOH A . 
B 2 HOH 63  3006 3006 HOH HOH A . 
B 2 HOH 64  3008 3008 HOH HOH A . 
B 2 HOH 65  3011 3011 HOH HOH A . 
B 2 HOH 66  3012 3012 HOH HOH A . 
B 2 HOH 67  3013 3013 HOH HOH A . 
B 2 HOH 68  3016 3016 HOH HOH A . 
B 2 HOH 69  3022 3022 HOH HOH A . 
B 2 HOH 70  3037 3037 HOH HOH A . 
B 2 HOH 71  3044 3044 HOH HOH A . 
B 2 HOH 72  3053 3053 HOH HOH A . 
B 2 HOH 73  3177 3177 HOH HOH A . 
B 2 HOH 74  3203 3203 HOH HOH A . 
B 2 HOH 75  4001 4001 HOH HOH A . 
B 2 HOH 76  4015 4015 HOH HOH A . 
B 2 HOH 77  4023 4023 HOH HOH A . 
B 2 HOH 78  4025 4025 HOH HOH A . 
B 2 HOH 79  4034 4034 HOH HOH A . 
B 2 HOH 80  4035 4035 HOH HOH A . 
B 2 HOH 81  4038 4038 HOH HOH A . 
B 2 HOH 82  4039 4039 HOH HOH A . 
B 2 HOH 83  4040 4040 HOH HOH A . 
B 2 HOH 84  4047 4047 HOH HOH A . 
B 2 HOH 85  4055 4055 HOH HOH A . 
B 2 HOH 86  4061 4061 HOH HOH A . 
B 2 HOH 87  4066 4066 HOH HOH A . 
B 2 HOH 88  4072 4072 HOH HOH A . 
B 2 HOH 89  4079 4079 HOH HOH A . 
B 2 HOH 90  4102 4102 HOH HOH A . 
B 2 HOH 91  4111 4111 HOH HOH A . 
B 2 HOH 92  4119 4119 HOH HOH A . 
B 2 HOH 93  4124 4124 HOH HOH A . 
B 2 HOH 94  4191 4191 HOH HOH A . 
B 2 HOH 95  5002 5002 HOH HOH A . 
B 2 HOH 96  5007 5007 HOH HOH A . 
B 2 HOH 97  5009 5009 HOH HOH A . 
B 2 HOH 98  5010 5010 HOH HOH A . 
B 2 HOH 99  5012 5012 HOH HOH A . 
B 2 HOH 100 5013 5013 HOH HOH A . 
B 2 HOH 101 5015 5015 HOH HOH A . 
B 2 HOH 102 5018 5018 HOH HOH A . 
B 2 HOH 103 5020 5020 HOH HOH A . 
B 2 HOH 104 5024 5024 HOH HOH A . 
B 2 HOH 105 5029 5029 HOH HOH A . 
B 2 HOH 106 5033 5033 HOH HOH A . 
B 2 HOH 107 5034 5034 HOH HOH A . 
B 2 HOH 108 5038 5038 HOH HOH A . 
B 2 HOH 109 5044 5044 HOH HOH A . 
B 2 HOH 110 5058 5058 HOH HOH A . 
B 2 HOH 111 5061 5061 HOH HOH A . 
B 2 HOH 112 5063 5063 HOH HOH A . 
B 2 HOH 113 5084 5084 HOH HOH A . 
B 2 HOH 114 5093 5093 HOH HOH A . 
B 2 HOH 115 5094 5094 HOH HOH A . 
# 
loop_
_software.name 
_software.classification 
_software.version 
_software.citation_id 
_software.pdbx_ordinal 
X-PLOR    'model building' . ? 1 
X-PLOR    refinement       . ? 2 
DENZO     'data reduction' . ? 3 
SCALEPACK 'data scaling'   . ? 4 
X-PLOR    phasing          . ? 5 
# 
_cell.entry_id           1A62 
_cell.length_a           25.950 
_cell.length_b           56.010 
_cell.length_c           42.920 
_cell.angle_alpha        90.00 
_cell.angle_beta         99.35 
_cell.angle_gamma        90.00 
_cell.Z_PDB              2 
_cell.pdbx_unique_axis   ? 
# 
_symmetry.entry_id                         1A62 
_symmetry.space_group_name_H-M             'P 1 21 1' 
_symmetry.pdbx_full_space_group_name_H-M   ? 
_symmetry.cell_setting                     ? 
_symmetry.Int_Tables_number                4 
# 
_exptl.entry_id          1A62 
_exptl.method            'X-RAY DIFFRACTION' 
_exptl.crystals_number   4 
# 
_exptl_crystal.id                    1 
_exptl_crystal.density_meas          ? 
_exptl_crystal.density_Matthews      2.08 
_exptl_crystal.density_percent_sol   33. 
_exptl_crystal.description           ? 
# 
_exptl_crystal_grow.crystal_id      1 
_exptl_crystal_grow.method          ? 
_exptl_crystal_grow.temp            ? 
_exptl_crystal_grow.temp_details    ? 
_exptl_crystal_grow.pH              7.0 
_exptl_crystal_grow.pdbx_pH_range   ? 
_exptl_crystal_grow.pdbx_details    'pH 7.0' 
# 
_diffrn.id                     1 
_diffrn.ambient_temp           100 
_diffrn.ambient_temp_details   ? 
_diffrn.crystal_id             1 
# 
_diffrn_detector.diffrn_id              1 
_diffrn_detector.detector               'IMAGE PLATE' 
_diffrn_detector.type                   FUJI 
_diffrn_detector.pdbx_collection_date   1997-05 
_diffrn_detector.details                MIRROR 
# 
_diffrn_radiation.diffrn_id                        1 
_diffrn_radiation.wavelength_id                    1 
_diffrn_radiation.pdbx_monochromatic_or_laue_m_l   M 
_diffrn_radiation.monochromator                    'SI(111)' 
_diffrn_radiation.pdbx_diffrn_protocol             ? 
_diffrn_radiation.pdbx_scattering_type             x-ray 
# 
loop_
_diffrn_radiation_wavelength.id 
_diffrn_radiation_wavelength.wavelength 
_diffrn_radiation_wavelength.wt 
1 0.969 1.0 
2 0.978 1.0 
3 0.979 1.0 
4 0.984 1.0 
# 
_diffrn_source.diffrn_id                   1 
_diffrn_source.source                      SYNCHROTRON 
_diffrn_source.type                        'NSLS BEAMLINE X4A' 
_diffrn_source.pdbx_synchrotron_site       NSLS 
_diffrn_source.pdbx_synchrotron_beamline   X4A 
_diffrn_source.pdbx_wavelength             ? 
_diffrn_source.pdbx_wavelength_list        '0.969, 0.978, 0.979, 0.984' 
# 
_reflns.entry_id                     1A62 
_reflns.observed_criterion_sigma_I   0.01 
_reflns.observed_criterion_sigma_F   ? 
_reflns.d_resolution_low             30. 
_reflns.d_resolution_high            1.55 
_reflns.number_obs                   16360 
_reflns.number_all                   ? 
_reflns.percent_possible_obs         92. 
_reflns.pdbx_Rmerge_I_obs            0.0680000 
_reflns.pdbx_Rsym_value              0.0400000 
_reflns.pdbx_netI_over_sigmaI        22. 
_reflns.B_iso_Wilson_estimate        ? 
_reflns.pdbx_redundancy              6.0 
_reflns.pdbx_diffrn_id               1 
_reflns.pdbx_ordinal                 1 
# 
_reflns_shell.d_res_high             1.55 
_reflns_shell.d_res_low              1.61 
_reflns_shell.percent_possible_all   67. 
_reflns_shell.Rmerge_I_obs           0.2700000 
_reflns_shell.pdbx_Rsym_value        0.2600000 
_reflns_shell.meanI_over_sigI_obs    5.2 
_reflns_shell.pdbx_redundancy        5. 
_reflns_shell.pdbx_diffrn_id         ? 
_reflns_shell.pdbx_ordinal           1 
# 
_refine.entry_id                                 1A62 
_refine.ls_number_reflns_obs                     16360 
_refine.ls_number_reflns_all                     ? 
_refine.pdbx_ls_sigma_I                          ? 
_refine.pdbx_ls_sigma_F                          0.01 
_refine.pdbx_data_cutoff_high_absF               ? 
_refine.pdbx_data_cutoff_low_absF                ? 
_refine.pdbx_data_cutoff_high_rms_absF           ? 
_refine.ls_d_res_low                             30. 
_refine.ls_d_res_high                            1.55 
_refine.ls_percent_reflns_obs                    92. 
_refine.ls_R_factor_obs                          0.2160000 
_refine.ls_R_factor_all                          ? 
_refine.ls_R_factor_R_work                       0.2160000 
_refine.ls_R_factor_R_free                       0.2500000 
_refine.ls_R_factor_R_free_error                 ? 
_refine.ls_R_factor_R_free_error_details         ? 
_refine.ls_percent_reflns_R_free                 10. 
_refine.ls_number_reflns_R_free                  1636 
_refine.ls_number_parameters                     ? 
_refine.ls_number_restraints                     ? 
_refine.occupancy_min                            ? 
_refine.occupancy_max                            ? 
_refine.B_iso_mean                               21.1 
_refine.aniso_B[1][1]                            ? 
_refine.aniso_B[2][2]                            ? 
_refine.aniso_B[3][3]                            ? 
_refine.aniso_B[1][2]                            ? 
_refine.aniso_B[1][3]                            ? 
_refine.aniso_B[2][3]                            ? 
_refine.solvent_model_details                    ? 
_refine.solvent_model_param_ksol                 ? 
_refine.solvent_model_param_bsol                 ? 
_refine.pdbx_ls_cross_valid_method               THROUGHOUT 
_refine.details                                  ? 
_refine.pdbx_starting_model                      ? 
_refine.pdbx_method_to_determine_struct          MAD 
_refine.pdbx_isotropic_thermal_model             RESTRAINED 
_refine.pdbx_stereochemistry_target_values       ? 
_refine.pdbx_stereochem_target_val_spec_case     ? 
_refine.pdbx_R_Free_selection_details            RANDOM 
_refine.pdbx_overall_ESU_R                       ? 
_refine.pdbx_overall_ESU_R_Free                  ? 
_refine.overall_SU_ML                            ? 
_refine.overall_SU_B                             ? 
_refine.pdbx_refine_id                           'X-RAY DIFFRACTION' 
_refine.pdbx_diffrn_id                           1 
_refine.pdbx_TLS_residual_ADP_flag               ? 
_refine.correlation_coeff_Fo_to_Fc               ? 
_refine.correlation_coeff_Fo_to_Fc_free          ? 
_refine.pdbx_solvent_vdw_probe_radii             ? 
_refine.pdbx_solvent_ion_probe_radii             ? 
_refine.pdbx_solvent_shrinkage_radii             ? 
_refine.pdbx_overall_phase_error                 ? 
_refine.overall_SU_R_Cruickshank_DPI             ? 
_refine.pdbx_overall_SU_R_free_Cruickshank_DPI   ? 
_refine.pdbx_overall_SU_R_Blow_DPI               ? 
_refine.pdbx_overall_SU_R_free_Blow_DPI          ? 
# 
_refine_hist.pdbx_refine_id                   'X-RAY DIFFRACTION' 
_refine_hist.cycle_id                         LAST 
_refine_hist.pdbx_number_atoms_protein        988 
_refine_hist.pdbx_number_atoms_nucleic_acid   0 
_refine_hist.pdbx_number_atoms_ligand         0 
_refine_hist.number_atoms_solvent             115 
_refine_hist.number_atoms_total               1103 
_refine_hist.d_res_high                       1.55 
_refine_hist.d_res_low                        30. 
# 
loop_
_refine_ls_restr.type 
_refine_ls_restr.dev_ideal 
_refine_ls_restr.dev_ideal_target 
_refine_ls_restr.weight 
_refine_ls_restr.number 
_refine_ls_restr.pdbx_refine_id 
_refine_ls_restr.pdbx_restraint_function 
x_bond_d                0.011 ? ? ? 'X-RAY DIFFRACTION' ? 
x_bond_d_na             ?     ? ? ? 'X-RAY DIFFRACTION' ? 
x_bond_d_prot           ?     ? ? ? 'X-RAY DIFFRACTION' ? 
x_angle_d               ?     ? ? ? 'X-RAY DIFFRACTION' ? 
x_angle_d_na            ?     ? ? ? 'X-RAY DIFFRACTION' ? 
x_angle_d_prot          ?     ? ? ? 'X-RAY DIFFRACTION' ? 
x_angle_deg             1.32  ? ? ? 'X-RAY DIFFRACTION' ? 
x_angle_deg_na          ?     ? ? ? 'X-RAY DIFFRACTION' ? 
x_angle_deg_prot        ?     ? ? ? 'X-RAY DIFFRACTION' ? 
x_dihedral_angle_d      ?     ? ? ? 'X-RAY DIFFRACTION' ? 
x_dihedral_angle_d_na   ?     ? ? ? 'X-RAY DIFFRACTION' ? 
x_dihedral_angle_d_prot ?     ? ? ? 'X-RAY DIFFRACTION' ? 
x_improper_angle_d      ?     ? ? ? 'X-RAY DIFFRACTION' ? 
x_improper_angle_d_na   ?     ? ? ? 'X-RAY DIFFRACTION' ? 
x_improper_angle_d_prot ?     ? ? ? 'X-RAY DIFFRACTION' ? 
x_mcbond_it             ?     ? ? ? 'X-RAY DIFFRACTION' ? 
x_mcangle_it            ?     ? ? ? 'X-RAY DIFFRACTION' ? 
x_scbond_it             ?     ? ? ? 'X-RAY DIFFRACTION' ? 
x_scangle_it            ?     ? ? ? 'X-RAY DIFFRACTION' ? 
# 
loop_
_pdbx_xplor_file.serial_no 
_pdbx_xplor_file.param_file 
_pdbx_xplor_file.topol_file 
_pdbx_xplor_file.pdbx_refine_id 
1 PARAM19X.PRO TOPH19X.PRO 'X-RAY DIFFRACTION' 
2 ?            ?           'X-RAY DIFFRACTION' 
# 
_struct.entry_id                  1A62 
_struct.title                     'CRYSTAL STRUCTURE OF THE RNA-BINDING DOMAIN OF THE TRANSCRIPTIONAL TERMINATOR PROTEIN RHO' 
_struct.pdbx_model_details        ? 
_struct.pdbx_CASP_flag            ? 
_struct.pdbx_model_type_details   ? 
# 
_struct_keywords.entry_id        1A62 
_struct_keywords.pdbx_keywords   'TRANSCRIPTION TERMINATION' 
_struct_keywords.text            
'TRANSCRIPTION TERMINATION, TERMINATION, RNA BINDING DOMAIN, TRANSCRIPTION REGULATION, OB FOLD, F1-ATPASE' 
# 
loop_
_struct_asym.id 
_struct_asym.pdbx_blank_PDB_chainid_flag 
_struct_asym.pdbx_modified 
_struct_asym.entity_id 
_struct_asym.details 
A N N 1 ? 
B N N 2 ? 
# 
_struct_ref.id                         1 
_struct_ref.db_name                    UNP 
_struct_ref.db_code                    RHO_ECOLI 
_struct_ref.entity_id                  1 
_struct_ref.pdbx_db_accession          P03002 
_struct_ref.pdbx_align_begin           1 
_struct_ref.pdbx_seq_one_letter_code   
;MNLTELKNTPVSELITLGENMGLENLARMRKQDIIFAILKQHAKSGEDIFGDGVLEILQDGFGFLRSADSSYLAGPDDIY
VSPSQIRRFNLRTGDTISGKIRPPKEGERYFALLKVNEVNFDKPENARNKILFENLTPLHANSRLRMERGNGSTEDLTAR
VLDLASPIGRGQRGLIVAPPKAGKTMLLQNIAQSIAYNHPDCVLMVLLIDERPEEVTEMQRLVKGEVVASTFDEPASRHV
QVAEMVIEKAKRLVEHKKDVIILLDSITRLARAYNTVVPASGKVLTGGVDANALHRPKRFFGAARNVEEGGSLTIIATAL
IDTGSKMDEVIYEEFKGTGNMELHLSRKIAEKRVFPAIDYNRSGTRKEELLTTQEELQKMWILRKIIHPMGEIDAMEFLI
NKLAMTKTNDDFFEMMKRS
;
_struct_ref.pdbx_db_isoform            ? 
# 
_struct_ref_seq.align_id                      1 
_struct_ref_seq.ref_id                        1 
_struct_ref_seq.pdbx_PDB_id_code              1A62 
_struct_ref_seq.pdbx_strand_id                A 
_struct_ref_seq.seq_align_beg                 2 
_struct_ref_seq.pdbx_seq_align_beg_ins_code   ? 
_struct_ref_seq.seq_align_end                 130 
_struct_ref_seq.pdbx_seq_align_end_ins_code   ? 
_struct_ref_seq.pdbx_db_accession             P03002 
_struct_ref_seq.db_align_beg                  2 
_struct_ref_seq.pdbx_db_align_beg_ins_code    ? 
_struct_ref_seq.db_align_end                  130 
_struct_ref_seq.pdbx_db_align_end_ins_code    ? 
_struct_ref_seq.pdbx_auth_seq_align_beg       2 
_struct_ref_seq.pdbx_auth_seq_align_end       130 
# 
loop_
_struct_ref_seq_dif.align_id 
_struct_ref_seq_dif.pdbx_pdb_id_code 
_struct_ref_seq_dif.mon_id 
_struct_ref_seq_dif.pdbx_pdb_strand_id 
_struct_ref_seq_dif.seq_num 
_struct_ref_seq_dif.pdbx_pdb_ins_code 
_struct_ref_seq_dif.pdbx_seq_db_name 
_struct_ref_seq_dif.pdbx_seq_db_accession_code 
_struct_ref_seq_dif.db_mon_id 
_struct_ref_seq_dif.pdbx_seq_db_seq_num 
_struct_ref_seq_dif.details 
_struct_ref_seq_dif.pdbx_auth_seq_num 
_struct_ref_seq_dif.pdbx_ordinal 
1 1A62 MSE A 21 ? UNP P03002 MET 21 'modified residue' 21 1 
1 1A62 MSE A 29 ? UNP P03002 MET 29 'modified residue' 29 2 
# 
_pdbx_struct_assembly.id                   1 
_pdbx_struct_assembly.details              author_defined_assembly 
_pdbx_struct_assembly.method_details       ? 
_pdbx_struct_assembly.oligomeric_details   monomeric 
_pdbx_struct_assembly.oligomeric_count     1 
# 
_pdbx_struct_assembly_gen.assembly_id       1 
_pdbx_struct_assembly_gen.oper_expression   1 
_pdbx_struct_assembly_gen.asym_id_list      A,B 
# 
_pdbx_struct_oper_list.id                   1 
_pdbx_struct_oper_list.type                 'identity operation' 
_pdbx_struct_oper_list.name                 1_555 
_pdbx_struct_oper_list.symmetry_operation   x,y,z 
_pdbx_struct_oper_list.matrix[1][1]         1.0000000000 
_pdbx_struct_oper_list.matrix[1][2]         0.0000000000 
_pdbx_struct_oper_list.matrix[1][3]         0.0000000000 
_pdbx_struct_oper_list.vector[1]            0.0000000000 
_pdbx_struct_oper_list.matrix[2][1]         0.0000000000 
_pdbx_struct_oper_list.matrix[2][2]         1.0000000000 
_pdbx_struct_oper_list.matrix[2][3]         0.0000000000 
_pdbx_struct_oper_list.vector[2]            0.0000000000 
_pdbx_struct_oper_list.matrix[3][1]         0.0000000000 
_pdbx_struct_oper_list.matrix[3][2]         0.0000000000 
_pdbx_struct_oper_list.matrix[3][3]         1.0000000000 
_pdbx_struct_oper_list.vector[3]            0.0000000000 
# 
_struct_biol.id   1 
# 
loop_
_struct_conf.conf_type_id 
_struct_conf.id 
_struct_conf.pdbx_PDB_helix_id 
_struct_conf.beg_label_comp_id 
_struct_conf.beg_label_asym_id 
_struct_conf.beg_label_seq_id 
_struct_conf.pdbx_beg_PDB_ins_code 
_struct_conf.end_label_comp_id 
_struct_conf.end_label_asym_id 
_struct_conf.end_label_seq_id 
_struct_conf.pdbx_end_PDB_ins_code 
_struct_conf.beg_auth_comp_id 
_struct_conf.beg_auth_asym_id 
_struct_conf.beg_auth_seq_id 
_struct_conf.end_auth_comp_id 
_struct_conf.end_auth_asym_id 
_struct_conf.end_auth_seq_id 
_struct_conf.pdbx_PDB_helix_class 
_struct_conf.details 
_struct_conf.pdbx_PDB_helix_length 
HELX_P HELX_P1 1 LEU A 3  ? LYS A 7  ? LEU A 3  LYS A 7  1 ? 5  
HELX_P HELX_P2 2 VAL A 11 ? MSE A 21 ? VAL A 11 MSE A 21 1 ? 11 
HELX_P HELX_P3 3 LYS A 31 ? SER A 45 ? LYS A 31 SER A 45 1 ? 15 
HELX_P HELX_P4 4 ALA A 68 ? SER A 70 ? ALA A 68 SER A 70 5 ? 3  
HELX_P HELX_P5 5 PRO A 83 ? ARG A 88 ? PRO A 83 ARG A 88 1 ? 6  
# 
_struct_conf_type.id          HELX_P 
_struct_conf_type.criteria    ? 
_struct_conf_type.reference   ? 
# 
loop_
_struct_conn.id 
_struct_conn.conn_type_id 
_struct_conn.pdbx_leaving_atom_flag 
_struct_conn.pdbx_PDB_id 
_struct_conn.ptnr1_label_asym_id 
_struct_conn.ptnr1_label_comp_id 
_struct_conn.ptnr1_label_seq_id 
_struct_conn.ptnr1_label_atom_id 
_struct_conn.pdbx_ptnr1_label_alt_id 
_struct_conn.pdbx_ptnr1_PDB_ins_code 
_struct_conn.pdbx_ptnr1_standard_comp_id 
_struct_conn.ptnr1_symmetry 
_struct_conn.ptnr2_label_asym_id 
_struct_conn.ptnr2_label_comp_id 
_struct_conn.ptnr2_label_seq_id 
_struct_conn.ptnr2_label_atom_id 
_struct_conn.pdbx_ptnr2_label_alt_id 
_struct_conn.pdbx_ptnr2_PDB_ins_code 
_struct_conn.ptnr1_auth_asym_id 
_struct_conn.ptnr1_auth_comp_id 
_struct_conn.ptnr1_auth_seq_id 
_struct_conn.ptnr2_auth_asym_id 
_struct_conn.ptnr2_auth_comp_id 
_struct_conn.ptnr2_auth_seq_id 
_struct_conn.ptnr2_symmetry 
_struct_conn.pdbx_ptnr3_label_atom_id 
_struct_conn.pdbx_ptnr3_label_seq_id 
_struct_conn.pdbx_ptnr3_label_comp_id 
_struct_conn.pdbx_ptnr3_label_asym_id 
_struct_conn.pdbx_ptnr3_label_alt_id 
_struct_conn.pdbx_ptnr3_PDB_ins_code 
_struct_conn.details 
_struct_conn.pdbx_dist_value 
_struct_conn.pdbx_value_order 
_struct_conn.pdbx_role 
covale1 covale both ? A MSE 1  C ? ? ? 1_555 A ASN 2  N ? ? A MSE 1  A ASN 2  1_555 ? ? ? ? ? ? ? 1.332 ? ? 
covale2 covale both ? A ASN 20 C ? ? ? 1_555 A MSE 21 N ? ? A ASN 20 A MSE 21 1_555 ? ? ? ? ? ? ? 1.338 ? ? 
covale3 covale both ? A MSE 21 C ? ? ? 1_555 A GLY 22 N ? ? A MSE 21 A GLY 22 1_555 ? ? ? ? ? ? ? 1.336 ? ? 
covale4 covale both ? A ARG 28 C ? ? ? 1_555 A MSE 29 N ? ? A ARG 28 A MSE 29 1_555 ? ? ? ? ? ? ? 1.327 ? ? 
covale5 covale both ? A MSE 29 C ? ? ? 1_555 A ARG 30 N ? ? A MSE 29 A ARG 30 1_555 ? ? ? ? ? ? ? 1.328 ? ? 
# 
_struct_conn_type.id          covale 
_struct_conn_type.criteria    ? 
_struct_conn_type.reference   ? 
# 
loop_
_pdbx_modification_feature.ordinal 
_pdbx_modification_feature.label_comp_id 
_pdbx_modification_feature.label_asym_id 
_pdbx_modification_feature.label_seq_id 
_pdbx_modification_feature.label_alt_id 
_pdbx_modification_feature.modified_residue_label_comp_id 
_pdbx_modification_feature.modified_residue_label_asym_id 
_pdbx_modification_feature.modified_residue_label_seq_id 
_pdbx_modification_feature.modified_residue_label_alt_id 
_pdbx_modification_feature.auth_comp_id 
_pdbx_modification_feature.auth_asym_id 
_pdbx_modification_feature.auth_seq_id 
_pdbx_modification_feature.PDB_ins_code 
_pdbx_modification_feature.symmetry 
_pdbx_modification_feature.modified_residue_auth_comp_id 
_pdbx_modification_feature.modified_residue_auth_asym_id 
_pdbx_modification_feature.modified_residue_auth_seq_id 
_pdbx_modification_feature.modified_residue_PDB_ins_code 
_pdbx_modification_feature.modified_residue_symmetry 
_pdbx_modification_feature.comp_id_linking_atom 
_pdbx_modification_feature.modified_residue_id_linking_atom 
_pdbx_modification_feature.modified_residue_id 
_pdbx_modification_feature.ref_pcm_id 
_pdbx_modification_feature.ref_comp_id 
_pdbx_modification_feature.type 
_pdbx_modification_feature.category 
1 MSE A 1  ? . . . . MSE A 1  ? 1_555 . . . . . . . MET 1 MSE Selenomethionine 'Named protein modification' 
2 MSE A 21 ? . . . . MSE A 21 ? 1_555 . . . . . . . MET 1 MSE Selenomethionine 'Named protein modification' 
3 MSE A 29 ? . . . . MSE A 29 ? 1_555 . . . . . . . MET 1 MSE Selenomethionine 'Named protein modification' 
# 
_struct_sheet.id               A 
_struct_sheet.type             ? 
_struct_sheet.number_strands   5 
_struct_sheet.details          ? 
# 
loop_
_struct_sheet_order.sheet_id 
_struct_sheet_order.range_id_1 
_struct_sheet_order.range_id_2 
_struct_sheet_order.offset 
_struct_sheet_order.sense 
A 1 2 ? anti-parallel 
A 2 3 ? anti-parallel 
A 3 4 ? anti-parallel 
A 4 5 ? anti-parallel 
# 
loop_
_struct_sheet_range.sheet_id 
_struct_sheet_range.id 
_struct_sheet_range.beg_label_comp_id 
_struct_sheet_range.beg_label_asym_id 
_struct_sheet_range.beg_label_seq_id 
_struct_sheet_range.pdbx_beg_PDB_ins_code 
_struct_sheet_range.end_label_comp_id 
_struct_sheet_range.end_label_asym_id 
_struct_sheet_range.end_label_seq_id 
_struct_sheet_range.pdbx_end_PDB_ins_code 
_struct_sheet_range.beg_auth_comp_id 
_struct_sheet_range.beg_auth_asym_id 
_struct_sheet_range.beg_auth_seq_id 
_struct_sheet_range.end_auth_comp_id 
_struct_sheet_range.end_auth_asym_id 
_struct_sheet_range.end_auth_seq_id 
A 1 ILE A 79  ? VAL A 81  ? ILE A 79  VAL A 81  
A 2 GLY A 63  ? ARG A 66  ? GLY A 63  ARG A 66  
A 3 ILE A 49  ? ILE A 57  ? ILE A 49  ILE A 57  
A 4 THR A 96  ? ILE A 101 ? THR A 96  ILE A 101 
A 5 LYS A 115 ? VAL A 119 ? LYS A 115 VAL A 119 
# 
loop_
_pdbx_struct_sheet_hbond.sheet_id 
_pdbx_struct_sheet_hbond.range_id_1 
_pdbx_struct_sheet_hbond.range_id_2 
_pdbx_struct_sheet_hbond.range_1_label_atom_id 
_pdbx_struct_sheet_hbond.range_1_label_comp_id 
_pdbx_struct_sheet_hbond.range_1_label_asym_id 
_pdbx_struct_sheet_hbond.range_1_label_seq_id 
_pdbx_struct_sheet_hbond.range_1_PDB_ins_code 
_pdbx_struct_sheet_hbond.range_1_auth_atom_id 
_pdbx_struct_sheet_hbond.range_1_auth_comp_id 
_pdbx_struct_sheet_hbond.range_1_auth_asym_id 
_pdbx_struct_sheet_hbond.range_1_auth_seq_id 
_pdbx_struct_sheet_hbond.range_2_label_atom_id 
_pdbx_struct_sheet_hbond.range_2_label_comp_id 
_pdbx_struct_sheet_hbond.range_2_label_asym_id 
_pdbx_struct_sheet_hbond.range_2_label_seq_id 
_pdbx_struct_sheet_hbond.range_2_PDB_ins_code 
_pdbx_struct_sheet_hbond.range_2_auth_atom_id 
_pdbx_struct_sheet_hbond.range_2_auth_comp_id 
_pdbx_struct_sheet_hbond.range_2_auth_asym_id 
_pdbx_struct_sheet_hbond.range_2_auth_seq_id 
A 1 2 O ILE A 79 ? O ILE A 79 N LEU A 65  ? N LEU A 65  
A 2 3 O PHE A 64 ? O PHE A 64 N GLU A 56  ? N GLU A 56  
A 3 4 O ILE A 49 ? O ILE A 49 N ILE A 101 ? N ILE A 101 
A 4 5 O SER A 98 ? O SER A 98 N GLU A 118 ? N GLU A 118 
# 
_pdbx_entry_details.entry_id                   1A62 
_pdbx_entry_details.compound_details           ? 
_pdbx_entry_details.source_details             ? 
_pdbx_entry_details.nonpolymer_details         ? 
_pdbx_entry_details.sequence_details           ? 
_pdbx_entry_details.has_ligand_of_interest     ? 
_pdbx_entry_details.has_protein_modification   Y 
# 
_pdbx_validate_rmsd_bond.id                        1 
_pdbx_validate_rmsd_bond.PDB_model_num             1 
_pdbx_validate_rmsd_bond.auth_atom_id_1            CG 
_pdbx_validate_rmsd_bond.auth_asym_id_1            A 
_pdbx_validate_rmsd_bond.auth_comp_id_1            MSE 
_pdbx_validate_rmsd_bond.auth_seq_id_1             21 
_pdbx_validate_rmsd_bond.PDB_ins_code_1            ? 
_pdbx_validate_rmsd_bond.label_alt_id_1            ? 
_pdbx_validate_rmsd_bond.auth_atom_id_2            SE 
_pdbx_validate_rmsd_bond.auth_asym_id_2            A 
_pdbx_validate_rmsd_bond.auth_comp_id_2            MSE 
_pdbx_validate_rmsd_bond.auth_seq_id_2             21 
_pdbx_validate_rmsd_bond.PDB_ins_code_2            ? 
_pdbx_validate_rmsd_bond.label_alt_id_2            ? 
_pdbx_validate_rmsd_bond.bond_value                1.698 
_pdbx_validate_rmsd_bond.bond_target_value         1.950 
_pdbx_validate_rmsd_bond.bond_deviation            -0.252 
_pdbx_validate_rmsd_bond.bond_standard_deviation   0.034 
_pdbx_validate_rmsd_bond.linker_flag               N 
# 
loop_
_pdbx_validate_torsion.id 
_pdbx_validate_torsion.PDB_model_num 
_pdbx_validate_torsion.auth_comp_id 
_pdbx_validate_torsion.auth_asym_id 
_pdbx_validate_torsion.auth_seq_id 
_pdbx_validate_torsion.PDB_ins_code 
_pdbx_validate_torsion.label_alt_id 
_pdbx_validate_torsion.phi 
_pdbx_validate_torsion.psi 
1 1 TYR A 72  ? ? 84.52  17.83 
2 1 PHE A 121 ? ? 59.77  15.30 
3 1 PRO A 124 ? ? -54.43 14.21 
# 
loop_
_pdbx_struct_mod_residue.id 
_pdbx_struct_mod_residue.label_asym_id 
_pdbx_struct_mod_residue.label_comp_id 
_pdbx_struct_mod_residue.label_seq_id 
_pdbx_struct_mod_residue.auth_asym_id 
_pdbx_struct_mod_residue.auth_comp_id 
_pdbx_struct_mod_residue.auth_seq_id 
_pdbx_struct_mod_residue.PDB_ins_code 
_pdbx_struct_mod_residue.parent_comp_id 
_pdbx_struct_mod_residue.details 
1 A MSE 1  A MSE 1  ? MET SELENOMETHIONINE 
2 A MSE 21 A MSE 21 ? MET SELENOMETHIONINE 
3 A MSE 29 A MSE 29 ? MET SELENOMETHIONINE 
# 
loop_
_pdbx_unobs_or_zero_occ_residues.id 
_pdbx_unobs_or_zero_occ_residues.PDB_model_num 
_pdbx_unobs_or_zero_occ_residues.polymer_flag 
_pdbx_unobs_or_zero_occ_residues.occupancy_flag 
_pdbx_unobs_or_zero_occ_residues.auth_asym_id 
_pdbx_unobs_or_zero_occ_residues.auth_comp_id 
_pdbx_unobs_or_zero_occ_residues.auth_seq_id 
_pdbx_unobs_or_zero_occ_residues.PDB_ins_code 
_pdbx_unobs_or_zero_occ_residues.label_asym_id 
_pdbx_unobs_or_zero_occ_residues.label_comp_id 
_pdbx_unobs_or_zero_occ_residues.label_seq_id 
1 1 Y 1 A ASN 126 ? A ASN 126 
2 1 Y 1 A ALA 127 ? A ALA 127 
3 1 Y 1 A ARG 128 ? A ARG 128 
4 1 Y 1 A ASN 129 ? A ASN 129 
5 1 Y 1 A LYS 130 ? A LYS 130 
# 
loop_
_chem_comp_atom.comp_id 
_chem_comp_atom.atom_id 
_chem_comp_atom.type_symbol 
_chem_comp_atom.pdbx_aromatic_flag 
_chem_comp_atom.pdbx_stereo_config 
_chem_comp_atom.pdbx_ordinal 
ALA N    N  N N 1   
ALA CA   C  N S 2   
ALA C    C  N N 3   
ALA O    O  N N 4   
ALA CB   C  N N 5   
ALA OXT  O  N N 6   
ALA H    H  N N 7   
ALA H2   H  N N 8   
ALA HA   H  N N 9   
ALA HB1  H  N N 10  
ALA HB2  H  N N 11  
ALA HB3  H  N N 12  
ALA HXT  H  N N 13  
ARG N    N  N N 14  
ARG CA   C  N S 15  
ARG C    C  N N 16  
ARG O    O  N N 17  
ARG CB   C  N N 18  
ARG CG   C  N N 19  
ARG CD   C  N N 20  
ARG NE   N  N N 21  
ARG CZ   C  N N 22  
ARG NH1  N  N N 23  
ARG NH2  N  N N 24  
ARG OXT  O  N N 25  
ARG H    H  N N 26  
ARG H2   H  N N 27  
ARG HA   H  N N 28  
ARG HB2  H  N N 29  
ARG HB3  H  N N 30  
ARG HG2  H  N N 31  
ARG HG3  H  N N 32  
ARG HD2  H  N N 33  
ARG HD3  H  N N 34  
ARG HE   H  N N 35  
ARG HH11 H  N N 36  
ARG HH12 H  N N 37  
ARG HH21 H  N N 38  
ARG HH22 H  N N 39  
ARG HXT  H  N N 40  
ASN N    N  N N 41  
ASN CA   C  N S 42  
ASN C    C  N N 43  
ASN O    O  N N 44  
ASN CB   C  N N 45  
ASN CG   C  N N 46  
ASN OD1  O  N N 47  
ASN ND2  N  N N 48  
ASN OXT  O  N N 49  
ASN H    H  N N 50  
ASN H2   H  N N 51  
ASN HA   H  N N 52  
ASN HB2  H  N N 53  
ASN HB3  H  N N 54  
ASN HD21 H  N N 55  
ASN HD22 H  N N 56  
ASN HXT  H  N N 57  
ASP N    N  N N 58  
ASP CA   C  N S 59  
ASP C    C  N N 60  
ASP O    O  N N 61  
ASP CB   C  N N 62  
ASP CG   C  N N 63  
ASP OD1  O  N N 64  
ASP OD2  O  N N 65  
ASP OXT  O  N N 66  
ASP H    H  N N 67  
ASP H2   H  N N 68  
ASP HA   H  N N 69  
ASP HB2  H  N N 70  
ASP HB3  H  N N 71  
ASP HD2  H  N N 72  
ASP HXT  H  N N 73  
GLN N    N  N N 74  
GLN CA   C  N S 75  
GLN C    C  N N 76  
GLN O    O  N N 77  
GLN CB   C  N N 78  
GLN CG   C  N N 79  
GLN CD   C  N N 80  
GLN OE1  O  N N 81  
GLN NE2  N  N N 82  
GLN OXT  O  N N 83  
GLN H    H  N N 84  
GLN H2   H  N N 85  
GLN HA   H  N N 86  
GLN HB2  H  N N 87  
GLN HB3  H  N N 88  
GLN HG2  H  N N 89  
GLN HG3  H  N N 90  
GLN HE21 H  N N 91  
GLN HE22 H  N N 92  
GLN HXT  H  N N 93  
GLU N    N  N N 94  
GLU CA   C  N S 95  
GLU C    C  N N 96  
GLU O    O  N N 97  
GLU CB   C  N N 98  
GLU CG   C  N N 99  
GLU CD   C  N N 100 
GLU OE1  O  N N 101 
GLU OE2  O  N N 102 
GLU OXT  O  N N 103 
GLU H    H  N N 104 
GLU H2   H  N N 105 
GLU HA   H  N N 106 
GLU HB2  H  N N 107 
GLU HB3  H  N N 108 
GLU HG2  H  N N 109 
GLU HG3  H  N N 110 
GLU HE2  H  N N 111 
GLU HXT  H  N N 112 
GLY N    N  N N 113 
GLY CA   C  N N 114 
GLY C    C  N N 115 
GLY O    O  N N 116 
GLY OXT  O  N N 117 
GLY H    H  N N 118 
GLY H2   H  N N 119 
GLY HA2  H  N N 120 
GLY HA3  H  N N 121 
GLY HXT  H  N N 122 
HIS N    N  N N 123 
HIS CA   C  N S 124 
HIS C    C  N N 125 
HIS O    O  N N 126 
HIS CB   C  N N 127 
HIS CG   C  Y N 128 
HIS ND1  N  Y N 129 
HIS CD2  C  Y N 130 
HIS CE1  C  Y N 131 
HIS NE2  N  Y N 132 
HIS OXT  O  N N 133 
HIS H    H  N N 134 
HIS H2   H  N N 135 
HIS HA   H  N N 136 
HIS HB2  H  N N 137 
HIS HB3  H  N N 138 
HIS HD1  H  N N 139 
HIS HD2  H  N N 140 
HIS HE1  H  N N 141 
HIS HE2  H  N N 142 
HIS HXT  H  N N 143 
HOH O    O  N N 144 
HOH H1   H  N N 145 
HOH H2   H  N N 146 
ILE N    N  N N 147 
ILE CA   C  N S 148 
ILE C    C  N N 149 
ILE O    O  N N 150 
ILE CB   C  N S 151 
ILE CG1  C  N N 152 
ILE CG2  C  N N 153 
ILE CD1  C  N N 154 
ILE OXT  O  N N 155 
ILE H    H  N N 156 
ILE H2   H  N N 157 
ILE HA   H  N N 158 
ILE HB   H  N N 159 
ILE HG12 H  N N 160 
ILE HG13 H  N N 161 
ILE HG21 H  N N 162 
ILE HG22 H  N N 163 
ILE HG23 H  N N 164 
ILE HD11 H  N N 165 
ILE HD12 H  N N 166 
ILE HD13 H  N N 167 
ILE HXT  H  N N 168 
LEU N    N  N N 169 
LEU CA   C  N S 170 
LEU C    C  N N 171 
LEU O    O  N N 172 
LEU CB   C  N N 173 
LEU CG   C  N N 174 
LEU CD1  C  N N 175 
LEU CD2  C  N N 176 
LEU OXT  O  N N 177 
LEU H    H  N N 178 
LEU H2   H  N N 179 
LEU HA   H  N N 180 
LEU HB2  H  N N 181 
LEU HB3  H  N N 182 
LEU HG   H  N N 183 
LEU HD11 H  N N 184 
LEU HD12 H  N N 185 
LEU HD13 H  N N 186 
LEU HD21 H  N N 187 
LEU HD22 H  N N 188 
LEU HD23 H  N N 189 
LEU HXT  H  N N 190 
LYS N    N  N N 191 
LYS CA   C  N S 192 
LYS C    C  N N 193 
LYS O    O  N N 194 
LYS CB   C  N N 195 
LYS CG   C  N N 196 
LYS CD   C  N N 197 
LYS CE   C  N N 198 
LYS NZ   N  N N 199 
LYS OXT  O  N N 200 
LYS H    H  N N 201 
LYS H2   H  N N 202 
LYS HA   H  N N 203 
LYS HB2  H  N N 204 
LYS HB3  H  N N 205 
LYS HG2  H  N N 206 
LYS HG3  H  N N 207 
LYS HD2  H  N N 208 
LYS HD3  H  N N 209 
LYS HE2  H  N N 210 
LYS HE3  H  N N 211 
LYS HZ1  H  N N 212 
LYS HZ2  H  N N 213 
LYS HZ3  H  N N 214 
LYS HXT  H  N N 215 
MET N    N  N N 216 
MET CA   C  N S 217 
MET C    C  N N 218 
MET O    O  N N 219 
MET CB   C  N N 220 
MET CG   C  N N 221 
MET SD   S  N N 222 
MET CE   C  N N 223 
MET OXT  O  N N 224 
MET H    H  N N 225 
MET H2   H  N N 226 
MET HA   H  N N 227 
MET HB2  H  N N 228 
MET HB3  H  N N 229 
MET HG2  H  N N 230 
MET HG3  H  N N 231 
MET HE1  H  N N 232 
MET HE2  H  N N 233 
MET HE3  H  N N 234 
MET HXT  H  N N 235 
MSE N    N  N N 236 
MSE CA   C  N S 237 
MSE C    C  N N 238 
MSE O    O  N N 239 
MSE OXT  O  N N 240 
MSE CB   C  N N 241 
MSE CG   C  N N 242 
MSE SE   SE N N 243 
MSE CE   C  N N 244 
MSE H    H  N N 245 
MSE H2   H  N N 246 
MSE HA   H  N N 247 
MSE HXT  H  N N 248 
MSE HB2  H  N N 249 
MSE HB3  H  N N 250 
MSE HG2  H  N N 251 
MSE HG3  H  N N 252 
MSE HE1  H  N N 253 
MSE HE2  H  N N 254 
MSE HE3  H  N N 255 
PHE N    N  N N 256 
PHE CA   C  N S 257 
PHE C    C  N N 258 
PHE O    O  N N 259 
PHE CB   C  N N 260 
PHE CG   C  Y N 261 
PHE CD1  C  Y N 262 
PHE CD2  C  Y N 263 
PHE CE1  C  Y N 264 
PHE CE2  C  Y N 265 
PHE CZ   C  Y N 266 
PHE OXT  O  N N 267 
PHE H    H  N N 268 
PHE H2   H  N N 269 
PHE HA   H  N N 270 
PHE HB2  H  N N 271 
PHE HB3  H  N N 272 
PHE HD1  H  N N 273 
PHE HD2  H  N N 274 
PHE HE1  H  N N 275 
PHE HE2  H  N N 276 
PHE HZ   H  N N 277 
PHE HXT  H  N N 278 
PRO N    N  N N 279 
PRO CA   C  N S 280 
PRO C    C  N N 281 
PRO O    O  N N 282 
PRO CB   C  N N 283 
PRO CG   C  N N 284 
PRO CD   C  N N 285 
PRO OXT  O  N N 286 
PRO H    H  N N 287 
PRO HA   H  N N 288 
PRO HB2  H  N N 289 
PRO HB3  H  N N 290 
PRO HG2  H  N N 291 
PRO HG3  H  N N 292 
PRO HD2  H  N N 293 
PRO HD3  H  N N 294 
PRO HXT  H  N N 295 
SER N    N  N N 296 
SER CA   C  N S 297 
SER C    C  N N 298 
SER O    O  N N 299 
SER CB   C  N N 300 
SER OG   O  N N 301 
SER OXT  O  N N 302 
SER H    H  N N 303 
SER H2   H  N N 304 
SER HA   H  N N 305 
SER HB2  H  N N 306 
SER HB3  H  N N 307 
SER HG   H  N N 308 
SER HXT  H  N N 309 
THR N    N  N N 310 
THR CA   C  N S 311 
THR C    C  N N 312 
THR O    O  N N 313 
THR CB   C  N R 314 
THR OG1  O  N N 315 
THR CG2  C  N N 316 
THR OXT  O  N N 317 
THR H    H  N N 318 
THR H2   H  N N 319 
THR HA   H  N N 320 
THR HB   H  N N 321 
THR HG1  H  N N 322 
THR HG21 H  N N 323 
THR HG22 H  N N 324 
THR HG23 H  N N 325 
THR HXT  H  N N 326 
TYR N    N  N N 327 
TYR CA   C  N S 328 
TYR C    C  N N 329 
TYR O    O  N N 330 
TYR CB   C  N N 331 
TYR CG   C  Y N 332 
TYR CD1  C  Y N 333 
TYR CD2  C  Y N 334 
TYR CE1  C  Y N 335 
TYR CE2  C  Y N 336 
TYR CZ   C  Y N 337 
TYR OH   O  N N 338 
TYR OXT  O  N N 339 
TYR H    H  N N 340 
TYR H2   H  N N 341 
TYR HA   H  N N 342 
TYR HB2  H  N N 343 
TYR HB3  H  N N 344 
TYR HD1  H  N N 345 
TYR HD2  H  N N 346 
TYR HE1  H  N N 347 
TYR HE2  H  N N 348 
TYR HH   H  N N 349 
TYR HXT  H  N N 350 
VAL N    N  N N 351 
VAL CA   C  N S 352 
VAL C    C  N N 353 
VAL O    O  N N 354 
VAL CB   C  N N 355 
VAL CG1  C  N N 356 
VAL CG2  C  N N 357 
VAL OXT  O  N N 358 
VAL H    H  N N 359 
VAL H2   H  N N 360 
VAL HA   H  N N 361 
VAL HB   H  N N 362 
VAL HG11 H  N N 363 
VAL HG12 H  N N 364 
VAL HG13 H  N N 365 
VAL HG21 H  N N 366 
VAL HG22 H  N N 367 
VAL HG23 H  N N 368 
VAL HXT  H  N N 369 
# 
loop_
_chem_comp_bond.comp_id 
_chem_comp_bond.atom_id_1 
_chem_comp_bond.atom_id_2 
_chem_comp_bond.value_order 
_chem_comp_bond.pdbx_aromatic_flag 
_chem_comp_bond.pdbx_stereo_config 
_chem_comp_bond.pdbx_ordinal 
ALA N   CA   sing N N 1   
ALA N   H    sing N N 2   
ALA N   H2   sing N N 3   
ALA CA  C    sing N N 4   
ALA CA  CB   sing N N 5   
ALA CA  HA   sing N N 6   
ALA C   O    doub N N 7   
ALA C   OXT  sing N N 8   
ALA CB  HB1  sing N N 9   
ALA CB  HB2  sing N N 10  
ALA CB  HB3  sing N N 11  
ALA OXT HXT  sing N N 12  
ARG N   CA   sing N N 13  
ARG N   H    sing N N 14  
ARG N   H2   sing N N 15  
ARG CA  C    sing N N 16  
ARG CA  CB   sing N N 17  
ARG CA  HA   sing N N 18  
ARG C   O    doub N N 19  
ARG C   OXT  sing N N 20  
ARG CB  CG   sing N N 21  
ARG CB  HB2  sing N N 22  
ARG CB  HB3  sing N N 23  
ARG CG  CD   sing N N 24  
ARG CG  HG2  sing N N 25  
ARG CG  HG3  sing N N 26  
ARG CD  NE   sing N N 27  
ARG CD  HD2  sing N N 28  
ARG CD  HD3  sing N N 29  
ARG NE  CZ   sing N N 30  
ARG NE  HE   sing N N 31  
ARG CZ  NH1  sing N N 32  
ARG CZ  NH2  doub N N 33  
ARG NH1 HH11 sing N N 34  
ARG NH1 HH12 sing N N 35  
ARG NH2 HH21 sing N N 36  
ARG NH2 HH22 sing N N 37  
ARG OXT HXT  sing N N 38  
ASN N   CA   sing N N 39  
ASN N   H    sing N N 40  
ASN N   H2   sing N N 41  
ASN CA  C    sing N N 42  
ASN CA  CB   sing N N 43  
ASN CA  HA   sing N N 44  
ASN C   O    doub N N 45  
ASN C   OXT  sing N N 46  
ASN CB  CG   sing N N 47  
ASN CB  HB2  sing N N 48  
ASN CB  HB3  sing N N 49  
ASN CG  OD1  doub N N 50  
ASN CG  ND2  sing N N 51  
ASN ND2 HD21 sing N N 52  
ASN ND2 HD22 sing N N 53  
ASN OXT HXT  sing N N 54  
ASP N   CA   sing N N 55  
ASP N   H    sing N N 56  
ASP N   H2   sing N N 57  
ASP CA  C    sing N N 58  
ASP CA  CB   sing N N 59  
ASP CA  HA   sing N N 60  
ASP C   O    doub N N 61  
ASP C   OXT  sing N N 62  
ASP CB  CG   sing N N 63  
ASP CB  HB2  sing N N 64  
ASP CB  HB3  sing N N 65  
ASP CG  OD1  doub N N 66  
ASP CG  OD2  sing N N 67  
ASP OD2 HD2  sing N N 68  
ASP OXT HXT  sing N N 69  
GLN N   CA   sing N N 70  
GLN N   H    sing N N 71  
GLN N   H2   sing N N 72  
GLN CA  C    sing N N 73  
GLN CA  CB   sing N N 74  
GLN CA  HA   sing N N 75  
GLN C   O    doub N N 76  
GLN C   OXT  sing N N 77  
GLN CB  CG   sing N N 78  
GLN CB  HB2  sing N N 79  
GLN CB  HB3  sing N N 80  
GLN CG  CD   sing N N 81  
GLN CG  HG2  sing N N 82  
GLN CG  HG3  sing N N 83  
GLN CD  OE1  doub N N 84  
GLN CD  NE2  sing N N 85  
GLN NE2 HE21 sing N N 86  
GLN NE2 HE22 sing N N 87  
GLN OXT HXT  sing N N 88  
GLU N   CA   sing N N 89  
GLU N   H    sing N N 90  
GLU N   H2   sing N N 91  
GLU CA  C    sing N N 92  
GLU CA  CB   sing N N 93  
GLU CA  HA   sing N N 94  
GLU C   O    doub N N 95  
GLU C   OXT  sing N N 96  
GLU CB  CG   sing N N 97  
GLU CB  HB2  sing N N 98  
GLU CB  HB3  sing N N 99  
GLU CG  CD   sing N N 100 
GLU CG  HG2  sing N N 101 
GLU CG  HG3  sing N N 102 
GLU CD  OE1  doub N N 103 
GLU CD  OE2  sing N N 104 
GLU OE2 HE2  sing N N 105 
GLU OXT HXT  sing N N 106 
GLY N   CA   sing N N 107 
GLY N   H    sing N N 108 
GLY N   H2   sing N N 109 
GLY CA  C    sing N N 110 
GLY CA  HA2  sing N N 111 
GLY CA  HA3  sing N N 112 
GLY C   O    doub N N 113 
GLY C   OXT  sing N N 114 
GLY OXT HXT  sing N N 115 
HIS N   CA   sing N N 116 
HIS N   H    sing N N 117 
HIS N   H2   sing N N 118 
HIS CA  C    sing N N 119 
HIS CA  CB   sing N N 120 
HIS CA  HA   sing N N 121 
HIS C   O    doub N N 122 
HIS C   OXT  sing N N 123 
HIS CB  CG   sing N N 124 
HIS CB  HB2  sing N N 125 
HIS CB  HB3  sing N N 126 
HIS CG  ND1  sing Y N 127 
HIS CG  CD2  doub Y N 128 
HIS ND1 CE1  doub Y N 129 
HIS ND1 HD1  sing N N 130 
HIS CD2 NE2  sing Y N 131 
HIS CD2 HD2  sing N N 132 
HIS CE1 NE2  sing Y N 133 
HIS CE1 HE1  sing N N 134 
HIS NE2 HE2  sing N N 135 
HIS OXT HXT  sing N N 136 
HOH O   H1   sing N N 137 
HOH O   H2   sing N N 138 
ILE N   CA   sing N N 139 
ILE N   H    sing N N 140 
ILE N   H2   sing N N 141 
ILE CA  C    sing N N 142 
ILE CA  CB   sing N N 143 
ILE CA  HA   sing N N 144 
ILE C   O    doub N N 145 
ILE C   OXT  sing N N 146 
ILE CB  CG1  sing N N 147 
ILE CB  CG2  sing N N 148 
ILE CB  HB   sing N N 149 
ILE CG1 CD1  sing N N 150 
ILE CG1 HG12 sing N N 151 
ILE CG1 HG13 sing N N 152 
ILE CG2 HG21 sing N N 153 
ILE CG2 HG22 sing N N 154 
ILE CG2 HG23 sing N N 155 
ILE CD1 HD11 sing N N 156 
ILE CD1 HD12 sing N N 157 
ILE CD1 HD13 sing N N 158 
ILE OXT HXT  sing N N 159 
LEU N   CA   sing N N 160 
LEU N   H    sing N N 161 
LEU N   H2   sing N N 162 
LEU CA  C    sing N N 163 
LEU CA  CB   sing N N 164 
LEU CA  HA   sing N N 165 
LEU C   O    doub N N 166 
LEU C   OXT  sing N N 167 
LEU CB  CG   sing N N 168 
LEU CB  HB2  sing N N 169 
LEU CB  HB3  sing N N 170 
LEU CG  CD1  sing N N 171 
LEU CG  CD2  sing N N 172 
LEU CG  HG   sing N N 173 
LEU CD1 HD11 sing N N 174 
LEU CD1 HD12 sing N N 175 
LEU CD1 HD13 sing N N 176 
LEU CD2 HD21 sing N N 177 
LEU CD2 HD22 sing N N 178 
LEU CD2 HD23 sing N N 179 
LEU OXT HXT  sing N N 180 
LYS N   CA   sing N N 181 
LYS N   H    sing N N 182 
LYS N   H2   sing N N 183 
LYS CA  C    sing N N 184 
LYS CA  CB   sing N N 185 
LYS CA  HA   sing N N 186 
LYS C   O    doub N N 187 
LYS C   OXT  sing N N 188 
LYS CB  CG   sing N N 189 
LYS CB  HB2  sing N N 190 
LYS CB  HB3  sing N N 191 
LYS CG  CD   sing N N 192 
LYS CG  HG2  sing N N 193 
LYS CG  HG3  sing N N 194 
LYS CD  CE   sing N N 195 
LYS CD  HD2  sing N N 196 
LYS CD  HD3  sing N N 197 
LYS CE  NZ   sing N N 198 
LYS CE  HE2  sing N N 199 
LYS CE  HE3  sing N N 200 
LYS NZ  HZ1  sing N N 201 
LYS NZ  HZ2  sing N N 202 
LYS NZ  HZ3  sing N N 203 
LYS OXT HXT  sing N N 204 
MET N   CA   sing N N 205 
MET N   H    sing N N 206 
MET N   H2   sing N N 207 
MET CA  C    sing N N 208 
MET CA  CB   sing N N 209 
MET CA  HA   sing N N 210 
MET C   O    doub N N 211 
MET C   OXT  sing N N 212 
MET CB  CG   sing N N 213 
MET CB  HB2  sing N N 214 
MET CB  HB3  sing N N 215 
MET CG  SD   sing N N 216 
MET CG  HG2  sing N N 217 
MET CG  HG3  sing N N 218 
MET SD  CE   sing N N 219 
MET CE  HE1  sing N N 220 
MET CE  HE2  sing N N 221 
MET CE  HE3  sing N N 222 
MET OXT HXT  sing N N 223 
MSE N   CA   sing N N 224 
MSE N   H    sing N N 225 
MSE N   H2   sing N N 226 
MSE CA  C    sing N N 227 
MSE CA  CB   sing N N 228 
MSE CA  HA   sing N N 229 
MSE C   O    doub N N 230 
MSE C   OXT  sing N N 231 
MSE OXT HXT  sing N N 232 
MSE CB  CG   sing N N 233 
MSE CB  HB2  sing N N 234 
MSE CB  HB3  sing N N 235 
MSE CG  SE   sing N N 236 
MSE CG  HG2  sing N N 237 
MSE CG  HG3  sing N N 238 
MSE SE  CE   sing N N 239 
MSE CE  HE1  sing N N 240 
MSE CE  HE2  sing N N 241 
MSE CE  HE3  sing N N 242 
PHE N   CA   sing N N 243 
PHE N   H    sing N N 244 
PHE N   H2   sing N N 245 
PHE CA  C    sing N N 246 
PHE CA  CB   sing N N 247 
PHE CA  HA   sing N N 248 
PHE C   O    doub N N 249 
PHE C   OXT  sing N N 250 
PHE CB  CG   sing N N 251 
PHE CB  HB2  sing N N 252 
PHE CB  HB3  sing N N 253 
PHE CG  CD1  doub Y N 254 
PHE CG  CD2  sing Y N 255 
PHE CD1 CE1  sing Y N 256 
PHE CD1 HD1  sing N N 257 
PHE CD2 CE2  doub Y N 258 
PHE CD2 HD2  sing N N 259 
PHE CE1 CZ   doub Y N 260 
PHE CE1 HE1  sing N N 261 
PHE CE2 CZ   sing Y N 262 
PHE CE2 HE2  sing N N 263 
PHE CZ  HZ   sing N N 264 
PHE OXT HXT  sing N N 265 
PRO N   CA   sing N N 266 
PRO N   CD   sing N N 267 
PRO N   H    sing N N 268 
PRO CA  C    sing N N 269 
PRO CA  CB   sing N N 270 
PRO CA  HA   sing N N 271 
PRO C   O    doub N N 272 
PRO C   OXT  sing N N 273 
PRO CB  CG   sing N N 274 
PRO CB  HB2  sing N N 275 
PRO CB  HB3  sing N N 276 
PRO CG  CD   sing N N 277 
PRO CG  HG2  sing N N 278 
PRO CG  HG3  sing N N 279 
PRO CD  HD2  sing N N 280 
PRO CD  HD3  sing N N 281 
PRO OXT HXT  sing N N 282 
SER N   CA   sing N N 283 
SER N   H    sing N N 284 
SER N   H2   sing N N 285 
SER CA  C    sing N N 286 
SER CA  CB   sing N N 287 
SER CA  HA   sing N N 288 
SER C   O    doub N N 289 
SER C   OXT  sing N N 290 
SER CB  OG   sing N N 291 
SER CB  HB2  sing N N 292 
SER CB  HB3  sing N N 293 
SER OG  HG   sing N N 294 
SER OXT HXT  sing N N 295 
THR N   CA   sing N N 296 
THR N   H    sing N N 297 
THR N   H2   sing N N 298 
THR CA  C    sing N N 299 
THR CA  CB   sing N N 300 
THR CA  HA   sing N N 301 
THR C   O    doub N N 302 
THR C   OXT  sing N N 303 
THR CB  OG1  sing N N 304 
THR CB  CG2  sing N N 305 
THR CB  HB   sing N N 306 
THR OG1 HG1  sing N N 307 
THR CG2 HG21 sing N N 308 
THR CG2 HG22 sing N N 309 
THR CG2 HG23 sing N N 310 
THR OXT HXT  sing N N 311 
TYR N   CA   sing N N 312 
TYR N   H    sing N N 313 
TYR N   H2   sing N N 314 
TYR CA  C    sing N N 315 
TYR CA  CB   sing N N 316 
TYR CA  HA   sing N N 317 
TYR C   O    doub N N 318 
TYR C   OXT  sing N N 319 
TYR CB  CG   sing N N 320 
TYR CB  HB2  sing N N 321 
TYR CB  HB3  sing N N 322 
TYR CG  CD1  doub Y N 323 
TYR CG  CD2  sing Y N 324 
TYR CD1 CE1  sing Y N 325 
TYR CD1 HD1  sing N N 326 
TYR CD2 CE2  doub Y N 327 
TYR CD2 HD2  sing N N 328 
TYR CE1 CZ   doub Y N 329 
TYR CE1 HE1  sing N N 330 
TYR CE2 CZ   sing Y N 331 
TYR CE2 HE2  sing N N 332 
TYR CZ  OH   sing N N 333 
TYR OH  HH   sing N N 334 
TYR OXT HXT  sing N N 335 
VAL N   CA   sing N N 336 
VAL N   H    sing N N 337 
VAL N   H2   sing N N 338 
VAL CA  C    sing N N 339 
VAL CA  CB   sing N N 340 
VAL CA  HA   sing N N 341 
VAL C   O    doub N N 342 
VAL C   OXT  sing N N 343 
VAL CB  CG1  sing N N 344 
VAL CB  CG2  sing N N 345 
VAL CB  HB   sing N N 346 
VAL CG1 HG11 sing N N 347 
VAL CG1 HG12 sing N N 348 
VAL CG1 HG13 sing N N 349 
VAL CG2 HG21 sing N N 350 
VAL CG2 HG22 sing N N 351 
VAL CG2 HG23 sing N N 352 
VAL OXT HXT  sing N N 353 
# 
_atom_sites.entry_id                    1A62 
_atom_sites.fract_transf_matrix[1][1]   0.01481572 
_atom_sites.fract_transf_matrix[1][2]   0.01647602 
_atom_sites.fract_transf_matrix[1][3]   -0.03216080 
_atom_sites.fract_transf_matrix[2][1]   0.01600852 
_atom_sites.fract_transf_matrix[2][2]   0.00092865 
_atom_sites.fract_transf_matrix[2][3]   0.00785049 
_atom_sites.fract_transf_matrix[3][1]   0.00677523 
_atom_sites.fract_transf_matrix[3][2]   -0.01947128 
_atom_sites.fract_transf_matrix[3][3]   -0.01151258 
_atom_sites.fract_transf_vector[1]      0.522123 
_atom_sites.fract_transf_vector[2]      -0.269692 
_atom_sites.fract_transf_vector[3]      -0.254959 
# 
loop_
_atom_type.symbol 
C  
N  
O  
SE 
# 
loop_
_atom_site.group_PDB 
_atom_site.id 
_atom_site.type_symbol 
_atom_site.label_atom_id 
_atom_site.label_alt_id 
_atom_site.label_comp_id 
_atom_site.label_asym_id 
_atom_site.label_entity_id 
_atom_site.label_seq_id 
_atom_site.pdbx_PDB_ins_code 
_atom_site.Cartn_x 
_atom_site.Cartn_y 
_atom_site.Cartn_z 
_atom_site.occupancy 
_atom_site.B_iso_or_equiv 
_atom_site.pdbx_formal_charge 
_atom_site.auth_seq_id 
_atom_site.auth_comp_id 
_atom_site.auth_asym_id 
_atom_site.auth_atom_id 
_atom_site.pdbx_PDB_model_num 
HETATM 1    N  N   . MSE A 1 1   ? -0.899  -3.457  -11.039 1.00 26.95 ? 1    MSE A N   1 
HETATM 2    C  CA  . MSE A 1 1   ? -1.893  -2.715  -10.224 1.00 24.20 ? 1    MSE A CA  1 
HETATM 3    C  C   . MSE A 1 1   ? -1.254  -2.074  -9.010  1.00 20.83 ? 1    MSE A C   1 
HETATM 4    O  O   . MSE A 1 1   ? -0.428  -2.698  -8.341  1.00 17.01 ? 1    MSE A O   1 
HETATM 5    C  CB  . MSE A 1 1   ? -2.985  -3.660  -9.774  1.00 23.98 ? 1    MSE A CB  1 
HETATM 6    C  CG  . MSE A 1 1   ? -4.348  -3.009  -9.745  1.00 31.88 ? 1    MSE A CG  1 
HETATM 7    SE SE  . MSE A 1 1   ? -5.555  -4.510  -9.006  1.00 40.09 ? 1    MSE A SE  1 
HETATM 8    C  CE  . MSE A 1 1   ? -6.087  -5.165  -10.576 1.00 33.94 ? 1    MSE A CE  1 
ATOM   9    N  N   . ASN A 1 2   ? -1.624  -0.825  -8.732  1.00 18.62 ? 2    ASN A N   1 
ATOM   10   C  CA  . ASN A 1 2   ? -1.050  -0.123  -7.595  1.00 18.35 ? 2    ASN A CA  1 
ATOM   11   C  C   . ASN A 1 2   ? -2.096  0.596   -6.762  1.00 17.48 ? 2    ASN A C   1 
ATOM   12   O  O   . ASN A 1 2   ? -3.124  1.031   -7.275  1.00 16.57 ? 2    ASN A O   1 
ATOM   13   C  CB  . ASN A 1 2   ? 0.051   0.857   -8.046  1.00 19.28 ? 2    ASN A CB  1 
ATOM   14   C  CG  . ASN A 1 2   ? -0.488  2.027   -8.832  1.00 19.41 ? 2    ASN A CG  1 
ATOM   15   O  OD1 . ASN A 1 2   ? -0.838  3.058   -8.267  1.00 22.71 ? 2    ASN A OD1 1 
ATOM   16   N  ND2 . ASN A 1 2   ? -0.554  1.875   -10.146 1.00 23.84 ? 2    ASN A ND2 1 
ATOM   17   N  N   . LEU A 1 3   ? -1.805  0.712   -5.471  1.00 12.02 ? 3    LEU A N   1 
ATOM   18   C  CA  . LEU A 1 3   ? -2.710  1.322   -4.512  1.00 13.90 ? 3    LEU A CA  1 
ATOM   19   C  C   . LEU A 1 3   ? -3.156  2.736   -4.810  1.00 14.27 ? 3    LEU A C   1 
ATOM   20   O  O   . LEU A 1 3   ? -4.345  3.039   -4.743  1.00 14.99 ? 3    LEU A O   1 
ATOM   21   C  CB  . LEU A 1 3   ? -2.083  1.263   -3.110  1.00 12.87 ? 3    LEU A CB  1 
ATOM   22   C  CG  . LEU A 1 3   ? -2.847  1.920   -1.959  1.00 18.28 ? 3    LEU A CG  1 
ATOM   23   C  CD1 . LEU A 1 3   ? -4.210  1.276   -1.812  1.00 17.68 ? 3    LEU A CD1 1 
ATOM   24   C  CD2 . LEU A 1 3   ? -2.062  1.766   -0.672  1.00 21.49 ? 3    LEU A CD2 1 
ATOM   25   N  N   . THR A 1 4   ? -2.226  3.615   -5.147  1.00 17.48 ? 4    THR A N   1 
ATOM   26   C  CA  . THR A 1 4   ? -2.628  4.988   -5.402  1.00 18.30 ? 4    THR A CA  1 
ATOM   27   C  C   . THR A 1 4   ? -3.524  5.090   -6.613  1.00 15.73 ? 4    THR A C   1 
ATOM   28   O  O   . THR A 1 4   ? -4.439  5.898   -6.641  1.00 17.61 ? 4    THR A O   1 
ATOM   29   C  CB  . THR A 1 4   ? -1.416  5.920   -5.569  1.00 21.30 ? 4    THR A CB  1 
ATOM   30   O  OG1 . THR A 1 4   ? -0.751  5.640   -6.806  1.00 34.72 ? 4    THR A OG1 1 
ATOM   31   C  CG2 . THR A 1 4   ? -0.452  5.725   -4.430  1.00 14.62 ? 4    THR A CG2 1 
ATOM   32   N  N   . GLU A 1 5   ? -3.269  4.258   -7.611  1.00 14.26 ? 5    GLU A N   1 
ATOM   33   C  CA  . GLU A 1 5   ? -4.087  4.284   -8.811  1.00 17.86 ? 5    GLU A CA  1 
ATOM   34   C  C   . GLU A 1 5   ? -5.521  3.926   -8.443  1.00 16.62 ? 5    GLU A C   1 
ATOM   35   O  O   . GLU A 1 5   ? -6.468  4.597   -8.853  1.00 16.75 ? 5    GLU A O   1 
ATOM   36   C  CB  . GLU A 1 5   ? -3.552  3.284   -9.832  1.00 24.86 ? 5    GLU A CB  1 
ATOM   37   C  CG  . GLU A 1 5   ? -4.091  3.495   -11.229 1.00 34.55 ? 5    GLU A CG  1 
ATOM   38   C  CD  . GLU A 1 5   ? -3.157  2.952   -12.285 1.00 41.59 ? 5    GLU A CD  1 
ATOM   39   O  OE1 . GLU A 1 5   ? -1.942  3.256   -12.214 1.00 44.75 ? 5    GLU A OE1 1 
ATOM   40   O  OE2 . GLU A 1 5   ? -3.636  2.224   -13.184 1.00 47.22 ? 5    GLU A OE2 1 
ATOM   41   N  N   . LEU A 1 6   ? -5.663  2.859   -7.664  1.00 15.79 ? 6    LEU A N   1 
ATOM   42   C  CA  . LEU A 1 6   ? -6.975  2.406   -7.219  1.00 14.34 ? 6    LEU A CA  1 
ATOM   43   C  C   . LEU A 1 6   ? -7.655  3.470   -6.361  1.00 17.03 ? 6    LEU A C   1 
ATOM   44   O  O   . LEU A 1 6   ? -8.853  3.721   -6.494  1.00 16.67 ? 6    LEU A O   1 
ATOM   45   C  CB  . LEU A 1 6   ? -6.828  1.105   -6.423  1.00 14.16 ? 6    LEU A CB  1 
ATOM   46   C  CG  . LEU A 1 6   ? -6.427  -0.103  -7.270  1.00 16.19 ? 6    LEU A CG  1 
ATOM   47   C  CD1 . LEU A 1 6   ? -6.298  -1.333  -6.370  1.00 17.69 ? 6    LEU A CD1 1 
ATOM   48   C  CD2 . LEU A 1 6   ? -7.466  -0.338  -8.364  1.00 16.10 ? 6    LEU A CD2 1 
ATOM   49   N  N   . LYS A 1 7   ? -6.881  4.112   -5.489  1.00 15.74 ? 7    LYS A N   1 
ATOM   50   C  CA  . LYS A 1 7   ? -7.413  5.157   -4.618  1.00 19.92 ? 7    LYS A CA  1 
ATOM   51   C  C   . LYS A 1 7   ? -7.983  6.303   -5.446  1.00 20.97 ? 7    LYS A C   1 
ATOM   52   O  O   . LYS A 1 7   ? -8.905  6.999   -5.021  1.00 22.85 ? 7    LYS A O   1 
ATOM   53   C  CB  . LYS A 1 7   ? -6.319  5.689   -3.693  1.00 21.26 ? 7    LYS A CB  1 
ATOM   54   C  CG  . LYS A 1 7   ? -6.093  4.852   -2.443  1.00 24.92 ? 7    LYS A CG  1 
ATOM   55   C  CD  . LYS A 1 7   ? -4.914  5.367   -1.632  1.00 25.98 ? 7    LYS A CD  1 
ATOM   56   C  CE  . LYS A 1 7   ? -5.369  6.369   -0.587  1.00 30.08 ? 7    LYS A CE  1 
ATOM   57   N  NZ  . LYS A 1 7   ? -4.314  6.584   0.441   1.00 34.10 ? 7    LYS A NZ  1 
ATOM   58   N  N   . ASN A 1 8   ? -7.422  6.492   -6.634  1.00 21.12 ? 8    ASN A N   1 
ATOM   59   C  CA  . ASN A 1 8   ? -7.851  7.571   -7.511  1.00 23.18 ? 8    ASN A CA  1 
ATOM   60   C  C   . ASN A 1 8   ? -8.906  7.103   -8.504  1.00 23.99 ? 8    ASN A C   1 
ATOM   61   O  O   . ASN A 1 8   ? -9.265  7.828   -9.430  1.00 24.78 ? 8    ASN A O   1 
ATOM   62   C  CB  . ASN A 1 8   ? -6.652  8.140   -8.263  1.00 25.94 ? 8    ASN A CB  1 
ATOM   63   C  CG  . ASN A 1 8   ? -5.775  9.009   -7.384  1.00 29.69 ? 8    ASN A CG  1 
ATOM   64   O  OD1 . ASN A 1 8   ? -6.256  9.641   -6.438  1.00 31.90 ? 8    ASN A OD1 1 
ATOM   65   N  ND2 . ASN A 1 8   ? -4.479  9.046   -7.692  1.00 32.84 ? 8    ASN A ND2 1 
ATOM   66   N  N   . THR A 1 9   ? -9.408  5.890   -8.306  1.00 20.56 ? 9    THR A N   1 
ATOM   67   C  CA  . THR A 1 9   ? -10.420 5.345   -9.200  1.00 19.54 ? 9    THR A CA  1 
ATOM   68   C  C   . THR A 1 9   ? -11.837 5.472   -8.630  1.00 17.73 ? 9    THR A C   1 
ATOM   69   O  O   . THR A 1 9   ? -12.070 5.205   -7.454  1.00 19.70 ? 9    THR A O   1 
ATOM   70   C  CB  . THR A 1 9   ? -10.134 3.860   -9.498  1.00 21.30 ? 9    THR A CB  1 
ATOM   71   O  OG1 . THR A 1 9   ? -8.812  3.730   -10.047 1.00 18.49 ? 9    THR A OG1 1 
ATOM   72   C  CG2 . THR A 1 9   ? -11.147 3.308   -10.484 1.00 16.79 ? 9    THR A CG2 1 
ATOM   73   N  N   . PRO A 1 10  ? -12.799 5.903   -9.455  1.00 18.10 ? 10   PRO A N   1 
ATOM   74   C  CA  . PRO A 1 10  ? -14.180 6.046   -8.985  1.00 18.44 ? 10   PRO A CA  1 
ATOM   75   C  C   . PRO A 1 10  ? -14.688 4.713   -8.450  1.00 19.59 ? 10   PRO A C   1 
ATOM   76   O  O   . PRO A 1 10  ? -14.345 3.651   -8.980  1.00 18.10 ? 10   PRO A O   1 
ATOM   77   C  CB  . PRO A 1 10  ? -14.948 6.499   -10.220 1.00 19.00 ? 10   PRO A CB  1 
ATOM   78   C  CG  . PRO A 1 10  ? -13.896 7.100   -11.117 1.00 23.52 ? 10   PRO A CG  1 
ATOM   79   C  CD  . PRO A 1 10  ? -12.658 6.291   -10.869 1.00 18.74 ? 10   PRO A CD  1 
ATOM   80   N  N   . VAL A 1 11  ? -15.516 4.769   -7.417  1.00 16.78 ? 11   VAL A N   1 
ATOM   81   C  CA  . VAL A 1 11  ? -16.046 3.559   -6.800  1.00 18.42 ? 11   VAL A CA  1 
ATOM   82   C  C   . VAL A 1 11  ? -16.807 2.613   -7.732  1.00 18.72 ? 11   VAL A C   1 
ATOM   83   O  O   . VAL A 1 11  ? -16.644 1.399   -7.645  1.00 18.87 ? 11   VAL A O   1 
ATOM   84   C  CB  . VAL A 1 11  ? -16.943 3.914   -5.585  1.00 18.32 ? 11   VAL A CB  1 
ATOM   85   C  CG1 . VAL A 1 11  ? -17.499 2.645   -4.949  1.00 20.60 ? 11   VAL A CG1 1 
ATOM   86   C  CG2 . VAL A 1 11  ? -16.133 4.704   -4.570  1.00 22.55 ? 11   VAL A CG2 1 
ATOM   87   N  N   . SER A 1 12  ? -17.635 3.147   -8.617  1.00 18.49 ? 12   SER A N   1 
ATOM   88   C  CA  . SER A 1 12  ? -18.379 2.273   -9.515  1.00 19.38 ? 12   SER A CA  1 
ATOM   89   C  C   . SER A 1 12  ? -17.425 1.468   -10.401 1.00 21.91 ? 12   SER A C   1 
ATOM   90   O  O   . SER A 1 12  ? -17.707 0.321   -10.746 1.00 22.81 ? 12   SER A O   1 
ATOM   91   C  CB  . SER A 1 12  ? -19.337 3.094   -10.384 1.00 17.66 ? 12   SER A CB  1 
ATOM   92   O  OG  . SER A 1 12  ? -18.647 3.751   -11.427 1.00 23.95 ? 12   SER A OG  1 
ATOM   93   N  N   . GLU A 1 13  ? -16.291 2.072   -10.753 1.00 21.25 ? 13   GLU A N   1 
ATOM   94   C  CA  . GLU A 1 13  ? -15.293 1.410   -11.590 1.00 19.64 ? 13   GLU A CA  1 
ATOM   95   C  C   . GLU A 1 13  ? -14.552 0.348   -10.788 1.00 19.21 ? 13   GLU A C   1 
ATOM   96   O  O   . GLU A 1 13  ? -14.187 -0.702  -11.316 1.00 17.14 ? 13   GLU A O   1 
ATOM   97   C  CB  . GLU A 1 13  ? -14.293 2.431   -12.133 1.00 21.58 ? 13   GLU A CB  1 
ATOM   98   C  CG  . GLU A 1 13  ? -14.884 3.361   -13.178 1.00 28.09 ? 13   GLU A CG  1 
ATOM   99   C  CD  . GLU A 1 13  ? -13.831 4.182   -13.897 1.00 33.51 ? 13   GLU A CD  1 
ATOM   100  O  OE1 . GLU A 1 13  ? -12.675 3.717   -13.998 1.00 37.99 ? 13   GLU A OE1 1 
ATOM   101  O  OE2 . GLU A 1 13  ? -14.162 5.292   -14.364 1.00 37.58 ? 13   GLU A OE2 1 
ATOM   102  N  N   . LEU A 1 14  ? -14.327 0.630   -9.509  1.00 17.54 ? 14   LEU A N   1 
ATOM   103  C  CA  . LEU A 1 14  ? -13.657 -0.330  -8.646  1.00 15.52 ? 14   LEU A CA  1 
ATOM   104  C  C   . LEU A 1 14  ? -14.591 -1.510  -8.472  1.00 13.98 ? 14   LEU A C   1 
ATOM   105  O  O   . LEU A 1 14  ? -14.162 -2.656  -8.440  1.00 12.34 ? 14   LEU A O   1 
ATOM   106  C  CB  . LEU A 1 14  ? -13.354 0.293   -7.277  1.00 14.58 ? 14   LEU A CB  1 
ATOM   107  C  CG  . LEU A 1 14  ? -12.188 1.286   -7.221  1.00 16.94 ? 14   LEU A CG  1 
ATOM   108  C  CD1 . LEU A 1 14  ? -12.051 1.824   -5.810  1.00 16.25 ? 14   LEU A CD1 1 
ATOM   109  C  CD2 . LEU A 1 14  ? -10.890 0.606   -7.655  1.00 15.99 ? 14   LEU A CD2 1 
ATOM   110  N  N   . ILE A 1 15  ? -15.884 -1.235  -8.372  1.00 13.39 ? 15   ILE A N   1 
ATOM   111  C  CA  . ILE A 1 15  ? -16.849 -2.310  -8.204  1.00 16.14 ? 15   ILE A CA  1 
ATOM   112  C  C   . ILE A 1 15  ? -16.773 -3.243  -9.410  1.00 15.88 ? 15   ILE A C   1 
ATOM   113  O  O   . ILE A 1 15  ? -16.724 -4.466  -9.259  1.00 15.86 ? 15   ILE A O   1 
ATOM   114  C  CB  . ILE A 1 15  ? -18.285 -1.753  -8.018  1.00 16.17 ? 15   ILE A CB  1 
ATOM   115  C  CG1 . ILE A 1 15  ? -18.422 -1.118  -6.629  1.00 16.00 ? 15   ILE A CG1 1 
ATOM   116  C  CG2 . ILE A 1 15  ? -19.308 -2.882  -8.113  1.00 13.56 ? 15   ILE A CG2 1 
ATOM   117  C  CD1 . ILE A 1 15  ? -19.543 -0.122  -6.510  1.00 16.85 ? 15   ILE A CD1 1 
ATOM   118  N  N   . THR A 1 16  ? -16.742 -2.661  -10.604 1.00 18.45 ? 16   THR A N   1 
ATOM   119  C  CA  . THR A 1 16  ? -16.663 -3.452  -11.833 1.00 19.37 ? 16   THR A CA  1 
ATOM   120  C  C   . THR A 1 16  ? -15.400 -4.300  -11.848 1.00 18.24 ? 16   THR A C   1 
ATOM   121  O  O   . THR A 1 16  ? -15.457 -5.512  -12.056 1.00 21.10 ? 16   THR A O   1 
ATOM   122  C  CB  . THR A 1 16  ? -16.673 -2.545  -13.081 1.00 20.44 ? 16   THR A CB  1 
ATOM   123  O  OG1 . THR A 1 16  ? -17.908 -1.826  -13.117 1.00 26.15 ? 16   THR A OG1 1 
ATOM   124  C  CG2 . THR A 1 16  ? -16.568 -3.365  -14.351 1.00 21.26 ? 16   THR A CG2 1 
ATOM   125  N  N   . LEU A 1 17  ? -14.265 -3.661  -11.607 1.00 14.53 ? 17   LEU A N   1 
ATOM   126  C  CA  . LEU A 1 17  ? -12.986 -4.352  -11.587 1.00 15.29 ? 17   LEU A CA  1 
ATOM   127  C  C   . LEU A 1 17  ? -12.987 -5.514  -10.592 1.00 15.51 ? 17   LEU A C   1 
ATOM   128  O  O   . LEU A 1 17  ? -12.471 -6.598  -10.880 1.00 15.74 ? 17   LEU A O   1 
ATOM   129  C  CB  . LEU A 1 17  ? -11.877 -3.362  -11.220 1.00 15.58 ? 17   LEU A CB  1 
ATOM   130  C  CG  . LEU A 1 17  ? -10.465 -3.903  -10.973 1.00 16.93 ? 17   LEU A CG  1 
ATOM   131  C  CD1 . LEU A 1 17  ? -9.857  -4.387  -12.284 1.00 16.53 ? 17   LEU A CD1 1 
ATOM   132  C  CD2 . LEU A 1 17  ? -9.604  -2.799  -10.366 1.00 17.16 ? 17   LEU A CD2 1 
ATOM   133  N  N   . GLY A 1 18  ? -13.577 -5.285  -9.425  1.00 12.63 ? 18   GLY A N   1 
ATOM   134  C  CA  . GLY A 1 18  ? -13.625 -6.326  -8.412  1.00 13.17 ? 18   GLY A CA  1 
ATOM   135  C  C   . GLY A 1 18  ? -14.525 -7.483  -8.798  1.00 14.94 ? 18   GLY A C   1 
ATOM   136  O  O   . GLY A 1 18  ? -14.188 -8.651  -8.592  1.00 14.49 ? 18   GLY A O   1 
ATOM   137  N  N   . GLU A 1 19  ? -15.682 -7.163  -9.356  1.00 14.07 ? 19   GLU A N   1 
ATOM   138  C  CA  . GLU A 1 19  ? -16.613 -8.200  -9.781  1.00 18.21 ? 19   GLU A CA  1 
ATOM   139  C  C   . GLU A 1 19  ? -15.965 -9.100  -10.833 1.00 16.58 ? 19   GLU A C   1 
ATOM   140  O  O   . GLU A 1 19  ? -16.087 -10.322 -10.788 1.00 17.79 ? 19   GLU A O   1 
ATOM   141  C  CB  . GLU A 1 19  ? -17.867 -7.569  -10.374 1.00 22.78 ? 19   GLU A CB  1 
ATOM   142  C  CG  . GLU A 1 19  ? -18.657 -6.767  -9.389  1.00 31.97 ? 19   GLU A CG  1 
ATOM   143  C  CD  . GLU A 1 19  ? -19.906 -6.181  -10.006 1.00 36.15 ? 19   GLU A CD  1 
ATOM   144  O  OE1 . GLU A 1 19  ? -19.870 -5.803  -11.197 1.00 38.69 ? 19   GLU A OE1 1 
ATOM   145  O  OE2 . GLU A 1 19  ? -20.930 -6.102  -9.293  1.00 41.97 ? 19   GLU A OE2 1 
ATOM   146  N  N   . ASN A 1 20  ? -15.270 -8.478  -11.772 1.00 19.58 ? 20   ASN A N   1 
ATOM   147  C  CA  . ASN A 1 20  ? -14.619 -9.212  -12.843 1.00 22.58 ? 20   ASN A CA  1 
ATOM   148  C  C   . ASN A 1 20  ? -13.523 -10.146 -12.343 1.00 22.49 ? 20   ASN A C   1 
ATOM   149  O  O   . ASN A 1 20  ? -13.031 -10.977 -13.112 1.00 23.37 ? 20   ASN A O   1 
ATOM   150  C  CB  . ASN A 1 20  ? -14.048 -8.226  -13.865 1.00 24.87 ? 20   ASN A CB  1 
ATOM   151  C  CG  . ASN A 1 20  ? -15.126 -7.404  -14.537 1.00 29.32 ? 20   ASN A CG  1 
ATOM   152  O  OD1 . ASN A 1 20  ? -16.307 -7.754  -14.477 1.00 37.03 ? 20   ASN A OD1 1 
ATOM   153  N  ND2 . ASN A 1 20  ? -14.731 -6.304  -15.178 1.00 34.53 ? 20   ASN A ND2 1 
HETATM 154  N  N   . MSE A 1 21  ? -13.140 -10.013 -11.068 1.00 20.91 ? 21   MSE A N   1 
HETATM 155  C  CA  . MSE A 1 21  ? -12.101 -10.879 -10.507 1.00 20.43 ? 21   MSE A CA  1 
HETATM 156  C  C   . MSE A 1 21  ? -12.655 -11.802 -9.433  1.00 19.33 ? 21   MSE A C   1 
HETATM 157  O  O   . MSE A 1 21  ? -11.913 -12.321 -8.607  1.00 19.13 ? 21   MSE A O   1 
HETATM 158  C  CB  . MSE A 1 21  ? -10.843 -10.068 -10.017 1.00 21.43 ? 21   MSE A CB  1 
HETATM 159  C  CG  . MSE A 1 21  ? -10.932 -9.236  -8.745  1.00 28.58 ? 21   MSE A CG  1 
HETATM 160  SE SE  . MSE A 1 21  ? -9.415  -8.541  -8.427  1.00 37.22 ? 21   MSE A SE  1 
HETATM 161  C  CE  . MSE A 1 21  ? -9.313  -7.239  -9.872  1.00 3.48  ? 21   MSE A CE  1 
ATOM   162  N  N   . GLY A 1 22  ? -13.975 -12.009 -9.460  1.00 18.95 ? 22   GLY A N   1 
ATOM   163  C  CA  . GLY A 1 22  ? -14.602 -12.921 -8.510  1.00 19.34 ? 22   GLY A CA  1 
ATOM   164  C  C   . GLY A 1 22  ? -15.001 -12.449 -7.123  1.00 18.83 ? 22   GLY A C   1 
ATOM   165  O  O   . GLY A 1 22  ? -15.183 -13.278 -6.238  1.00 19.92 ? 22   GLY A O   1 
ATOM   166  N  N   . LEU A 1 23  ? -15.130 -11.141 -6.920  1.00 17.96 ? 23   LEU A N   1 
ATOM   167  C  CA  . LEU A 1 23  ? -15.540 -10.617 -5.625  1.00 18.72 ? 23   LEU A CA  1 
ATOM   168  C  C   . LEU A 1 23  ? -16.997 -10.183 -5.700  1.00 20.65 ? 23   LEU A C   1 
ATOM   169  O  O   . LEU A 1 23  ? -17.509 -9.888  -6.777  1.00 24.05 ? 23   LEU A O   1 
ATOM   170  C  CB  . LEU A 1 23  ? -14.670 -9.425  -5.242  1.00 19.32 ? 23   LEU A CB  1 
ATOM   171  C  CG  . LEU A 1 23  ? -13.177 -9.751  -5.248  1.00 14.85 ? 23   LEU A CG  1 
ATOM   172  C  CD1 . LEU A 1 23  ? -12.356 -8.473  -5.054  1.00 17.00 ? 23   LEU A CD1 1 
ATOM   173  C  CD2 . LEU A 1 23  ? -12.892 -10.770 -4.156  1.00 17.02 ? 23   LEU A CD2 1 
ATOM   174  N  N   . GLU A 1 24  ? -17.662 -10.142 -4.554  1.00 21.70 ? 24   GLU A N   1 
ATOM   175  C  CA  . GLU A 1 24  ? -19.061 -9.743  -4.515  1.00 25.90 ? 24   GLU A CA  1 
ATOM   176  C  C   . GLU A 1 24  ? -19.331 -8.779  -3.370  1.00 25.01 ? 24   GLU A C   1 
ATOM   177  O  O   . GLU A 1 24  ? -18.432 -8.468  -2.595  1.00 26.30 ? 24   GLU A O   1 
ATOM   178  C  CB  . GLU A 1 24  ? -19.944 -10.985 -4.350  1.00 30.47 ? 24   GLU A CB  1 
ATOM   179  C  CG  . GLU A 1 24  ? -19.564 -12.150 -5.253  1.00 35.60 ? 24   GLU A CG  1 
ATOM   180  C  CD  . GLU A 1 24  ? -20.533 -13.312 -5.131  1.00 40.87 ? 24   GLU A CD  1 
ATOM   181  O  OE1 . GLU A 1 24  ? -20.473 -14.027 -4.110  1.00 42.13 ? 24   GLU A OE1 1 
ATOM   182  O  OE2 . GLU A 1 24  ? -21.353 -13.509 -6.056  1.00 42.53 ? 24   GLU A OE2 1 
ATOM   183  N  N   . ASN A 1 25  ? -20.569 -8.303  -3.277  1.00 27.73 ? 25   ASN A N   1 
ATOM   184  C  CA  . ASN A 1 25  ? -20.976 -7.379  -2.216  1.00 30.08 ? 25   ASN A CA  1 
ATOM   185  C  C   . ASN A 1 25  ? -20.020 -6.217  -2.026  1.00 28.84 ? 25   ASN A C   1 
ATOM   186  O  O   . ASN A 1 25  ? -19.788 -5.784  -0.899  1.00 29.85 ? 25   ASN A O   1 
ATOM   187  C  CB  . ASN A 1 25  ? -21.090 -8.112  -0.875  1.00 33.37 ? 25   ASN A CB  1 
ATOM   188  C  CG  . ASN A 1 25  ? -22.016 -9.307  -0.929  1.00 36.96 ? 25   ASN A CG  1 
ATOM   189  O  OD1 . ASN A 1 25  ? -21.705 -10.360 -0.381  1.00 41.05 ? 25   ASN A OD1 1 
ATOM   190  N  ND2 . ASN A 1 25  ? -23.164 -9.147  -1.585  1.00 40.97 ? 25   ASN A ND2 1 
ATOM   191  N  N   . LEU A 1 26  ? -19.468 -5.704  -3.116  1.00 28.44 ? 26   LEU A N   1 
ATOM   192  C  CA  . LEU A 1 26  ? -18.532 -4.594  -3.006  1.00 25.83 ? 26   LEU A CA  1 
ATOM   193  C  C   . LEU A 1 26  ? -19.225 -3.264  -2.726  1.00 26.43 ? 26   LEU A C   1 
ATOM   194  O  O   . LEU A 1 26  ? -18.737 -2.453  -1.938  1.00 24.54 ? 26   LEU A O   1 
ATOM   195  C  CB  . LEU A 1 26  ? -17.706 -4.497  -4.291  1.00 23.85 ? 26   LEU A CB  1 
ATOM   196  C  CG  . LEU A 1 26  ? -16.764 -5.680  -4.541  1.00 18.62 ? 26   LEU A CG  1 
ATOM   197  C  CD1 . LEU A 1 26  ? -15.775 -5.316  -5.632  1.00 21.12 ? 26   LEU A CD1 1 
ATOM   198  C  CD2 . LEU A 1 26  ? -16.029 -6.035  -3.263  1.00 21.23 ? 26   LEU A CD2 1 
ATOM   199  N  N   . ALA A 1 27  ? -20.368 -3.052  -3.373  1.00 29.57 ? 27   ALA A N   1 
ATOM   200  C  CA  . ALA A 1 27  ? -21.132 -1.814  -3.224  1.00 32.86 ? 27   ALA A CA  1 
ATOM   201  C  C   . ALA A 1 27  ? -21.350 -1.374  -1.783  1.00 34.59 ? 27   ALA A C   1 
ATOM   202  O  O   . ALA A 1 27  ? -21.327 -0.177  -1.483  1.00 35.10 ? 27   ALA A O   1 
ATOM   203  C  CB  . ALA A 1 27  ? -22.479 -1.955  -3.919  1.00 29.97 ? 27   ALA A CB  1 
ATOM   204  N  N   . ARG A 1 28  ? -21.551 -2.337  -0.891  1.00 35.05 ? 28   ARG A N   1 
ATOM   205  C  CA  . ARG A 1 28  ? -21.803 -2.025  0.510   1.00 35.33 ? 28   ARG A CA  1 
ATOM   206  C  C   . ARG A 1 28  ? -20.583 -1.670  1.356   1.00 34.13 ? 28   ARG A C   1 
ATOM   207  O  O   . ARG A 1 28  ? -20.728 -1.216  2.491   1.00 34.29 ? 28   ARG A O   1 
ATOM   208  C  CB  . ARG A 1 28  ? -22.568 -3.188  1.163   1.00 38.25 ? 28   ARG A CB  1 
ATOM   209  C  CG  . ARG A 1 28  ? -21.699 -4.292  1.729   1.00 40.07 ? 28   ARG A CG  1 
ATOM   210  C  CD  . ARG A 1 28  ? -22.274 -5.668  1.414   1.00 47.72 ? 28   ARG A CD  1 
ATOM   211  N  NE  . ARG A 1 28  ? -23.737 -5.683  1.424   1.00 52.78 ? 28   ARG A NE  1 
ATOM   212  C  CZ  . ARG A 1 28  ? -24.494 -5.940  0.358   1.00 55.92 ? 28   ARG A CZ  1 
ATOM   213  N  NH1 . ARG A 1 28  ? -23.933 -6.205  -0.816  1.00 56.33 ? 28   ARG A NH1 1 
ATOM   214  N  NH2 . ARG A 1 28  ? -25.818 -5.943  0.464   1.00 57.90 ? 28   ARG A NH2 1 
HETATM 215  N  N   . MSE A 1 29  ? -19.382 -1.858  0.824   1.00 31.50 ? 29   MSE A N   1 
HETATM 216  C  CA  . MSE A 1 29  ? -18.182 -1.551  1.595   1.00 30.58 ? 29   MSE A CA  1 
HETATM 217  C  C   . MSE A 1 29  ? -17.652 -0.145  1.366   1.00 29.35 ? 29   MSE A C   1 
HETATM 218  O  O   . MSE A 1 29  ? -17.991 0.502   0.377   1.00 29.87 ? 29   MSE A O   1 
HETATM 219  C  CB  . MSE A 1 29  ? -17.060 -2.542  1.262   1.00 33.24 ? 29   MSE A CB  1 
HETATM 220  C  CG  . MSE A 1 29  ? -17.522 -3.910  0.816   1.00 37.38 ? 29   MSE A CG  1 
HETATM 221  SE SE  . MSE A 1 29  ? -15.832 -4.818  0.525   1.00 43.74 ? 29   MSE A SE  1 
HETATM 222  C  CE  . MSE A 1 29  ? -15.156 -4.998  2.266   1.00 43.59 ? 29   MSE A CE  1 
ATOM   223  N  N   . ARG A 1 30  ? -16.818 0.322   2.288   1.00 29.63 ? 30   ARG A N   1 
ATOM   224  C  CA  . ARG A 1 30  ? -16.204 1.636   2.156   1.00 31.74 ? 30   ARG A CA  1 
ATOM   225  C  C   . ARG A 1 30  ? -15.201 1.487   1.011   1.00 29.78 ? 30   ARG A C   1 
ATOM   226  O  O   . ARG A 1 30  ? -14.703 0.390   0.753   1.00 27.81 ? 30   ARG A O   1 
ATOM   227  C  CB  . ARG A 1 30  ? -15.464 2.018   3.444   1.00 32.61 ? 30   ARG A CB  1 
ATOM   228  C  CG  . ARG A 1 30  ? -16.357 2.173   4.680   1.00 37.26 ? 30   ARG A CG  1 
ATOM   229  C  CD  . ARG A 1 30  ? -16.143 3.515   5.387   1.00 31.10 ? 30   ARG A CD  1 
ATOM   230  N  NE  . ARG A 1 30  ? -17.334 3.942   6.119   1.00 31.94 ? 30   ARG A NE  1 
ATOM   231  C  CZ  . ARG A 1 30  ? -17.904 5.139   6.001   1.00 29.92 ? 30   ARG A CZ  1 
ATOM   232  N  NH1 . ARG A 1 30  ? -17.400 6.053   5.181   1.00 25.64 ? 30   ARG A NH1 1 
ATOM   233  N  NH2 . ARG A 1 30  ? -18.997 5.420   6.699   1.00 30.52 ? 30   ARG A NH2 1 
ATOM   234  N  N   . LYS A 1 31  ? -14.901 2.580   0.322   1.00 29.12 ? 31   LYS A N   1 
ATOM   235  C  CA  . LYS A 1 31  ? -13.960 2.521   -0.786  1.00 26.47 ? 31   LYS A CA  1 
ATOM   236  C  C   . LYS A 1 31  ? -12.648 1.841   -0.393  1.00 27.57 ? 31   LYS A C   1 
ATOM   237  O  O   . LYS A 1 31  ? -12.133 0.996   -1.125  1.00 25.44 ? 31   LYS A O   1 
ATOM   238  C  CB  . LYS A 1 31  ? -13.668 3.922   -1.313  1.00 25.70 ? 31   LYS A CB  1 
ATOM   239  C  CG  . LYS A 1 31  ? -12.618 3.944   -2.404  1.00 22.36 ? 31   LYS A CG  1 
ATOM   240  C  CD  . LYS A 1 31  ? -12.744 5.174   -3.291  1.00 20.53 ? 31   LYS A CD  1 
ATOM   241  C  CE  . LYS A 1 31  ? -11.466 5.406   -4.072  1.00 18.66 ? 31   LYS A CE  1 
ATOM   242  N  NZ  . LYS A 1 31  ? -11.565 6.578   -4.978  1.00 19.03 ? 31   LYS A NZ  1 
ATOM   243  N  N   . GLN A 1 32  ? -12.111 2.208   0.764   1.00 28.33 ? 32   GLN A N   1 
ATOM   244  C  CA  . GLN A 1 32  ? -10.856 1.625   1.226   1.00 30.67 ? 32   GLN A CA  1 
ATOM   245  C  C   . GLN A 1 32  ? -10.943 0.116   1.411   1.00 27.52 ? 32   GLN A C   1 
ATOM   246  O  O   . GLN A 1 32  ? -9.960  -0.596  1.221   1.00 28.87 ? 32   GLN A O   1 
ATOM   247  C  CB  . GLN A 1 32  ? -10.420 2.275   2.539   1.00 37.65 ? 32   GLN A CB  1 
ATOM   248  C  CG  . GLN A 1 32  ? -11.434 2.137   3.660   1.00 48.62 ? 32   GLN A CG  1 
ATOM   249  C  CD  . GLN A 1 32  ? -11.356 3.280   4.656   1.00 52.92 ? 32   GLN A CD  1 
ATOM   250  O  OE1 . GLN A 1 32  ? -10.319 3.933   4.786   1.00 55.07 ? 32   GLN A OE1 1 
ATOM   251  N  NE2 . GLN A 1 32  ? -12.454 3.528   5.365   1.00 54.23 ? 32   GLN A NE2 1 
ATOM   252  N  N   . ASP A 1 33  ? -12.119 -0.377  1.785   1.00 25.37 ? 33   ASP A N   1 
ATOM   253  C  CA  . ASP A 1 33  ? -12.303 -1.809  1.987   1.00 21.83 ? 33   ASP A CA  1 
ATOM   254  C  C   . ASP A 1 33  ? -12.405 -2.521  0.654   1.00 20.89 ? 33   ASP A C   1 
ATOM   255  O  O   . ASP A 1 33  ? -11.981 -3.669  0.520   1.00 18.86 ? 33   ASP A O   1 
ATOM   256  C  CB  . ASP A 1 33  ? -13.556 -2.064  2.814   1.00 25.51 ? 33   ASP A CB  1 
ATOM   257  C  CG  . ASP A 1 33  ? -13.325 -1.824  4.287   1.00 32.37 ? 33   ASP A CG  1 
ATOM   258  O  OD1 . ASP A 1 33  ? -12.155 -1.614  4.683   1.00 33.05 ? 33   ASP A OD1 1 
ATOM   259  O  OD2 . ASP A 1 33  ? -14.310 -1.842  5.049   1.00 39.93 ? 33   ASP A OD2 1 
ATOM   260  N  N   . ILE A 1 34  ? -12.971 -1.826  -0.327  1.00 21.15 ? 34   ILE A N   1 
ATOM   261  C  CA  . ILE A 1 34  ? -13.107 -2.372  -1.671  1.00 18.74 ? 34   ILE A CA  1 
ATOM   262  C  C   . ILE A 1 34  ? -11.695 -2.526  -2.244  1.00 15.83 ? 34   ILE A C   1 
ATOM   263  O  O   . ILE A 1 34  ? -11.330 -3.568  -2.796  1.00 14.28 ? 34   ILE A O   1 
ATOM   264  C  CB  . ILE A 1 34  ? -13.906 -1.412  -2.571  1.00 16.06 ? 34   ILE A CB  1 
ATOM   265  C  CG1 . ILE A 1 34  ? -15.350 -1.323  -2.079  1.00 17.96 ? 34   ILE A CG1 1 
ATOM   266  C  CG2 . ILE A 1 34  ? -13.854 -1.884  -4.008  1.00 14.30 ? 34   ILE A CG2 1 
ATOM   267  C  CD1 . ILE A 1 34  ? -16.199 -0.308  -2.829  1.00 20.95 ? 34   ILE A CD1 1 
ATOM   268  N  N   . ILE A 1 35  ? -10.903 -1.475  -2.092  1.00 15.96 ? 35   ILE A N   1 
ATOM   269  C  CA  . ILE A 1 35  ? -9.542  -1.474  -2.596  1.00 14.34 ? 35   ILE A CA  1 
ATOM   270  C  C   . ILE A 1 35  ? -8.722  -2.585  -1.962  1.00 14.92 ? 35   ILE A C   1 
ATOM   271  O  O   . ILE A 1 35  ? -7.975  -3.270  -2.643  1.00 14.39 ? 35   ILE A O   1 
ATOM   272  C  CB  . ILE A 1 35  ? -8.892  -0.100  -2.357  1.00 12.14 ? 35   ILE A CB  1 
ATOM   273  C  CG1 . ILE A 1 35  ? -9.460  0.891   -3.380  1.00 11.92 ? 35   ILE A CG1 1 
ATOM   274  C  CG2 . ILE A 1 35  ? -7.366  -0.199  -2.449  1.00 12.80 ? 35   ILE A CG2 1 
ATOM   275  C  CD1 . ILE A 1 35  ? -8.943  2.313   -3.242  1.00 15.88 ? 35   ILE A CD1 1 
ATOM   276  N  N   . PHE A 1 36  ? -8.871  -2.771  -0.658  1.00 16.77 ? 36   PHE A N   1 
ATOM   277  C  CA  . PHE A 1 36  ? -8.151  -3.821  0.051   1.00 18.53 ? 36   PHE A CA  1 
ATOM   278  C  C   . PHE A 1 36  ? -8.494  -5.179  -0.546  1.00 18.38 ? 36   PHE A C   1 
ATOM   279  O  O   . PHE A 1 36  ? -7.617  -5.997  -0.814  1.00 16.85 ? 36   PHE A O   1 
ATOM   280  C  CB  . PHE A 1 36  ? -8.553  -3.831  1.520   1.00 24.52 ? 36   PHE A CB  1 
ATOM   281  C  CG  . PHE A 1 36  ? -7.517  -3.276  2.437   1.00 32.66 ? 36   PHE A CG  1 
ATOM   282  C  CD1 . PHE A 1 36  ? -7.293  -1.904  2.498   1.00 39.97 ? 36   PHE A CD1 1 
ATOM   283  C  CD2 . PHE A 1 36  ? -6.786  -4.119  3.267   1.00 39.95 ? 36   PHE A CD2 1 
ATOM   284  C  CE1 . PHE A 1 36  ? -6.351  -1.373  3.378   1.00 45.10 ? 36   PHE A CE1 1 
ATOM   285  C  CE2 . PHE A 1 36  ? -5.842  -3.607  4.151   1.00 43.96 ? 36   PHE A CE2 1 
ATOM   286  C  CZ  . PHE A 1 36  ? -5.621  -2.228  4.207   1.00 45.03 ? 36   PHE A CZ  1 
ATOM   287  N  N   . ALA A 1 37  ? -9.789  -5.408  -0.735  1.00 14.99 ? 37   ALA A N   1 
ATOM   288  C  CA  . ALA A 1 37  ? -10.284 -6.662  -1.282  1.00 17.82 ? 37   ALA A CA  1 
ATOM   289  C  C   . ALA A 1 37  ? -9.714  -6.964  -2.665  1.00 15.88 ? 37   ALA A C   1 
ATOM   290  O  O   . ALA A 1 37  ? -9.301  -8.087  -2.949  1.00 15.96 ? 37   ALA A O   1 
ATOM   291  C  CB  . ALA A 1 37  ? -11.812 -6.625  -1.340  1.00 16.17 ? 37   ALA A CB  1 
ATOM   292  N  N   . ILE A 1 38  ? -9.705  -5.954  -3.523  1.00 14.35 ? 38   ILE A N   1 
ATOM   293  C  CA  . ILE A 1 38  ? -9.191  -6.114  -4.876  1.00 13.93 ? 38   ILE A CA  1 
ATOM   294  C  C   . ILE A 1 38  ? -7.696  -6.435  -4.887  1.00 12.73 ? 38   ILE A C   1 
ATOM   295  O  O   . ILE A 1 38  ? -7.258  -7.362  -5.568  1.00 12.44 ? 38   ILE A O   1 
ATOM   296  C  CB  . ILE A 1 38  ? -9.443  -4.838  -5.705  1.00 13.59 ? 38   ILE A CB  1 
ATOM   297  C  CG1 . ILE A 1 38  ? -10.943 -4.689  -5.971  1.00 9.26  ? 38   ILE A CG1 1 
ATOM   298  C  CG2 . ILE A 1 38  ? -8.661  -4.894  -7.002  1.00 12.77 ? 38   ILE A CG2 1 
ATOM   299  C  CD1 . ILE A 1 38  ? -11.327 -3.351  -6.537  1.00 11.99 ? 38   ILE A CD1 1 
ATOM   300  N  N   . LEU A 1 39  ? -6.909  -5.668  -4.141  1.00 15.37 ? 39   LEU A N   1 
ATOM   301  C  CA  . LEU A 1 39  ? -5.466  -5.887  -4.098  1.00 14.56 ? 39   LEU A CA  1 
ATOM   302  C  C   . LEU A 1 39  ? -5.154  -7.263  -3.539  1.00 14.91 ? 39   LEU A C   1 
ATOM   303  O  O   . LEU A 1 39  ? -4.262  -7.945  -4.021  1.00 12.52 ? 39   LEU A O   1 
ATOM   304  C  CB  . LEU A 1 39  ? -4.777  -4.809  -3.250  1.00 16.07 ? 39   LEU A CB  1 
ATOM   305  C  CG  . LEU A 1 39  ? -4.699  -3.399  -3.851  1.00 13.77 ? 39   LEU A CG  1 
ATOM   306  C  CD1 . LEU A 1 39  ? -4.175  -2.423  -2.827  1.00 15.33 ? 39   LEU A CD1 1 
ATOM   307  C  CD2 . LEU A 1 39  ? -3.806  -3.417  -5.076  1.00 17.31 ? 39   LEU A CD2 1 
ATOM   308  N  N   . LYS A 1 40  ? -5.903  -7.663  -2.517  1.00 13.22 ? 40   LYS A N   1 
ATOM   309  C  CA  . LYS A 1 40  ? -5.701  -8.968  -1.899  1.00 17.07 ? 40   LYS A CA  1 
ATOM   310  C  C   . LYS A 1 40  ? -5.997  -10.088 -2.900  1.00 15.57 ? 40   LYS A C   1 
ATOM   311  O  O   . LYS A 1 40  ? -5.251  -11.048 -3.005  1.00 16.15 ? 40   LYS A O   1 
ATOM   312  C  CB  . LYS A 1 40  ? -6.602  -9.121  -0.677  1.00 18.07 ? 40   LYS A CB  1 
ATOM   313  C  CG  . LYS A 1 40  ? -6.492  -10.464 -0.008  1.00 25.58 ? 40   LYS A CG  1 
ATOM   314  C  CD  . LYS A 1 40  ? -6.796  -10.354 1.476   1.00 34.09 ? 40   LYS A CD  1 
ATOM   315  C  CE  . LYS A 1 40  ? -5.520  -10.230 2.293   1.00 41.59 ? 40   LYS A CE  1 
ATOM   316  N  NZ  . LYS A 1 40  ? -5.800  -9.921  3.728   1.00 46.47 ? 40   LYS A NZ  1 
ATOM   317  N  N   . GLN A 1 41  ? -7.095  -9.945  -3.629  1.00 17.14 ? 41   GLN A N   1 
ATOM   318  C  CA  . GLN A 1 41  ? -7.495  -10.939 -4.626  1.00 17.36 ? 41   GLN A CA  1 
ATOM   319  C  C   . GLN A 1 41  ? -6.456  -11.041 -5.748  1.00 19.46 ? 41   GLN A C   1 
ATOM   320  O  O   . GLN A 1 41  ? -6.084  -12.143 -6.173  1.00 18.12 ? 41   GLN A O   1 
ATOM   321  C  CB  . GLN A 1 41  ? -8.863  -10.559 -5.212  1.00 19.20 ? 41   GLN A CB  1 
ATOM   322  C  CG  . GLN A 1 41  ? -9.455  -11.581 -6.158  1.00 18.84 ? 41   GLN A CG  1 
ATOM   323  C  CD  . GLN A 1 41  ? -10.126 -12.724 -5.426  1.00 20.16 ? 41   GLN A CD  1 
ATOM   324  O  OE1 . GLN A 1 41  ? -9.693  -13.122 -4.339  1.00 20.29 ? 41   GLN A OE1 1 
ATOM   325  N  NE2 . GLN A 1 41  ? -11.189 -13.266 -6.020  1.00 21.70 ? 41   GLN A NE2 1 
ATOM   326  N  N   . HIS A 1 42  ? -5.990  -9.887  -6.213  1.00 17.77 ? 42   HIS A N   1 
ATOM   327  C  CA  . HIS A 1 42  ? -4.997  -9.839  -7.275  1.00 16.92 ? 42   HIS A CA  1 
ATOM   328  C  C   . HIS A 1 42  ? -3.704  -10.516 -6.836  1.00 16.07 ? 42   HIS A C   1 
ATOM   329  O  O   . HIS A 1 42  ? -3.143  -11.346 -7.557  1.00 18.17 ? 42   HIS A O   1 
ATOM   330  C  CB  . HIS A 1 42  ? -4.711  -8.382  -7.653  1.00 17.63 ? 42   HIS A CB  1 
ATOM   331  C  CG  . HIS A 1 42  ? -4.136  -8.218  -9.024  1.00 19.89 ? 42   HIS A CG  1 
ATOM   332  N  ND1 . HIS A 1 42  ? -4.768  -8.655  -10.171 1.00 19.84 ? 42   HIS A ND1 1 
ATOM   333  C  CD2 . HIS A 1 42  ? -3.000  -7.609  -9.443  1.00 19.84 ? 42   HIS A CD2 1 
ATOM   334  C  CE1 . HIS A 1 42  ? -4.068  -8.332  -11.218 1.00 20.35 ? 42   HIS A CE1 1 
ATOM   335  N  NE2 . HIS A 1 42  ? -2.977  -7.690  -10.822 1.00 21.13 ? 42   HIS A NE2 1 
ATOM   336  N  N   . ALA A 1 43  ? -3.238  -10.171 -5.642  1.00 18.11 ? 43   ALA A N   1 
ATOM   337  C  CA  . ALA A 1 43  ? -2.011  -10.754 -5.115  1.00 18.28 ? 43   ALA A CA  1 
ATOM   338  C  C   . ALA A 1 43  ? -2.154  -12.261 -4.957  1.00 19.48 ? 43   ALA A C   1 
ATOM   339  O  O   . ALA A 1 43  ? -1.210  -13.006 -5.216  1.00 22.22 ? 43   ALA A O   1 
ATOM   340  C  CB  . ALA A 1 43  ? -1.666  -10.120 -3.781  1.00 21.99 ? 43   ALA A CB  1 
ATOM   341  N  N   . LYS A 1 44  ? -3.329  -12.712 -4.529  1.00 19.98 ? 44   LYS A N   1 
ATOM   342  C  CA  . LYS A 1 44  ? -3.586  -14.137 -4.342  1.00 23.42 ? 44   LYS A CA  1 
ATOM   343  C  C   . LYS A 1 44  ? -3.465  -14.860 -5.675  1.00 20.94 ? 44   LYS A C   1 
ATOM   344  O  O   . LYS A 1 44  ? -3.206  -16.059 -5.722  1.00 21.32 ? 44   LYS A O   1 
ATOM   345  C  CB  . LYS A 1 44  ? -4.991  -14.353 -3.774  1.00 29.01 ? 44   LYS A CB  1 
ATOM   346  C  CG  . LYS A 1 44  ? -5.024  -14.894 -2.354  1.00 35.45 ? 44   LYS A CG  1 
ATOM   347  C  CD  . LYS A 1 44  ? -5.571  -13.852 -1.385  1.00 41.08 ? 44   LYS A CD  1 
ATOM   348  C  CE  . LYS A 1 44  ? -6.303  -14.505 -0.225  1.00 42.18 ? 44   LYS A CE  1 
ATOM   349  N  NZ  . LYS A 1 44  ? -7.785  -14.420 -0.381  1.00 47.82 ? 44   LYS A NZ  1 
ATOM   350  N  N   . SER A 1 45  ? -3.661  -14.124 -6.761  1.00 20.45 ? 45   SER A N   1 
ATOM   351  C  CA  . SER A 1 45  ? -3.574  -14.693 -8.100  1.00 22.67 ? 45   SER A CA  1 
ATOM   352  C  C   . SER A 1 45  ? -2.131  -14.764 -8.578  1.00 24.14 ? 45   SER A C   1 
ATOM   353  O  O   . SER A 1 45  ? -1.864  -15.171 -9.706  1.00 27.09 ? 45   SER A O   1 
ATOM   354  C  CB  . SER A 1 45  ? -4.394  -13.851 -9.081  1.00 27.22 ? 45   SER A CB  1 
ATOM   355  O  OG  . SER A 1 45  ? -5.724  -13.688 -8.615  1.00 32.23 ? 45   SER A OG  1 
ATOM   356  N  N   . GLY A 1 46  ? -1.201  -14.357 -7.721  1.00 22.91 ? 46   GLY A N   1 
ATOM   357  C  CA  . GLY A 1 46  ? 0.205   -14.394 -8.084  1.00 22.95 ? 46   GLY A CA  1 
ATOM   358  C  C   . GLY A 1 46  ? 0.700   -13.162 -8.818  1.00 24.30 ? 46   GLY A C   1 
ATOM   359  O  O   . GLY A 1 46  ? 1.820   -13.147 -9.323  1.00 25.88 ? 46   GLY A O   1 
ATOM   360  N  N   . GLU A 1 47  ? -0.122  -12.121 -8.884  1.00 22.88 ? 47   GLU A N   1 
ATOM   361  C  CA  . GLU A 1 47  ? 0.277   -10.894 -9.566  1.00 22.80 ? 47   GLU A CA  1 
ATOM   362  C  C   . GLU A 1 47  ? 0.890   -9.907  -8.580  1.00 22.66 ? 47   GLU A C   1 
ATOM   363  O  O   . GLU A 1 47  ? 0.496   -9.852  -7.412  1.00 19.82 ? 47   GLU A O   1 
ATOM   364  C  CB  . GLU A 1 47  ? -0.932  -10.248 -10.231 1.00 28.66 ? 47   GLU A CB  1 
ATOM   365  C  CG  . GLU A 1 47  ? -1.874  -11.234 -10.888 1.00 35.78 ? 47   GLU A CG  1 
ATOM   366  C  CD  . GLU A 1 47  ? -1.464  -11.551 -12.304 1.00 41.80 ? 47   GLU A CD  1 
ATOM   367  O  OE1 . GLU A 1 47  ? -0.768  -10.715 -12.918 1.00 43.16 ? 47   GLU A OE1 1 
ATOM   368  O  OE2 . GLU A 1 47  ? -1.835  -12.636 -12.800 1.00 46.83 ? 47   GLU A OE2 1 
ATOM   369  N  N   . ASP A 1 48  ? 1.858   -9.126  -9.053  1.00 20.06 ? 48   ASP A N   1 
ATOM   370  C  CA  . ASP A 1 48  ? 2.520   -8.128  -8.222  1.00 15.20 ? 48   ASP A CA  1 
ATOM   371  C  C   . ASP A 1 48  ? 1.568   -6.975  -7.977  1.00 14.34 ? 48   ASP A C   1 
ATOM   372  O  O   . ASP A 1 48  ? 0.736   -6.656  -8.823  1.00 15.85 ? 48   ASP A O   1 
ATOM   373  C  CB  . ASP A 1 48  ? 3.757   -7.565  -8.931  1.00 18.13 ? 48   ASP A CB  1 
ATOM   374  C  CG  . ASP A 1 48  ? 4.927   -8.538  -8.959  1.00 22.90 ? 48   ASP A CG  1 
ATOM   375  O  OD1 . ASP A 1 48  ? 4.974   -9.464  -8.123  1.00 23.41 ? 48   ASP A OD1 1 
ATOM   376  O  OD2 . ASP A 1 48  ? 5.811   -8.360  -9.826  1.00 27.93 ? 48   ASP A OD2 1 
ATOM   377  N  N   . ILE A 1 49  ? 1.685   -6.361  -6.805  1.00 11.17 ? 49   ILE A N   1 
ATOM   378  C  CA  . ILE A 1 49  ? 0.884   -5.203  -6.479  1.00 10.53 ? 49   ILE A CA  1 
ATOM   379  C  C   . ILE A 1 49  ? 1.874   -4.172  -5.927  1.00 12.50 ? 49   ILE A C   1 
ATOM   380  O  O   . ILE A 1 49  ? 2.833   -4.523  -5.220  1.00 12.63 ? 49   ILE A O   1 
ATOM   381  C  CB  . ILE A 1 49  ? -0.250  -5.542  -5.456  1.00 12.59 ? 49   ILE A CB  1 
ATOM   382  C  CG1 . ILE A 1 49  ? 0.288   -6.327  -4.260  1.00 14.79 ? 49   ILE A CG1 1 
ATOM   383  C  CG2 . ILE A 1 49  ? -1.325  -6.366  -6.150  1.00 12.29 ? 49   ILE A CG2 1 
ATOM   384  C  CD1 . ILE A 1 49  ? -0.715  -6.422  -3.113  1.00 12.83 ? 49   ILE A CD1 1 
ATOM   385  N  N   . PHE A 1 50  ? 1.660   -2.913  -6.272  1.00 12.87 ? 50   PHE A N   1 
ATOM   386  C  CA  . PHE A 1 50  ? 2.566   -1.864  -5.847  1.00 13.46 ? 50   PHE A CA  1 
ATOM   387  C  C   . PHE A 1 50  ? 1.900   -0.807  -5.002  1.00 13.04 ? 50   PHE A C   1 
ATOM   388  O  O   . PHE A 1 50  ? 0.669   -0.690  -4.972  1.00 12.83 ? 50   PHE A O   1 
ATOM   389  C  CB  . PHE A 1 50  ? 3.190   -1.186  -7.070  1.00 13.22 ? 50   PHE A CB  1 
ATOM   390  C  CG  . PHE A 1 50  ? 3.783   -2.146  -8.058  1.00 15.34 ? 50   PHE A CG  1 
ATOM   391  C  CD1 . PHE A 1 50  ? 2.980   -2.794  -8.991  1.00 15.57 ? 50   PHE A CD1 1 
ATOM   392  C  CD2 . PHE A 1 50  ? 5.152   -2.409  -8.055  1.00 14.95 ? 50   PHE A CD2 1 
ATOM   393  C  CE1 . PHE A 1 50  ? 3.526   -3.690  -9.910  1.00 15.49 ? 50   PHE A CE1 1 
ATOM   394  C  CE2 . PHE A 1 50  ? 5.709   -3.310  -8.977  1.00 19.58 ? 50   PHE A CE2 1 
ATOM   395  C  CZ  . PHE A 1 50  ? 4.895   -3.947  -9.899  1.00 16.20 ? 50   PHE A CZ  1 
ATOM   396  N  N   . GLY A 1 51  ? 2.736   -0.020  -4.331  1.00 11.80 ? 51   GLY A N   1 
ATOM   397  C  CA  . GLY A 1 51  ? 2.254   1.065   -3.497  1.00 12.94 ? 51   GLY A CA  1 
ATOM   398  C  C   . GLY A 1 51  ? 3.347   2.119   -3.349  1.00 12.77 ? 51   GLY A C   1 
ATOM   399  O  O   . GLY A 1 51  ? 4.497   1.889   -3.729  1.00 13.46 ? 51   GLY A O   1 
ATOM   400  N  N   . ASP A 1 52  ? 2.995   3.279   -2.812  1.00 12.51 ? 52   ASP A N   1 
ATOM   401  C  CA  . ASP A 1 52  ? 3.988   4.322   -2.626  1.00 15.36 ? 52   ASP A CA  1 
ATOM   402  C  C   . ASP A 1 52  ? 3.526   5.310   -1.575  1.00 15.13 ? 52   ASP A C   1 
ATOM   403  O  O   . ASP A 1 52  ? 2.364   5.323   -1.176  1.00 16.34 ? 52   ASP A O   1 
ATOM   404  C  CB  . ASP A 1 52  ? 4.242   5.057   -3.943  1.00 16.41 ? 52   ASP A CB  1 
ATOM   405  C  CG  . ASP A 1 52  ? 3.068   5.912   -4.362  1.00 21.33 ? 52   ASP A CG  1 
ATOM   406  O  OD1 . ASP A 1 52  ? 2.157   5.370   -5.015  1.00 22.56 ? 52   ASP A OD1 1 
ATOM   407  O  OD2 . ASP A 1 52  ? 3.058   7.125   -4.044  1.00 22.93 ? 52   ASP A OD2 1 
ATOM   408  N  N   . GLY A 1 53  ? 4.445   6.137   -1.104  1.00 13.79 ? 53   GLY A N   1 
ATOM   409  C  CA  . GLY A 1 53  ? 4.066   7.108   -0.098  1.00 15.56 ? 53   GLY A CA  1 
ATOM   410  C  C   . GLY A 1 53  ? 5.260   7.769   0.542   1.00 16.05 ? 53   GLY A C   1 
ATOM   411  O  O   . GLY A 1 53  ? 6.405   7.480   0.198   1.00 16.51 ? 53   GLY A O   1 
ATOM   412  N  N   . VAL A 1 54  ? 4.981   8.672   1.472   1.00 17.23 ? 54   VAL A N   1 
ATOM   413  C  CA  . VAL A 1 54  ? 6.030   9.384   2.183   1.00 16.33 ? 54   VAL A CA  1 
ATOM   414  C  C   . VAL A 1 54  ? 6.275   8.646   3.480   1.00 15.50 ? 54   VAL A C   1 
ATOM   415  O  O   . VAL A 1 54  ? 5.350   8.384   4.244   1.00 16.75 ? 54   VAL A O   1 
ATOM   416  C  CB  . VAL A 1 54  ? 5.626   10.831  2.474   1.00 12.74 ? 54   VAL A CB  1 
ATOM   417  C  CG1 . VAL A 1 54  ? 6.676   11.490  3.351   1.00 16.60 ? 54   VAL A CG1 1 
ATOM   418  C  CG2 . VAL A 1 54  ? 5.463   11.587  1.163   1.00 14.52 ? 54   VAL A CG2 1 
ATOM   419  N  N   . LEU A 1 55  ? 7.535   8.311   3.717   1.00 16.26 ? 55   LEU A N   1 
ATOM   420  C  CA  . LEU A 1 55  ? 7.891   7.568   4.902   1.00 13.51 ? 55   LEU A CA  1 
ATOM   421  C  C   . LEU A 1 55  ? 8.025   8.414   6.149   1.00 16.51 ? 55   LEU A C   1 
ATOM   422  O  O   . LEU A 1 55  ? 8.560   9.530   6.113   1.00 15.27 ? 55   LEU A O   1 
ATOM   423  C  CB  . LEU A 1 55  ? 9.205   6.825   4.664   1.00 14.20 ? 55   LEU A CB  1 
ATOM   424  C  CG  . LEU A 1 55  ? 9.834   6.220   5.922   1.00 14.68 ? 55   LEU A CG  1 
ATOM   425  C  CD1 . LEU A 1 55  ? 8.989   5.038   6.369   1.00 9.84  ? 55   LEU A CD1 1 
ATOM   426  C  CD2 . LEU A 1 55  ? 11.277  5.803   5.654   1.00 15.00 ? 55   LEU A CD2 1 
ATOM   427  N  N   . GLU A 1 56  ? 7.511   7.877   7.252   1.00 16.32 ? 56   GLU A N   1 
ATOM   428  C  CA  . GLU A 1 56  ? 7.638   8.499   8.565   1.00 18.25 ? 56   GLU A CA  1 
ATOM   429  C  C   . GLU A 1 56  ? 8.048   7.363   9.484   1.00 16.85 ? 56   GLU A C   1 
ATOM   430  O  O   . GLU A 1 56  ? 7.314   6.395   9.642   1.00 16.93 ? 56   GLU A O   1 
ATOM   431  C  CB  . GLU A 1 56  ? 6.328   9.095   9.100   1.00 15.83 ? 56   GLU A CB  1 
ATOM   432  C  CG  . GLU A 1 56  ? 6.505   9.542   10.566  1.00 18.75 ? 56   GLU A CG  1 
ATOM   433  C  CD  . GLU A 1 56  ? 5.327   10.294  11.176  1.00 21.60 ? 56   GLU A CD  1 
ATOM   434  O  OE1 . GLU A 1 56  ? 4.234   10.329  10.584  1.00 21.56 ? 56   GLU A OE1 1 
ATOM   435  O  OE2 . GLU A 1 56  ? 5.510   10.854  12.283  1.00 25.02 ? 56   GLU A OE2 1 
ATOM   436  N  N   . ILE A 1 57  ? 9.239   7.461   10.056  1.00 19.06 ? 57   ILE A N   1 
ATOM   437  C  CA  . ILE A 1 57  ? 9.725   6.447   10.980  1.00 18.42 ? 57   ILE A CA  1 
ATOM   438  C  C   . ILE A 1 57  ? 9.241   6.846   12.370  1.00 22.08 ? 57   ILE A C   1 
ATOM   439  O  O   . ILE A 1 57  ? 9.488   7.963   12.827  1.00 22.15 ? 57   ILE A O   1 
ATOM   440  C  CB  . ILE A 1 57  ? 11.261  6.385   10.973  1.00 17.48 ? 57   ILE A CB  1 
ATOM   441  C  CG1 . ILE A 1 57  ? 11.759  6.114   9.552   1.00 16.23 ? 57   ILE A CG1 1 
ATOM   442  C  CG2 . ILE A 1 57  ? 11.747  5.311   11.943  1.00 13.79 ? 57   ILE A CG2 1 
ATOM   443  C  CD1 . ILE A 1 57  ? 13.265  6.227   9.381   1.00 16.36 ? 57   ILE A CD1 1 
ATOM   444  N  N   . LEU A 1 58  ? 8.538   5.943   13.042  1.00 21.61 ? 58   LEU A N   1 
ATOM   445  C  CA  . LEU A 1 58  ? 8.030   6.228   14.370  1.00 24.81 ? 58   LEU A CA  1 
ATOM   446  C  C   . LEU A 1 58  ? 9.020   5.839   15.459  1.00 25.77 ? 58   LEU A C   1 
ATOM   447  O  O   . LEU A 1 58  ? 10.109  5.344   15.176  1.00 26.15 ? 58   LEU A O   1 
ATOM   448  C  CB  . LEU A 1 58  ? 6.696   5.509   14.583  1.00 24.16 ? 58   LEU A CB  1 
ATOM   449  C  CG  . LEU A 1 58  ? 5.569   6.039   13.693  1.00 27.44 ? 58   LEU A CG  1 
ATOM   450  C  CD1 . LEU A 1 58  ? 4.246   5.415   14.104  1.00 31.02 ? 58   LEU A CD1 1 
ATOM   451  C  CD2 . LEU A 1 58  ? 5.502   7.555   13.803  1.00 23.26 ? 58   LEU A CD2 1 
ATOM   452  N  N   . GLN A 1 59  ? 8.624   6.074   16.704  1.00 31.02 ? 59   GLN A N   1 
ATOM   453  C  CA  . GLN A 1 59  ? 9.457   5.782   17.868  1.00 35.42 ? 59   GLN A CA  1 
ATOM   454  C  C   . GLN A 1 59  ? 10.029  4.368   17.915  1.00 35.05 ? 59   GLN A C   1 
ATOM   455  O  O   . GLN A 1 59  ? 11.241  4.182   18.064  1.00 36.11 ? 59   GLN A O   1 
ATOM   456  C  CB  . GLN A 1 59  ? 8.657   6.036   19.145  1.00 38.29 ? 59   GLN A CB  1 
ATOM   457  C  CG  . GLN A 1 59  ? 8.816   7.432   19.712  1.00 46.04 ? 59   GLN A CG  1 
ATOM   458  C  CD  . GLN A 1 59  ? 8.596   7.474   21.213  1.00 49.57 ? 59   GLN A CD  1 
ATOM   459  O  OE1 . GLN A 1 59  ? 7.708   8.173   21.706  1.00 51.70 ? 59   GLN A OE1 1 
ATOM   460  N  NE2 . GLN A 1 59  ? 9.404   6.716   21.948  1.00 50.83 ? 59   GLN A NE2 1 
ATOM   461  N  N   . ASP A 1 60  ? 9.157   3.375   17.799  1.00 36.79 ? 60   ASP A N   1 
ATOM   462  C  CA  . ASP A 1 60  ? 9.578   1.982   17.851  1.00 38.90 ? 60   ASP A CA  1 
ATOM   463  C  C   . ASP A 1 60  ? 10.622  1.594   16.800  1.00 37.19 ? 60   ASP A C   1 
ATOM   464  O  O   . ASP A 1 60  ? 11.220  0.524   16.887  1.00 38.44 ? 60   ASP A O   1 
ATOM   465  C  CB  . ASP A 1 60  ? 8.352   1.071   17.733  1.00 46.80 ? 60   ASP A CB  1 
ATOM   466  C  CG  . ASP A 1 60  ? 7.557   0.987   19.031  1.00 51.03 ? 60   ASP A CG  1 
ATOM   467  O  OD1 . ASP A 1 60  ? 7.703   1.899   19.877  1.00 53.97 ? 60   ASP A OD1 1 
ATOM   468  O  OD2 . ASP A 1 60  ? 6.789   0.012   19.207  1.00 52.09 ? 60   ASP A OD2 1 
ATOM   469  N  N   . GLY A 1 61  ? 10.847  2.451   15.809  1.00 32.59 ? 61   GLY A N   1 
ATOM   470  C  CA  . GLY A 1 61  ? 11.844  2.143   14.797  1.00 27.09 ? 61   GLY A CA  1 
ATOM   471  C  C   . GLY A 1 61  ? 11.309  1.684   13.452  1.00 24.74 ? 61   GLY A C   1 
ATOM   472  O  O   . GLY A 1 61  ? 12.064  1.597   12.487  1.00 22.35 ? 61   GLY A O   1 
ATOM   473  N  N   . PHE A 1 62  ? 10.021  1.368   13.382  1.00 23.04 ? 62   PHE A N   1 
ATOM   474  C  CA  . PHE A 1 62  ? 9.443   0.952   12.112  1.00 21.24 ? 62   PHE A CA  1 
ATOM   475  C  C   . PHE A 1 62  ? 8.731   2.170   11.561  1.00 20.52 ? 62   PHE A C   1 
ATOM   476  O  O   . PHE A 1 62  ? 8.585   3.174   12.264  1.00 17.28 ? 62   PHE A O   1 
ATOM   477  C  CB  . PHE A 1 62  ? 8.461   -0.211  12.310  1.00 22.97 ? 62   PHE A CB  1 
ATOM   478  C  CG  . PHE A 1 62  ? 7.287   0.120   13.180  1.00 27.45 ? 62   PHE A CG  1 
ATOM   479  C  CD1 . PHE A 1 62  ? 6.184   0.786   12.654  1.00 30.72 ? 62   PHE A CD1 1 
ATOM   480  C  CD2 . PHE A 1 62  ? 7.278   -0.239  14.520  1.00 30.98 ? 62   PHE A CD2 1 
ATOM   481  C  CE1 . PHE A 1 62  ? 5.089   1.088   13.458  1.00 33.08 ? 62   PHE A CE1 1 
ATOM   482  C  CE2 . PHE A 1 62  ? 6.185   0.059   15.329  1.00 32.30 ? 62   PHE A CE2 1 
ATOM   483  C  CZ  . PHE A 1 62  ? 5.090   0.724   14.797  1.00 33.79 ? 62   PHE A CZ  1 
ATOM   484  N  N   . GLY A 1 63  ? 8.302   2.099   10.307  1.00 19.31 ? 63   GLY A N   1 
ATOM   485  C  CA  . GLY A 1 63  ? 7.622   3.235   9.714   1.00 16.51 ? 63   GLY A CA  1 
ATOM   486  C  C   . GLY A 1 63  ? 6.378   2.884   8.912   1.00 17.04 ? 63   GLY A C   1 
ATOM   487  O  O   . GLY A 1 63  ? 5.926   1.741   8.882   1.00 13.10 ? 63   GLY A O   1 
ATOM   488  N  N   . PHE A 1 64  ? 5.820   3.905   8.277   1.00 14.68 ? 64   PHE A N   1 
ATOM   489  C  CA  . PHE A 1 64  ? 4.641   3.765   7.435   1.00 17.13 ? 64   PHE A CA  1 
ATOM   490  C  C   . PHE A 1 64  ? 4.788   4.745   6.291   1.00 14.81 ? 64   PHE A C   1 
ATOM   491  O  O   . PHE A 1 64  ? 5.377   5.815   6.455   1.00 14.57 ? 64   PHE A O   1 
ATOM   492  C  CB  . PHE A 1 64  ? 3.364   4.122   8.198   1.00 19.54 ? 64   PHE A CB  1 
ATOM   493  C  CG  . PHE A 1 64  ? 2.874   3.043   9.123   1.00 19.39 ? 64   PHE A CG  1 
ATOM   494  C  CD1 . PHE A 1 64  ? 2.291   1.885   8.620   1.00 17.10 ? 64   PHE A CD1 1 
ATOM   495  C  CD2 . PHE A 1 64  ? 2.990   3.194   10.501  1.00 22.12 ? 64   PHE A CD2 1 
ATOM   496  C  CE1 . PHE A 1 64  ? 1.834   0.889   9.481   1.00 21.16 ? 64   PHE A CE1 1 
ATOM   497  C  CE2 . PHE A 1 64  ? 2.532   2.197   11.367  1.00 18.73 ? 64   PHE A CE2 1 
ATOM   498  C  CZ  . PHE A 1 64  ? 1.957   1.053   10.860  1.00 19.40 ? 64   PHE A CZ  1 
ATOM   499  N  N   . LEU A 1 65  ? 4.286   4.376   5.127   1.00 16.48 ? 65   LEU A N   1 
ATOM   500  C  CA  . LEU A 1 65  ? 4.307   5.259   3.974   1.00 14.76 ? 65   LEU A CA  1 
ATOM   501  C  C   . LEU A 1 65  ? 2.899   5.823   3.970   1.00 17.23 ? 65   LEU A C   1 
ATOM   502  O  O   . LEU A 1 65  ? 1.930   5.071   3.993   1.00 15.04 ? 65   LEU A O   1 
ATOM   503  C  CB  . LEU A 1 65  ? 4.554   4.489   2.674   1.00 12.70 ? 65   LEU A CB  1 
ATOM   504  C  CG  . LEU A 1 65  ? 5.853   3.695   2.534   1.00 9.77  ? 65   LEU A CG  1 
ATOM   505  C  CD1 . LEU A 1 65  ? 5.897   3.064   1.141   1.00 9.72  ? 65   LEU A CD1 1 
ATOM   506  C  CD2 . LEU A 1 65  ? 7.052   4.574   2.758   1.00 11.81 ? 65   LEU A CD2 1 
ATOM   507  N  N   . ARG A 1 66  ? 2.778   7.143   3.979   1.00 21.73 ? 66   ARG A N   1 
ATOM   508  C  CA  . ARG A 1 66  ? 1.466   7.779   3.975   1.00 26.32 ? 66   ARG A CA  1 
ATOM   509  C  C   . ARG A 1 66  ? 1.347   8.621   2.709   1.00 26.80 ? 66   ARG A C   1 
ATOM   510  O  O   . ARG A 1 66  ? 2.353   9.055   2.147   1.00 26.42 ? 66   ARG A O   1 
ATOM   511  C  CB  . ARG A 1 66  ? 1.296   8.665   5.217   1.00 29.10 ? 66   ARG A CB  1 
ATOM   512  C  CG  . ARG A 1 66  ? 2.474   8.618   6.175   1.00 34.72 ? 66   ARG A CG  1 
ATOM   513  C  CD  . ARG A 1 66  ? 2.132   9.169   7.551   1.00 30.57 ? 66   ARG A CD  1 
ATOM   514  N  NE  . ARG A 1 66  ? 1.271   8.254   8.298   1.00 34.89 ? 66   ARG A NE  1 
ATOM   515  C  CZ  . ARG A 1 66  ? 1.564   7.759   9.496   1.00 36.65 ? 66   ARG A CZ  1 
ATOM   516  N  NH1 . ARG A 1 66  ? 2.693   8.103   10.098  1.00 34.79 ? 66   ARG A NH1 1 
ATOM   517  N  NH2 . ARG A 1 66  ? 0.721   6.923   10.099  1.00 39.26 ? 66   ARG A NH2 1 
ATOM   518  N  N   . SER A 1 67  ? 0.118   8.841   2.259   1.00 30.33 ? 67   SER A N   1 
ATOM   519  C  CA  . SER A 1 67  ? -0.129  9.634   1.062   1.00 32.87 ? 67   SER A CA  1 
ATOM   520  C  C   . SER A 1 67  ? 0.500   11.008  1.239   1.00 34.25 ? 67   SER A C   1 
ATOM   521  O  O   . SER A 1 67  ? 0.514   11.546  2.344   1.00 31.94 ? 67   SER A O   1 
ATOM   522  C  CB  . SER A 1 67  ? -1.633  9.768   0.839   1.00 35.44 ? 67   SER A CB  1 
ATOM   523  O  OG  . SER A 1 67  ? -2.339  8.825   1.634   1.00 37.99 ? 67   SER A OG  1 
ATOM   524  N  N   . ALA A 1 68  ? 1.028   11.568  0.153   1.00 40.15 ? 68   ALA A N   1 
ATOM   525  C  CA  . ALA A 1 68  ? 1.669   12.878  0.204   1.00 44.56 ? 68   ALA A CA  1 
ATOM   526  C  C   . ALA A 1 68  ? 0.694   13.967  0.623   1.00 47.40 ? 68   ALA A C   1 
ATOM   527  O  O   . ALA A 1 68  ? 1.073   14.934  1.292   1.00 49.71 ? 68   ALA A O   1 
ATOM   528  C  CB  . ALA A 1 68  ? 2.272   13.217  -1.156  1.00 45.04 ? 68   ALA A CB  1 
ATOM   529  N  N   . ASP A 1 69  ? -0.564  13.811  0.232   1.00 49.07 ? 69   ASP A N   1 
ATOM   530  C  CA  . ASP A 1 69  ? -1.592  14.786  0.556   1.00 51.72 ? 69   ASP A CA  1 
ATOM   531  C  C   . ASP A 1 69  ? -2.076  14.630  1.988   1.00 49.62 ? 69   ASP A C   1 
ATOM   532  O  O   . ASP A 1 69  ? -2.845  15.454  2.487   1.00 50.98 ? 69   ASP A O   1 
ATOM   533  C  CB  . ASP A 1 69  ? -2.775  14.633  -0.399  1.00 58.33 ? 69   ASP A CB  1 
ATOM   534  C  CG  . ASP A 1 69  ? -3.494  13.304  -0.224  1.00 65.37 ? 69   ASP A CG  1 
ATOM   535  O  OD1 . ASP A 1 69  ? -3.913  12.990  0.913   1.00 68.03 ? 69   ASP A OD1 1 
ATOM   536  O  OD2 . ASP A 1 69  ? -3.641  12.574  -1.231  1.00 70.26 ? 69   ASP A OD2 1 
ATOM   537  N  N   . SER A 1 70  ? -1.628  13.565  2.643   1.00 46.29 ? 70   SER A N   1 
ATOM   538  C  CA  . SER A 1 70  ? -2.033  13.289  4.014   1.00 44.54 ? 70   SER A CA  1 
ATOM   539  C  C   . SER A 1 70  ? -1.337  14.174  5.042   1.00 41.59 ? 70   SER A C   1 
ATOM   540  O  O   . SER A 1 70  ? -1.749  14.227  6.199   1.00 41.24 ? 70   SER A O   1 
ATOM   541  C  CB  . SER A 1 70  ? -1.761  11.825  4.350   1.00 45.80 ? 70   SER A CB  1 
ATOM   542  O  OG  . SER A 1 70  ? -0.427  11.659  4.795   1.00 50.13 ? 70   SER A OG  1 
ATOM   543  N  N   . SER A 1 71  ? -0.282  14.864  4.627   1.00 40.42 ? 71   SER A N   1 
ATOM   544  C  CA  . SER A 1 71  ? 0.454   15.738  5.536   1.00 40.07 ? 71   SER A CA  1 
ATOM   545  C  C   . SER A 1 71  ? 0.925   14.980  6.782   1.00 37.75 ? 71   SER A C   1 
ATOM   546  O  O   . SER A 1 71  ? 1.120   15.572  7.845   1.00 38.04 ? 71   SER A O   1 
ATOM   547  C  CB  . SER A 1 71  ? -0.420  16.928  5.946   1.00 40.98 ? 71   SER A CB  1 
ATOM   548  O  OG  . SER A 1 71  ? -0.742  17.734  4.825   1.00 44.57 ? 71   SER A OG  1 
ATOM   549  N  N   . TYR A 1 72  ? 1.091   13.667  6.629   1.00 34.89 ? 72   TYR A N   1 
ATOM   550  C  CA  . TYR A 1 72  ? 1.554   12.775  7.695   1.00 30.05 ? 72   TYR A CA  1 
ATOM   551  C  C   . TYR A 1 72  ? 0.483   12.262  8.647   1.00 27.94 ? 72   TYR A C   1 
ATOM   552  O  O   . TYR A 1 72  ? 0.792   11.785  9.740   1.00 26.47 ? 72   TYR A O   1 
ATOM   553  C  CB  . TYR A 1 72  ? 2.679   13.430  8.498   1.00 27.33 ? 72   TYR A CB  1 
ATOM   554  C  CG  . TYR A 1 72  ? 3.976   13.533  7.731   1.00 24.97 ? 72   TYR A CG  1 
ATOM   555  C  CD1 . TYR A 1 72  ? 4.866   12.460  7.681   1.00 25.32 ? 72   TYR A CD1 1 
ATOM   556  C  CD2 . TYR A 1 72  ? 4.319   14.704  7.069   1.00 26.09 ? 72   TYR A CD2 1 
ATOM   557  C  CE1 . TYR A 1 72  ? 6.068   12.553  6.990   1.00 23.84 ? 72   TYR A CE1 1 
ATOM   558  C  CE2 . TYR A 1 72  ? 5.518   14.812  6.376   1.00 27.89 ? 72   TYR A CE2 1 
ATOM   559  C  CZ  . TYR A 1 72  ? 6.388   13.733  6.340   1.00 27.16 ? 72   TYR A CZ  1 
ATOM   560  O  OH  . TYR A 1 72  ? 7.576   13.843  5.655   1.00 26.54 ? 72   TYR A OH  1 
ATOM   561  N  N   . LEU A 1 73  ? -0.774  12.355  8.235   1.00 27.30 ? 73   LEU A N   1 
ATOM   562  C  CA  . LEU A 1 73  ? -1.861  11.850  9.061   1.00 27.35 ? 73   LEU A CA  1 
ATOM   563  C  C   . LEU A 1 73  ? -1.951  10.347  8.852   1.00 26.79 ? 73   LEU A C   1 
ATOM   564  O  O   . LEU A 1 73  ? -1.903  9.875   7.718   1.00 27.18 ? 73   LEU A O   1 
ATOM   565  C  CB  . LEU A 1 73  ? -3.181  12.492  8.657   1.00 30.62 ? 73   LEU A CB  1 
ATOM   566  C  CG  . LEU A 1 73  ? -4.202  12.470  9.787   1.00 34.52 ? 73   LEU A CG  1 
ATOM   567  C  CD1 . LEU A 1 73  ? -3.772  13.455  10.863  1.00 35.13 ? 73   LEU A CD1 1 
ATOM   568  C  CD2 . LEU A 1 73  ? -5.579  12.816  9.244   1.00 40.18 ? 73   LEU A CD2 1 
ATOM   569  N  N   . ALA A 1 74  ? -2.081  9.598   9.940   1.00 26.33 ? 74   ALA A N   1 
ATOM   570  C  CA  . ALA A 1 74  ? -2.161  8.145   9.866   1.00 25.15 ? 74   ALA A CA  1 
ATOM   571  C  C   . ALA A 1 74  ? -3.472  7.670   9.258   1.00 26.67 ? 74   ALA A C   1 
ATOM   572  O  O   . ALA A 1 74  ? -4.515  8.298   9.447   1.00 28.09 ? 74   ALA A O   1 
ATOM   573  C  CB  . ALA A 1 74  ? -1.987  7.554   11.248  1.00 29.99 ? 74   ALA A CB  1 
ATOM   574  N  N   . GLY A 1 75  ? -3.416  6.554   8.533   1.00 26.55 ? 75   GLY A N   1 
ATOM   575  C  CA  . GLY A 1 75  ? -4.603  6.007   7.896   1.00 24.76 ? 75   GLY A CA  1 
ATOM   576  C  C   . GLY A 1 75  ? -4.565  4.498   7.727   1.00 24.95 ? 75   GLY A C   1 
ATOM   577  O  O   . GLY A 1 75  ? -3.496  3.898   7.804   1.00 24.59 ? 75   GLY A O   1 
ATOM   578  N  N   . PRO A 1 76  ? -5.716  3.859   7.480   1.00 25.05 ? 76   PRO A N   1 
ATOM   579  C  CA  . PRO A 1 76  ? -5.806  2.401   7.304   1.00 24.14 ? 76   PRO A CA  1 
ATOM   580  C  C   . PRO A 1 76  ? -5.039  1.833   6.121   1.00 21.65 ? 76   PRO A C   1 
ATOM   581  O  O   . PRO A 1 76  ? -4.577  0.698   6.157   1.00 22.93 ? 76   PRO A O   1 
ATOM   582  C  CB  . PRO A 1 76  ? -7.309  2.132   7.186   1.00 24.94 ? 76   PRO A CB  1 
ATOM   583  C  CG  . PRO A 1 76  ? -7.902  3.427   6.778   1.00 29.31 ? 76   PRO A CG  1 
ATOM   584  C  CD  . PRO A 1 76  ? -7.030  4.515   7.352   1.00 28.05 ? 76   PRO A CD  1 
ATOM   585  N  N   . ASP A 1 77  ? -4.907  2.615   5.062   1.00 20.25 ? 77   ASP A N   1 
ATOM   586  C  CA  . ASP A 1 77  ? -4.175  2.130   3.904   1.00 21.31 ? 77   ASP A CA  1 
ATOM   587  C  C   . ASP A 1 77  ? -2.695  2.480   3.993   1.00 18.82 ? 77   ASP A C   1 
ATOM   588  O  O   . ASP A 1 77  ? -1.981  2.403   2.999   1.00 17.08 ? 77   ASP A O   1 
ATOM   589  C  CB  . ASP A 1 77  ? -4.778  2.668   2.604   1.00 23.56 ? 77   ASP A CB  1 
ATOM   590  C  CG  . ASP A 1 77  ? -5.221  4.101   2.716   1.00 29.14 ? 77   ASP A CG  1 
ATOM   591  O  OD1 . ASP A 1 77  ? -4.889  4.752   3.728   1.00 32.74 ? 77   ASP A OD1 1 
ATOM   592  O  OD2 . ASP A 1 77  ? -5.902  4.577   1.783   1.00 31.39 ? 77   ASP A OD2 1 
ATOM   593  N  N   . ASP A 1 78  ? -2.237  2.876   5.181   1.00 17.43 ? 78   ASP A N   1 
ATOM   594  C  CA  . ASP A 1 78  ? -0.824  3.187   5.372   1.00 18.45 ? 78   ASP A CA  1 
ATOM   595  C  C   . ASP A 1 78  ? -0.009  1.922   5.093   1.00 18.03 ? 78   ASP A C   1 
ATOM   596  O  O   . ASP A 1 78  ? -0.420  0.825   5.474   1.00 15.26 ? 78   ASP A O   1 
ATOM   597  C  CB  . ASP A 1 78  ? -0.566  3.630   6.821   1.00 21.34 ? 78   ASP A CB  1 
ATOM   598  C  CG  . ASP A 1 78  ? -0.964  5.077   7.074   1.00 28.14 ? 78   ASP A CG  1 
ATOM   599  O  OD1 . ASP A 1 78  ? -1.604  5.689   6.183   1.00 29.58 ? 78   ASP A OD1 1 
ATOM   600  O  OD2 . ASP A 1 78  ? -0.638  5.600   8.158   1.00 27.97 ? 78   ASP A OD2 1 
ATOM   601  N  N   . ILE A 1 79  ? 1.138   2.065   4.439   1.00 14.65 ? 79   ILE A N   1 
ATOM   602  C  CA  . ILE A 1 79  ? 1.966   0.898   4.138   1.00 13.22 ? 79   ILE A CA  1 
ATOM   603  C  C   . ILE A 1 79  ? 3.066   0.756   5.188   1.00 12.13 ? 79   ILE A C   1 
ATOM   604  O  O   . ILE A 1 79  ? 3.862   1.666   5.402   1.00 11.03 ? 79   ILE A O   1 
ATOM   605  C  CB  . ILE A 1 79  ? 2.610   1.009   2.733   1.00 13.58 ? 79   ILE A CB  1 
ATOM   606  C  CG1 . ILE A 1 79  ? 1.511   1.045   1.667   1.00 13.09 ? 79   ILE A CG1 1 
ATOM   607  C  CG2 . ILE A 1 79  ? 3.523   -0.187  2.464   1.00 9.67  ? 79   ILE A CG2 1 
ATOM   608  C  CD1 . ILE A 1 79  ? 1.952   1.662   0.359   1.00 11.66 ? 79   ILE A CD1 1 
ATOM   609  N  N   . TYR A 1 80  ? 3.084   -0.396  5.850   1.00 11.80 ? 80   TYR A N   1 
ATOM   610  C  CA  . TYR A 1 80  ? 4.070   -0.684  6.884   1.00 10.48 ? 80   TYR A CA  1 
ATOM   611  C  C   . TYR A 1 80  ? 5.460   -0.904  6.321   1.00 12.33 ? 80   TYR A C   1 
ATOM   612  O  O   . TYR A 1 80  ? 5.629   -1.639  5.348   1.00 12.30 ? 80   TYR A O   1 
ATOM   613  C  CB  . TYR A 1 80  ? 3.643   -1.911  7.695   1.00 11.92 ? 80   TYR A CB  1 
ATOM   614  C  CG  . TYR A 1 80  ? 4.710   -2.428  8.633   1.00 12.92 ? 80   TYR A CG  1 
ATOM   615  C  CD1 . TYR A 1 80  ? 4.962   -1.799  9.846   1.00 12.95 ? 80   TYR A CD1 1 
ATOM   616  C  CD2 . TYR A 1 80  ? 5.505   -3.518  8.279   1.00 16.39 ? 80   TYR A CD2 1 
ATOM   617  C  CE1 . TYR A 1 80  ? 5.991   -2.227  10.682  1.00 12.88 ? 80   TYR A CE1 1 
ATOM   618  C  CE2 . TYR A 1 80  ? 6.535   -3.958  9.108   1.00 17.01 ? 80   TYR A CE2 1 
ATOM   619  C  CZ  . TYR A 1 80  ? 6.772   -3.309  10.304  1.00 15.55 ? 80   TYR A CZ  1 
ATOM   620  O  OH  . TYR A 1 80  ? 7.809   -3.732  11.104  1.00 18.88 ? 80   TYR A OH  1 
ATOM   621  N  N   . VAL A 1 81  ? 6.456   -0.279  6.948   1.00 11.71 ? 81   VAL A N   1 
ATOM   622  C  CA  . VAL A 1 81  ? 7.845   -0.420  6.549   1.00 9.65  ? 81   VAL A CA  1 
ATOM   623  C  C   . VAL A 1 81  ? 8.632   -0.909  7.753   1.00 11.39 ? 81   VAL A C   1 
ATOM   624  O  O   . VAL A 1 81  ? 8.634   -0.266  8.796   1.00 11.66 ? 81   VAL A O   1 
ATOM   625  C  CB  . VAL A 1 81  ? 8.416   0.915   6.091   1.00 12.44 ? 81   VAL A CB  1 
ATOM   626  C  CG1 . VAL A 1 81  ? 9.863   0.735   5.623   1.00 10.46 ? 81   VAL A CG1 1 
ATOM   627  C  CG2 . VAL A 1 81  ? 7.537   1.481   4.958   1.00 11.76 ? 81   VAL A CG2 1 
ATOM   628  N  N   . SER A 1 82  ? 9.313   -2.034  7.603   1.00 11.41 ? 82   SER A N   1 
ATOM   629  C  CA  . SER A 1 82  ? 10.061  -2.631  8.701   1.00 11.28 ? 82   SER A CA  1 
ATOM   630  C  C   . SER A 1 82  ? 11.378  -1.966  9.034   1.00 12.74 ? 82   SER A C   1 
ATOM   631  O  O   . SER A 1 82  ? 11.968  -1.257  8.214   1.00 12.34 ? 82   SER A O   1 
ATOM   632  C  CB  . SER A 1 82  ? 10.332  -4.112  8.403   1.00 12.77 ? 82   SER A CB  1 
ATOM   633  O  OG  . SER A 1 82  ? 11.488  -4.238  7.604   1.00 15.28 ? 82   SER A OG  1 
ATOM   634  N  N   . PRO A 1 83  ? 11.848  -2.156  10.276  1.00 13.83 ? 83   PRO A N   1 
ATOM   635  C  CA  . PRO A 1 83  ? 13.121  -1.580  10.711  1.00 13.55 ? 83   PRO A CA  1 
ATOM   636  C  C   . PRO A 1 83  ? 14.254  -2.113  9.838   1.00 15.01 ? 83   PRO A C   1 
ATOM   637  O  O   . PRO A 1 83  ? 15.228  -1.408  9.584   1.00 17.04 ? 83   PRO A O   1 
ATOM   638  C  CB  . PRO A 1 83  ? 13.244  -2.057  12.160  1.00 12.77 ? 83   PRO A CB  1 
ATOM   639  C  CG  . PRO A 1 83  ? 11.830  -2.293  12.585  1.00 13.17 ? 83   PRO A CG  1 
ATOM   640  C  CD  . PRO A 1 83  ? 11.168  -2.857  11.377  1.00 11.29 ? 83   PRO A CD  1 
ATOM   641  N  N   . SER A 1 84  ? 14.118  -3.359  9.379   1.00 16.01 ? 84   SER A N   1 
ATOM   642  C  CA  . SER A 1 84  ? 15.151  -3.954  8.541   1.00 16.72 ? 84   SER A CA  1 
ATOM   643  C  C   . SER A 1 84  ? 15.209  -3.301  7.161   1.00 15.93 ? 84   SER A C   1 
ATOM   644  O  O   . SER A 1 84  ? 16.297  -3.140  6.606   1.00 17.53 ? 84   SER A O   1 
ATOM   645  C  CB  . SER A 1 84  ? 14.937  -5.477  8.409   1.00 17.23 ? 84   SER A CB  1 
ATOM   646  O  OG  . SER A 1 84  ? 13.601  -5.795  8.090   1.00 26.66 ? 84   SER A OG  1 
ATOM   647  N  N   . GLN A 1 85  ? 14.057  -2.911  6.619   1.00 16.29 ? 85   GLN A N   1 
ATOM   648  C  CA  . GLN A 1 85  ? 14.023  -2.252  5.310   1.00 15.18 ? 85   GLN A CA  1 
ATOM   649  C  C   . GLN A 1 85  ? 14.606  -0.840  5.421   1.00 14.43 ? 85   GLN A C   1 
ATOM   650  O  O   . GLN A 1 85  ? 15.300  -0.358  4.526   1.00 13.81 ? 85   GLN A O   1 
ATOM   651  C  CB  . GLN A 1 85  ? 12.587  -2.182  4.777   1.00 14.89 ? 85   GLN A CB  1 
ATOM   652  C  CG  . GLN A 1 85  ? 12.188  -3.397  3.943   1.00 19.41 ? 85   GLN A CG  1 
ATOM   653  C  CD  . GLN A 1 85  ? 10.681  -3.607  3.885   1.00 22.18 ? 85   GLN A CD  1 
ATOM   654  O  OE1 . GLN A 1 85  ? 9.924   -3.004  4.658   1.00 24.46 ? 85   GLN A OE1 1 
ATOM   655  N  NE2 . GLN A 1 85  ? 10.239  -4.461  2.974   1.00 19.60 ? 85   GLN A NE2 1 
ATOM   656  N  N   . ILE A 1 86  ? 14.326  -0.195  6.547   1.00 14.14 ? 86   ILE A N   1 
ATOM   657  C  CA  . ILE A 1 86  ? 14.824  1.151   6.792   1.00 12.98 ? 86   ILE A CA  1 
ATOM   658  C  C   . ILE A 1 86  ? 16.351  1.119   6.878   1.00 15.20 ? 86   ILE A C   1 
ATOM   659  O  O   . ILE A 1 86  ? 17.036  1.964   6.307   1.00 14.50 ? 86   ILE A O   1 
ATOM   660  C  CB  . ILE A 1 86  ? 14.201  1.709   8.092   1.00 12.57 ? 86   ILE A CB  1 
ATOM   661  C  CG1 . ILE A 1 86  ? 12.732  2.060   7.835   1.00 14.44 ? 86   ILE A CG1 1 
ATOM   662  C  CG2 . ILE A 1 86  ? 14.970  2.938   8.570   1.00 13.56 ? 86   ILE A CG2 1 
ATOM   663  C  CD1 . ILE A 1 86  ? 11.869  2.155   9.075   1.00 14.21 ? 86   ILE A CD1 1 
ATOM   664  N  N   . ARG A 1 87  ? 16.882  0.119   7.581   1.00 16.40 ? 87   ARG A N   1 
ATOM   665  C  CA  . ARG A 1 87  ? 18.328  -0.019  7.722   1.00 17.59 ? 87   ARG A CA  1 
ATOM   666  C  C   . ARG A 1 87  ? 18.977  -0.437  6.411   1.00 18.11 ? 87   ARG A C   1 
ATOM   667  O  O   . ARG A 1 87  ? 20.019  0.085   6.027   1.00 16.18 ? 87   ARG A O   1 
ATOM   668  C  CB  . ARG A 1 87  ? 18.665  -1.062  8.787   1.00 18.59 ? 87   ARG A CB  1 
ATOM   669  C  CG  . ARG A 1 87  ? 18.244  -0.661  10.183  1.00 28.85 ? 87   ARG A CG  1 
ATOM   670  C  CD  . ARG A 1 87  ? 18.719  -1.683  11.202  1.00 34.45 ? 87   ARG A CD  1 
ATOM   671  N  NE  . ARG A 1 87  ? 17.660  -2.023  12.146  1.00 40.69 ? 87   ARG A NE  1 
ATOM   672  C  CZ  . ARG A 1 87  ? 17.058  -3.205  12.192  1.00 41.72 ? 87   ARG A CZ  1 
ATOM   673  N  NH1 . ARG A 1 87  ? 17.409  -4.163  11.343  1.00 42.26 ? 87   ARG A NH1 1 
ATOM   674  N  NH2 . ARG A 1 87  ? 16.104  -3.428  13.087  1.00 45.47 ? 87   ARG A NH2 1 
ATOM   675  N  N   . ARG A 1 88  ? 18.346  -1.383  5.728   1.00 17.94 ? 88   ARG A N   1 
ATOM   676  C  CA  . ARG A 1 88  ? 18.876  -1.883  4.470   1.00 17.32 ? 88   ARG A CA  1 
ATOM   677  C  C   . ARG A 1 88  ? 19.151  -0.752  3.491   1.00 18.28 ? 88   ARG A C   1 
ATOM   678  O  O   . ARG A 1 88  ? 20.184  -0.747  2.824   1.00 18.84 ? 88   ARG A O   1 
ATOM   679  C  CB  . ARG A 1 88  ? 17.905  -2.892  3.849   1.00 18.37 ? 88   ARG A CB  1 
ATOM   680  C  CG  . ARG A 1 88  ? 18.205  -3.256  2.398   1.00 23.89 ? 88   ARG A CG  1 
ATOM   681  C  CD  . ARG A 1 88  ? 19.565  -3.906  2.249   1.00 29.13 ? 88   ARG A CD  1 
ATOM   682  N  NE  . ARG A 1 88  ? 19.824  -4.315  0.871   1.00 34.88 ? 88   ARG A NE  1 
ATOM   683  C  CZ  . ARG A 1 88  ? 20.615  -3.656  0.031   1.00 38.78 ? 88   ARG A CZ  1 
ATOM   684  N  NH1 . ARG A 1 88  ? 21.235  -2.548  0.422   1.00 40.48 ? 88   ARG A NH1 1 
ATOM   685  N  NH2 . ARG A 1 88  ? 20.780  -4.099  -1.210  1.00 39.32 ? 88   ARG A NH2 1 
ATOM   686  N  N   . PHE A 1 89  ? 18.230  0.208   3.420   1.00 17.24 ? 89   PHE A N   1 
ATOM   687  C  CA  . PHE A 1 89  ? 18.392  1.325   2.493   1.00 17.83 ? 89   PHE A CA  1 
ATOM   688  C  C   . PHE A 1 89  ? 18.594  2.677   3.178   1.00 20.34 ? 89   PHE A C   1 
ATOM   689  O  O   . PHE A 1 89  ? 18.423  3.729   2.551   1.00 22.63 ? 89   PHE A O   1 
ATOM   690  C  CB  . PHE A 1 89  ? 17.188  1.379   1.561   1.00 15.45 ? 89   PHE A CB  1 
ATOM   691  C  CG  . PHE A 1 89  ? 16.983  0.120   0.772   1.00 16.27 ? 89   PHE A CG  1 
ATOM   692  C  CD1 . PHE A 1 89  ? 17.845  -0.210  -0.269  1.00 15.37 ? 89   PHE A CD1 1 
ATOM   693  C  CD2 . PHE A 1 89  ? 15.927  -0.732  1.061   1.00 15.04 ? 89   PHE A CD2 1 
ATOM   694  C  CE1 . PHE A 1 89  ? 17.657  -1.372  -1.008  1.00 17.59 ? 89   PHE A CE1 1 
ATOM   695  C  CE2 . PHE A 1 89  ? 15.731  -1.901  0.321   1.00 16.53 ? 89   PHE A CE2 1 
ATOM   696  C  CZ  . PHE A 1 89  ? 16.597  -2.218  -0.713  1.00 15.77 ? 89   PHE A CZ  1 
ATOM   697  N  N   . ASN A 1 90  ? 18.977  2.645   4.454   1.00 18.45 ? 90   ASN A N   1 
ATOM   698  C  CA  . ASN A 1 90  ? 19.206  3.867   5.221   1.00 21.04 ? 90   ASN A CA  1 
ATOM   699  C  C   . ASN A 1 90  ? 18.095  4.842   4.918   1.00 20.74 ? 90   ASN A C   1 
ATOM   700  O  O   . ASN A 1 90  ? 18.335  5.966   4.478   1.00 20.08 ? 90   ASN A O   1 
ATOM   701  C  CB  . ASN A 1 90  ? 20.558  4.494   4.860   1.00 25.06 ? 90   ASN A CB  1 
ATOM   702  C  CG  . ASN A 1 90  ? 20.940  5.649   5.789   1.00 32.86 ? 90   ASN A CG  1 
ATOM   703  O  OD1 . ASN A 1 90  ? 21.248  6.754   5.333   1.00 37.31 ? 90   ASN A OD1 1 
ATOM   704  N  ND2 . ASN A 1 90  ? 20.924  5.395   7.098   1.00 34.15 ? 90   ASN A ND2 1 
ATOM   705  N  N   . LEU A 1 91  ? 16.869  4.394   5.150   1.00 18.49 ? 91   LEU A N   1 
ATOM   706  C  CA  . LEU A 1 91  ? 15.704  5.222   4.893   1.00 17.62 ? 91   LEU A CA  1 
ATOM   707  C  C   . LEU A 1 91  ? 15.572  6.325   5.932   1.00 20.21 ? 91   LEU A C   1 
ATOM   708  O  O   . LEU A 1 91  ? 15.978  6.172   7.090   1.00 18.12 ? 91   LEU A O   1 
ATOM   709  C  CB  . LEU A 1 91  ? 14.440  4.355   4.841   1.00 15.02 ? 91   LEU A CB  1 
ATOM   710  C  CG  . LEU A 1 91  ? 14.465  3.265   3.757   1.00 15.22 ? 91   LEU A CG  1 
ATOM   711  C  CD1 . LEU A 1 91  ? 13.142  2.540   3.717   1.00 14.07 ? 91   LEU A CD1 1 
ATOM   712  C  CD2 . LEU A 1 91  ? 14.755  3.890   2.393   1.00 15.92 ? 91   LEU A CD2 1 
ATOM   713  N  N   . ARG A 1 92  ? 14.999  7.443   5.494   1.00 21.09 ? 92   ARG A N   1 
ATOM   714  C  CA  . ARG A 1 92  ? 14.807  8.615   6.332   1.00 24.42 ? 92   ARG A CA  1 
ATOM   715  C  C   . ARG A 1 92  ? 13.367  9.129   6.285   1.00 22.84 ? 92   ARG A C   1 
ATOM   716  O  O   . ARG A 1 92  ? 12.692  9.042   5.253   1.00 19.60 ? 92   ARG A O   1 
ATOM   717  C  CB  . ARG A 1 92  ? 15.748  9.723   5.857   1.00 29.99 ? 92   ARG A CB  1 
ATOM   718  C  CG  . ARG A 1 92  ? 16.107  10.739  6.919   1.00 44.32 ? 92   ARG A CG  1 
ATOM   719  C  CD  . ARG A 1 92  ? 17.342  11.526  6.513   1.00 52.18 ? 92   ARG A CD  1 
ATOM   720  N  NE  . ARG A 1 92  ? 18.331  10.701  5.822   1.00 59.64 ? 92   ARG A NE  1 
ATOM   721  C  CZ  . ARG A 1 92  ? 18.957  9.658   6.368   1.00 64.69 ? 92   ARG A CZ  1 
ATOM   722  N  NH1 . ARG A 1 92  ? 18.714  9.312   7.629   1.00 65.92 ? 92   ARG A NH1 1 
ATOM   723  N  NH2 . ARG A 1 92  ? 19.847  8.975   5.659   1.00 66.68 ? 92   ARG A NH2 1 
ATOM   724  N  N   . THR A 1 93  ? 12.892  9.657   7.406   1.00 20.12 ? 93   THR A N   1 
ATOM   725  C  CA  . THR A 1 93  ? 11.549  10.208  7.447   1.00 22.08 ? 93   THR A CA  1 
ATOM   726  C  C   . THR A 1 93  ? 11.551  11.304  6.384   1.00 20.27 ? 93   THR A C   1 
ATOM   727  O  O   . THR A 1 93  ? 12.530  12.052  6.250   1.00 19.05 ? 93   THR A O   1 
ATOM   728  C  CB  . THR A 1 93  ? 11.233  10.831  8.829   1.00 20.46 ? 93   THR A CB  1 
ATOM   729  O  OG1 . THR A 1 93  ? 11.146  9.794   9.813   1.00 20.40 ? 93   THR A OG1 1 
ATOM   730  C  CG2 . THR A 1 93  ? 9.908   11.585  8.798   1.00 20.03 ? 93   THR A CG2 1 
ATOM   731  N  N   . GLY A 1 94  ? 10.470  11.389  5.617   1.00 16.43 ? 94   GLY A N   1 
ATOM   732  C  CA  . GLY A 1 94  ? 10.401  12.403  4.581   1.00 17.10 ? 94   GLY A CA  1 
ATOM   733  C  C   . GLY A 1 94  ? 10.794  11.832  3.236   1.00 18.39 ? 94   GLY A C   1 
ATOM   734  O  O   . GLY A 1 94  ? 10.629  12.479  2.197   1.00 19.27 ? 94   GLY A O   1 
ATOM   735  N  N   . ASP A 1 95  ? 11.333  10.623  3.250   1.00 15.80 ? 95   ASP A N   1 
ATOM   736  C  CA  . ASP A 1 95  ? 11.727  9.966   2.021   1.00 17.06 ? 95   ASP A CA  1 
ATOM   737  C  C   . ASP A 1 95  ? 10.468  9.503   1.296   1.00 17.50 ? 95   ASP A C   1 
ATOM   738  O  O   . ASP A 1 95  ? 9.480   9.118   1.929   1.00 17.37 ? 95   ASP A O   1 
ATOM   739  C  CB  . ASP A 1 95  ? 12.587  8.731   2.323   1.00 19.98 ? 95   ASP A CB  1 
ATOM   740  C  CG  . ASP A 1 95  ? 14.059  9.046   2.424   1.00 23.31 ? 95   ASP A CG  1 
ATOM   741  O  OD1 . ASP A 1 95  ? 14.442  10.219  2.205   1.00 19.74 ? 95   ASP A OD1 1 
ATOM   742  O  OD2 . ASP A 1 95  ? 14.837  8.115   2.724   1.00 21.01 ? 95   ASP A OD2 1 
ATOM   743  N  N   . THR A 1 96  ? 10.502  9.551   -0.030  1.00 15.57 ? 96   THR A N   1 
ATOM   744  C  CA  . THR A 1 96  ? 9.383   9.077   -0.828  1.00 16.45 ? 96   THR A CA  1 
ATOM   745  C  C   . THR A 1 96  ? 9.778   7.673   -1.246  1.00 17.00 ? 96   THR A C   1 
ATOM   746  O  O   . THR A 1 96  ? 10.872  7.455   -1.768  1.00 16.98 ? 96   THR A O   1 
ATOM   747  C  CB  . THR A 1 96  ? 9.160   9.947   -2.069  1.00 17.65 ? 96   THR A CB  1 
ATOM   748  O  OG1 . THR A 1 96  ? 8.593   11.191  -1.665  1.00 19.77 ? 96   THR A OG1 1 
ATOM   749  C  CG2 . THR A 1 96  ? 8.203   9.255   -3.039  1.00 20.02 ? 96   THR A CG2 1 
ATOM   750  N  N   . ILE A 1 97  ? 8.888   6.719   -0.996  1.00 14.50 ? 97   ILE A N   1 
ATOM   751  C  CA  . ILE A 1 97  ? 9.178   5.334   -1.326  1.00 14.60 ? 97   ILE A CA  1 
ATOM   752  C  C   . ILE A 1 97  ? 8.106   4.716   -2.208  1.00 14.38 ? 97   ILE A C   1 
ATOM   753  O  O   . ILE A 1 97  ? 6.929   5.042   -2.084  1.00 16.66 ? 97   ILE A O   1 
ATOM   754  C  CB  . ILE A 1 97  ? 9.283   4.492   -0.042  1.00 14.70 ? 97   ILE A CB  1 
ATOM   755  C  CG1 . ILE A 1 97  ? 10.137  5.227   1.002   1.00 15.54 ? 97   ILE A CG1 1 
ATOM   756  C  CG2 . ILE A 1 97  ? 9.796   3.099   -0.374  1.00 13.15 ? 97   ILE A CG2 1 
ATOM   757  C  CD1 . ILE A 1 97  ? 11.610  5.261   0.696   1.00 18.25 ? 97   ILE A CD1 1 
ATOM   758  N  N   . SER A 1 98  ? 8.520   3.833   -3.108  1.00 13.53 ? 98   SER A N   1 
ATOM   759  C  CA  . SER A 1 98  ? 7.603   3.128   -3.991  1.00 12.55 ? 98   SER A CA  1 
ATOM   760  C  C   . SER A 1 98  ? 8.158   1.725   -4.169  1.00 12.94 ? 98   SER A C   1 
ATOM   761  O  O   . SER A 1 98  ? 9.377   1.509   -4.129  1.00 15.07 ? 98   SER A O   1 
ATOM   762  C  CB  . SER A 1 98  ? 7.483   3.835   -5.344  1.00 17.82 ? 98   SER A CB  1 
ATOM   763  O  OG  . SER A 1 98  ? 8.571   3.518   -6.186  1.00 20.35 ? 98   SER A OG  1 
ATOM   764  N  N   . GLY A 1 99  ? 7.272   0.759   -4.341  1.00 10.72 ? 99   GLY A N   1 
ATOM   765  C  CA  . GLY A 1 99  ? 7.741   -0.602  -4.502  1.00 11.62 ? 99   GLY A CA  1 
ATOM   766  C  C   . GLY A 1 99  ? 6.621   -1.601  -4.440  1.00 9.63  ? 99   GLY A C   1 
ATOM   767  O  O   . GLY A 1 99  ? 5.446   -1.232  -4.504  1.00 9.98  ? 99   GLY A O   1 
ATOM   768  N  N   . LYS A 1 100 ? 6.990   -2.868  -4.334  1.00 10.28 ? 100  LYS A N   1 
ATOM   769  C  CA  . LYS A 1 100 ? 6.031   -3.957  -4.256  1.00 11.19 ? 100  LYS A CA  1 
ATOM   770  C  C   . LYS A 1 100 ? 5.512   -4.059  -2.838  1.00 12.43 ? 100  LYS A C   1 
ATOM   771  O  O   . LYS A 1 100 ? 6.256   -3.907  -1.876  1.00 14.16 ? 100  LYS A O   1 
ATOM   772  C  CB  . LYS A 1 100 ? 6.692   -5.290  -4.628  1.00 12.84 ? 100  LYS A CB  1 
ATOM   773  C  CG  . LYS A 1 100 ? 7.118   -5.402  -6.086  1.00 23.90 ? 100  LYS A CG  1 
ATOM   774  C  CD  . LYS A 1 100 ? 7.042   -6.853  -6.570  1.00 28.20 ? 100  LYS A CD  1 
ATOM   775  C  CE  . LYS A 1 100 ? 8.403   -7.537  -6.503  1.00 34.19 ? 100  LYS A CE  1 
ATOM   776  N  NZ  . LYS A 1 100 ? 8.424   -8.836  -7.236  1.00 34.35 ? 100  LYS A NZ  1 
ATOM   777  N  N   . ILE A 1 101 ? 4.227   -4.336  -2.713  1.00 11.09 ? 101  ILE A N   1 
ATOM   778  C  CA  . ILE A 1 101 ? 3.629   -4.469  -1.404  1.00 10.59 ? 101  ILE A CA  1 
ATOM   779  C  C   . ILE A 1 101 ? 2.914   -5.803  -1.350  1.00 11.90 ? 101  ILE A C   1 
ATOM   780  O  O   . ILE A 1 101 ? 2.719   -6.451  -2.377  1.00 10.26 ? 101  ILE A O   1 
ATOM   781  C  CB  . ILE A 1 101 ? 2.636   -3.325  -1.129  1.00 11.53 ? 101  ILE A CB  1 
ATOM   782  C  CG1 . ILE A 1 101 ? 1.461   -3.389  -2.114  1.00 13.58 ? 101  ILE A CG1 1 
ATOM   783  C  CG2 . ILE A 1 101 ? 3.346   -1.984  -1.235  1.00 10.27 ? 101  ILE A CG2 1 
ATOM   784  C  CD1 . ILE A 1 101 ? 0.418   -2.304  -1.907  1.00 12.85 ? 101  ILE A CD1 1 
ATOM   785  N  N   . ARG A 1 102 ? 2.558   -6.240  -0.155  1.00 13.60 ? 102  ARG A N   1 
ATOM   786  C  CA  . ARG A 1 102 ? 1.826   -7.493  -0.010  1.00 16.84 ? 102  ARG A CA  1 
ATOM   787  C  C   . ARG A 1 102 ? 0.631   -7.232  0.889   1.00 16.11 ? 102  ARG A C   1 
ATOM   788  O  O   . ARG A 1 102 ? 0.668   -6.351  1.756   1.00 15.15 ? 102  ARG A O   1 
ATOM   789  C  CB  . ARG A 1 102 ? 2.724   -8.588  0.575   1.00 18.81 ? 102  ARG A CB  1 
ATOM   790  C  CG  . ARG A 1 102 ? 3.405   -8.219  1.879   1.00 20.65 ? 102  ARG A CG  1 
ATOM   791  C  CD  . ARG A 1 102 ? 3.857   -9.473  2.625   1.00 28.20 ? 102  ARG A CD  1 
ATOM   792  N  NE  . ARG A 1 102 ? 4.217   -9.161  4.004   1.00 31.26 ? 102  ARG A NE  1 
ATOM   793  C  CZ  . ARG A 1 102 ? 3.357   -9.153  5.016   1.00 34.56 ? 102  ARG A CZ  1 
ATOM   794  N  NH1 . ARG A 1 102 ? 2.075   -9.444  4.805   1.00 37.83 ? 102  ARG A NH1 1 
ATOM   795  N  NH2 . ARG A 1 102 ? 3.771   -8.829  6.236   1.00 32.29 ? 102  ARG A NH2 1 
ATOM   796  N  N   . PRO A 1 103 ? -0.462  -7.980  0.688   1.00 18.24 ? 103  PRO A N   1 
ATOM   797  C  CA  . PRO A 1 103 ? -1.641  -7.766  1.525   1.00 19.88 ? 103  PRO A CA  1 
ATOM   798  C  C   . PRO A 1 103 ? -1.427  -8.332  2.916   1.00 22.26 ? 103  PRO A C   1 
ATOM   799  O  O   . PRO A 1 103 ? -0.628  -9.250  3.109   1.00 22.88 ? 103  PRO A O   1 
ATOM   800  C  CB  . PRO A 1 103 ? -2.741  -8.502  0.767   1.00 18.26 ? 103  PRO A CB  1 
ATOM   801  C  CG  . PRO A 1 103 ? -2.029  -9.598  0.079   1.00 19.58 ? 103  PRO A CG  1 
ATOM   802  C  CD  . PRO A 1 103 ? -0.658  -9.073  -0.274  1.00 20.41 ? 103  PRO A CD  1 
ATOM   803  N  N   . PRO A 1 104 ? -2.123  -7.773  3.915   1.00 24.89 ? 104  PRO A N   1 
ATOM   804  C  CA  . PRO A 1 104 ? -1.975  -8.262  5.291   1.00 27.24 ? 104  PRO A CA  1 
ATOM   805  C  C   . PRO A 1 104 ? -2.471  -9.700  5.388   1.00 29.03 ? 104  PRO A C   1 
ATOM   806  O  O   . PRO A 1 104 ? -3.395  -10.088 4.678   1.00 30.20 ? 104  PRO A O   1 
ATOM   807  C  CB  . PRO A 1 104 ? -2.845  -7.306  6.106   1.00 27.45 ? 104  PRO A CB  1 
ATOM   808  C  CG  . PRO A 1 104 ? -3.835  -6.755  5.122   1.00 26.49 ? 104  PRO A CG  1 
ATOM   809  C  CD  . PRO A 1 104 ? -3.091  -6.667  3.817   1.00 23.54 ? 104  PRO A CD  1 
ATOM   810  N  N   . LYS A 1 105 ? -1.847  -10.492 6.254   1.00 35.94 ? 105  LYS A N   1 
ATOM   811  C  CA  . LYS A 1 105 ? -2.251  -11.886 6.436   1.00 37.54 ? 105  LYS A CA  1 
ATOM   812  C  C   . LYS A 1 105 ? -3.330  -11.954 7.510   1.00 35.02 ? 105  LYS A C   1 
ATOM   813  O  O   . LYS A 1 105 ? -3.745  -10.924 8.037   1.00 38.01 ? 105  LYS A O   1 
ATOM   814  C  CB  . LYS A 1 105 ? -1.047  -12.742 6.849   1.00 41.77 ? 105  LYS A CB  1 
ATOM   815  C  CG  . LYS A 1 105 ? -0.225  -13.263 5.671   1.00 43.69 ? 105  LYS A CG  1 
ATOM   816  C  CD  . LYS A 1 105 ? 1.092   -13.874 6.128   1.00 46.58 ? 105  LYS A CD  1 
ATOM   817  C  CE  . LYS A 1 105 ? 2.218   -12.846 6.138   1.00 49.14 ? 105  LYS A CE  1 
ATOM   818  N  NZ  . LYS A 1 105 ? 3.041   -12.932 7.382   1.00 51.02 ? 105  LYS A NZ  1 
ATOM   819  N  N   . GLU A 1 106 ? -3.791  -13.157 7.831   1.00 35.45 ? 106  GLU A N   1 
ATOM   820  C  CA  . GLU A 1 106 ? -4.823  -13.317 8.844   1.00 34.22 ? 106  GLU A CA  1 
ATOM   821  C  C   . GLU A 1 106 ? -4.362  -12.771 10.190  1.00 32.18 ? 106  GLU A C   1 
ATOM   822  O  O   . GLU A 1 106 ? -3.400  -13.268 10.785  1.00 30.92 ? 106  GLU A O   1 
ATOM   823  C  CB  . GLU A 1 106 ? -5.197  -14.787 8.983   1.00 37.55 ? 106  GLU A CB  1 
ATOM   824  C  CG  . GLU A 1 106 ? -5.630  -15.439 7.683   1.00 42.98 ? 106  GLU A CG  1 
ATOM   825  C  CD  . GLU A 1 106 ? -7.091  -15.844 7.689   1.00 42.57 ? 106  GLU A CD  1 
ATOM   826  O  OE1 . GLU A 1 106 ? -7.902  -15.146 8.336   1.00 41.07 ? 106  GLU A OE1 1 
ATOM   827  O  OE2 . GLU A 1 106 ? -7.426  -16.861 7.043   1.00 43.21 ? 106  GLU A OE2 1 
ATOM   828  N  N   . GLY A 1 107 ? -5.062  -11.748 10.667  1.00 29.57 ? 107  GLY A N   1 
ATOM   829  C  CA  . GLY A 1 107 ? -4.714  -11.132 11.929  1.00 29.07 ? 107  GLY A CA  1 
ATOM   830  C  C   . GLY A 1 107 ? -3.946  -9.851  11.672  1.00 29.41 ? 107  GLY A C   1 
ATOM   831  O  O   . GLY A 1 107 ? -3.874  -8.976  12.529  1.00 29.53 ? 107  GLY A O   1 
ATOM   832  N  N   . GLU A 1 108 ? -3.371  -9.755  10.479  1.00 29.20 ? 108  GLU A N   1 
ATOM   833  C  CA  . GLU A 1 108 ? -2.608  -8.576  10.076  1.00 29.66 ? 108  GLU A CA  1 
ATOM   834  C  C   . GLU A 1 108 ? -3.552  -7.414  9.786   1.00 30.18 ? 108  GLU A C   1 
ATOM   835  O  O   . GLU A 1 108 ? -4.711  -7.610  9.412   1.00 27.33 ? 108  GLU A O   1 
ATOM   836  C  CB  . GLU A 1 108 ? -1.790  -8.880  8.820   1.00 30.79 ? 108  GLU A CB  1 
ATOM   837  C  CG  . GLU A 1 108 ? -0.543  -9.709  9.058   1.00 36.30 ? 108  GLU A CG  1 
ATOM   838  C  CD  . GLU A 1 108 ? 0.477   -9.525  7.957   1.00 36.70 ? 108  GLU A CD  1 
ATOM   839  O  OE1 . GLU A 1 108 ? 1.156   -8.478  7.945   1.00 41.46 ? 108  GLU A OE1 1 
ATOM   840  O  OE2 . GLU A 1 108 ? 0.598   -10.422 7.104   1.00 38.71 ? 108  GLU A OE2 1 
ATOM   841  N  N   . ARG A 1 109 ? -3.036  -6.200  9.933   1.00 31.21 ? 109  ARG A N   1 
ATOM   842  C  CA  . ARG A 1 109 ? -3.829  -4.998  9.711   1.00 32.34 ? 109  ARG A CA  1 
ATOM   843  C  C   . ARG A 1 109 ? -3.444  -4.160  8.486   1.00 27.34 ? 109  ARG A C   1 
ATOM   844  O  O   . ARG A 1 109 ? -4.311  -3.648  7.775   1.00 26.66 ? 109  ARG A O   1 
ATOM   845  C  CB  . ARG A 1 109 ? -3.762  -4.110  10.955  1.00 36.77 ? 109  ARG A CB  1 
ATOM   846  C  CG  . ARG A 1 109 ? -4.812  -3.021  10.985  1.00 42.42 ? 109  ARG A CG  1 
ATOM   847  C  CD  . ARG A 1 109 ? -5.788  -3.256  12.122  1.00 51.81 ? 109  ARG A CD  1 
ATOM   848  N  NE  . ARG A 1 109 ? -5.114  -3.673  13.350  1.00 55.01 ? 109  ARG A NE  1 
ATOM   849  C  CZ  . ARG A 1 109 ? -4.255  -2.915  14.025  1.00 58.67 ? 109  ARG A CZ  1 
ATOM   850  N  NH1 . ARG A 1 109 ? -3.953  -1.695  13.593  1.00 58.65 ? 109  ARG A NH1 1 
ATOM   851  N  NH2 . ARG A 1 109 ? -3.698  -3.375  15.136  1.00 59.40 ? 109  ARG A NH2 1 
ATOM   852  N  N   . TYR A 1 110 ? -2.147  -4.021  8.236   1.00 22.34 ? 110  TYR A N   1 
ATOM   853  C  CA  . TYR A 1 110 ? -1.685  -3.196  7.129   1.00 20.66 ? 110  TYR A CA  1 
ATOM   854  C  C   . TYR A 1 110 ? -1.047  -3.902  5.960   1.00 18.39 ? 110  TYR A C   1 
ATOM   855  O  O   . TYR A 1 110 ? -0.542  -5.015  6.076   1.00 16.05 ? 110  TYR A O   1 
ATOM   856  C  CB  . TYR A 1 110 ? -0.668  -2.173  7.627   1.00 21.14 ? 110  TYR A CB  1 
ATOM   857  C  CG  . TYR A 1 110 ? -1.139  -1.335  8.784   1.00 23.48 ? 110  TYR A CG  1 
ATOM   858  C  CD1 . TYR A 1 110 ? -1.981  -0.240  8.581   1.00 26.02 ? 110  TYR A CD1 1 
ATOM   859  C  CD2 . TYR A 1 110 ? -0.747  -1.641  10.088  1.00 26.14 ? 110  TYR A CD2 1 
ATOM   860  C  CE1 . TYR A 1 110 ? -2.422  0.529   9.645   1.00 28.88 ? 110  TYR A CE1 1 
ATOM   861  C  CE2 . TYR A 1 110 ? -1.182  -0.878  11.165  1.00 30.70 ? 110  TYR A CE2 1 
ATOM   862  C  CZ  . TYR A 1 110 ? -2.019  0.205   10.938  1.00 33.51 ? 110  TYR A CZ  1 
ATOM   863  O  OH  . TYR A 1 110 ? -2.448  0.963   12.009  1.00 40.13 ? 110  TYR A OH  1 
ATOM   864  N  N   . PHE A 1 111 ? -1.077  -3.223  4.823   1.00 15.92 ? 111  PHE A N   1 
ATOM   865  C  CA  . PHE A 1 111 ? -0.412  -3.734  3.645   1.00 16.36 ? 111  PHE A CA  1 
ATOM   866  C  C   . PHE A 1 111 ? 1.039   -3.470  4.052   1.00 14.66 ? 111  PHE A C   1 
ATOM   867  O  O   . PHE A 1 111 ? 1.310   -2.515  4.786   1.00 13.07 ? 111  PHE A O   1 
ATOM   868  C  CB  . PHE A 1 111 ? -0.796  -2.909  2.406   1.00 19.83 ? 111  PHE A CB  1 
ATOM   869  C  CG  . PHE A 1 111 ? -1.930  -3.506  1.621   1.00 20.38 ? 111  PHE A CG  1 
ATOM   870  C  CD1 . PHE A 1 111 ? -3.240  -3.188  1.919   1.00 27.39 ? 111  PHE A CD1 1 
ATOM   871  C  CD2 . PHE A 1 111 ? -1.686  -4.425  0.612   1.00 25.50 ? 111  PHE A CD2 1 
ATOM   872  C  CE1 . PHE A 1 111 ? -4.300  -3.775  1.228   1.00 28.49 ? 111  PHE A CE1 1 
ATOM   873  C  CE2 . PHE A 1 111 ? -2.741  -5.022  -0.088  1.00 27.27 ? 111  PHE A CE2 1 
ATOM   874  C  CZ  . PHE A 1 111 ? -4.047  -4.696  0.223   1.00 28.42 ? 111  PHE A CZ  1 
ATOM   875  N  N   . ALA A 1 112 ? 1.955   -4.321  3.607   1.00 11.61 ? 112  ALA A N   1 
ATOM   876  C  CA  . ALA A 1 112 ? 3.355   -4.150  3.967   1.00 11.79 ? 112  ALA A CA  1 
ATOM   877  C  C   . ALA A 1 112 ? 4.252   -4.025  2.749   1.00 10.97 ? 112  ALA A C   1 
ATOM   878  O  O   . ALA A 1 112 ? 3.986   -4.617  1.705   1.00 10.77 ? 112  ALA A O   1 
ATOM   879  C  CB  . ALA A 1 112 ? 3.812   -5.312  4.834   1.00 13.58 ? 112  ALA A CB  1 
ATOM   880  N  N   . LEU A 1 113 ? 5.317   -3.252  2.886   1.00 12.05 ? 113  LEU A N   1 
ATOM   881  C  CA  . LEU A 1 113 ? 6.265   -3.077  1.803   1.00 16.25 ? 113  LEU A CA  1 
ATOM   882  C  C   . LEU A 1 113 ? 7.022   -4.399  1.613   1.00 16.49 ? 113  LEU A C   1 
ATOM   883  O  O   . LEU A 1 113 ? 7.601   -4.947  2.549   1.00 20.09 ? 113  LEU A O   1 
ATOM   884  C  CB  . LEU A 1 113 ? 7.243   -1.941  2.141   1.00 17.02 ? 113  LEU A CB  1 
ATOM   885  C  CG  . LEU A 1 113 ? 8.191   -1.467  1.039   1.00 17.56 ? 113  LEU A CG  1 
ATOM   886  C  CD1 . LEU A 1 113 ? 7.407   -0.990  -0.183  1.00 19.12 ? 113  LEU A CD1 1 
ATOM   887  C  CD2 . LEU A 1 113 ? 9.052   -0.345  1.593   1.00 18.42 ? 113  LEU A CD2 1 
ATOM   888  N  N   . LEU A 1 114 ? 6.996   -4.916  0.392   1.00 16.82 ? 114  LEU A N   1 
ATOM   889  C  CA  . LEU A 1 114 ? 7.661   -6.177  0.087   1.00 14.61 ? 114  LEU A CA  1 
ATOM   890  C  C   . LEU A 1 114 ? 9.054   -5.947  -0.490  1.00 14.42 ? 114  LEU A C   1 
ATOM   891  O  O   . LEU A 1 114 ? 10.021  -6.599  -0.104  1.00 15.38 ? 114  LEU A O   1 
ATOM   892  C  CB  . LEU A 1 114 ? 6.825   -6.975  -0.908  1.00 16.89 ? 114  LEU A CB  1 
ATOM   893  C  CG  . LEU A 1 114 ? 7.407   -8.320  -1.331  1.00 18.86 ? 114  LEU A CG  1 
ATOM   894  C  CD1 . LEU A 1 114 ? 7.458   -9.261  -0.142  1.00 19.34 ? 114  LEU A CD1 1 
ATOM   895  C  CD2 . LEU A 1 114 ? 6.552   -8.901  -2.443  1.00 25.40 ? 114  LEU A CD2 1 
ATOM   896  N  N   . LYS A 1 115 ? 9.134   -5.008  -1.424  1.00 14.09 ? 115  LYS A N   1 
ATOM   897  C  CA  . LYS A 1 115 ? 10.401  -4.669  -2.057  1.00 14.40 ? 115  LYS A CA  1 
ATOM   898  C  C   . LYS A 1 115 ? 10.473  -3.166  -2.307  1.00 12.30 ? 115  LYS A C   1 
ATOM   899  O  O   . LYS A 1 115 ? 9.534   -2.576  -2.844  1.00 12.79 ? 115  LYS A O   1 
ATOM   900  C  CB  . LYS A 1 115 ? 10.540  -5.404  -3.390  1.00 12.86 ? 115  LYS A CB  1 
ATOM   901  C  CG  . LYS A 1 115 ? 11.820  -5.082  -4.143  1.00 14.35 ? 115  LYS A CG  1 
ATOM   902  C  CD  . LYS A 1 115 ? 12.002  -5.974  -5.348  1.00 17.01 ? 115  LYS A CD  1 
ATOM   903  C  CE  . LYS A 1 115 ? 13.330  -5.705  -6.036  1.00 18.23 ? 115  LYS A CE  1 
ATOM   904  N  NZ  . LYS A 1 115 ? 13.586  -4.245  -6.203  1.00 19.15 ? 115  LYS A NZ  1 
ATOM   905  N  N   . VAL A 1 116 ? 11.574  -2.549  -1.894  1.00 11.70 ? 116  VAL A N   1 
ATOM   906  C  CA  . VAL A 1 116 ? 11.771  -1.118  -2.102  1.00 12.05 ? 116  VAL A CA  1 
ATOM   907  C  C   . VAL A 1 116 ? 12.294  -0.973  -3.526  1.00 12.78 ? 116  VAL A C   1 
ATOM   908  O  O   . VAL A 1 116 ? 13.384  -1.441  -3.842  1.00 16.16 ? 116  VAL A O   1 
ATOM   909  C  CB  . VAL A 1 116 ? 12.836  -0.544  -1.142  1.00 12.79 ? 116  VAL A CB  1 
ATOM   910  C  CG1 . VAL A 1 116 ? 13.082  0.915   -1.456  1.00 14.98 ? 116  VAL A CG1 1 
ATOM   911  C  CG2 . VAL A 1 116 ? 12.388  -0.706  0.308   1.00 12.34 ? 116  VAL A CG2 1 
ATOM   912  N  N   . ASN A 1 117 ? 11.523  -0.325  -4.385  1.00 10.17 ? 117  ASN A N   1 
ATOM   913  C  CA  . ASN A 1 117 ? 11.930  -0.178  -5.770  1.00 15.81 ? 117  ASN A CA  1 
ATOM   914  C  C   . ASN A 1 117 ? 12.630  1.144   -6.045  1.00 16.96 ? 117  ASN A C   1 
ATOM   915  O  O   . ASN A 1 117 ? 13.615  1.188   -6.774  1.00 17.04 ? 117  ASN A O   1 
ATOM   916  C  CB  . ASN A 1 117 ? 10.724  -0.339  -6.694  1.00 18.71 ? 117  ASN A CB  1 
ATOM   917  C  CG  . ASN A 1 117 ? 10.379  -1.795  -6.935  1.00 21.08 ? 117  ASN A CG  1 
ATOM   918  O  OD1 . ASN A 1 117 ? 11.134  -2.689  -6.559  1.00 22.85 ? 117  ASN A OD1 1 
ATOM   919  N  ND2 . ASN A 1 117 ? 9.234   -2.041  -7.560  1.00 21.07 ? 117  ASN A ND2 1 
ATOM   920  N  N   . GLU A 1 118 ? 12.118  2.215   -5.454  1.00 15.79 ? 118  GLU A N   1 
ATOM   921  C  CA  . GLU A 1 118 ? 12.706  3.530   -5.639  1.00 16.61 ? 118  GLU A CA  1 
ATOM   922  C  C   . GLU A 1 118 ? 12.634  4.319   -4.342  1.00 17.65 ? 118  GLU A C   1 
ATOM   923  O  O   . GLU A 1 118 ? 11.657  4.229   -3.593  1.00 17.20 ? 118  GLU A O   1 
ATOM   924  C  CB  . GLU A 1 118 ? 11.961  4.306   -6.727  1.00 20.90 ? 118  GLU A CB  1 
ATOM   925  C  CG  . GLU A 1 118 ? 12.051  3.696   -8.107  1.00 30.50 ? 118  GLU A CG  1 
ATOM   926  C  CD  . GLU A 1 118 ? 11.758  4.698   -9.207  1.00 40.72 ? 118  GLU A CD  1 
ATOM   927  O  OE1 . GLU A 1 118 ? 11.557  5.894   -8.890  1.00 43.25 ? 118  GLU A OE1 1 
ATOM   928  O  OE2 . GLU A 1 118 ? 11.728  4.289   -10.390 1.00 49.18 ? 118  GLU A OE2 1 
ATOM   929  N  N   . VAL A 1 119 ? 13.682  5.089   -4.087  1.00 13.09 ? 119  VAL A N   1 
ATOM   930  C  CA  . VAL A 1 119 ? 13.759  5.947   -2.917  1.00 13.29 ? 119  VAL A CA  1 
ATOM   931  C  C   . VAL A 1 119 ? 14.017  7.330   -3.490  1.00 15.28 ? 119  VAL A C   1 
ATOM   932  O  O   . VAL A 1 119 ? 15.017  7.547   -4.190  1.00 15.82 ? 119  VAL A O   1 
ATOM   933  C  CB  . VAL A 1 119 ? 14.921  5.538   -2.001  1.00 12.44 ? 119  VAL A CB  1 
ATOM   934  C  CG1 . VAL A 1 119 ? 15.076  6.530   -0.867  1.00 13.63 ? 119  VAL A CG1 1 
ATOM   935  C  CG2 . VAL A 1 119 ? 14.663  4.144   -1.447  1.00 15.79 ? 119  VAL A CG2 1 
ATOM   936  N  N   . ASN A 1 120 ? 13.110  8.259   -3.214  1.00 15.69 ? 120  ASN A N   1 
ATOM   937  C  CA  . ASN A 1 120 ? 13.228  9.603   -3.745  1.00 17.48 ? 120  ASN A CA  1 
ATOM   938  C  C   . ASN A 1 120 ? 13.379  9.522   -5.262  1.00 20.54 ? 120  ASN A C   1 
ATOM   939  O  O   . ASN A 1 120 ? 14.255  10.155  -5.860  1.00 20.74 ? 120  ASN A O   1 
ATOM   940  C  CB  . ASN A 1 120 ? 14.419  10.311  -3.104  1.00 16.09 ? 120  ASN A CB  1 
ATOM   941  C  CG  . ASN A 1 120 ? 14.241  10.485  -1.615  1.00 17.70 ? 120  ASN A CG  1 
ATOM   942  O  OD1 . ASN A 1 120 ? 13.144  10.800  -1.152  1.00 19.68 ? 120  ASN A OD1 1 
ATOM   943  N  ND2 . ASN A 1 120 ? 15.307  10.271  -0.853  1.00 19.59 ? 120  ASN A ND2 1 
ATOM   944  N  N   . PHE A 1 121 ? 12.510  8.714   -5.863  1.00 18.08 ? 121  PHE A N   1 
ATOM   945  C  CA  . PHE A 1 121 ? 12.443  8.520   -7.307  1.00 19.29 ? 121  PHE A CA  1 
ATOM   946  C  C   . PHE A 1 121 ? 13.696  7.984   -7.973  1.00 21.18 ? 121  PHE A C   1 
ATOM   947  O  O   . PHE A 1 121 ? 13.813  8.047   -9.197  1.00 22.70 ? 121  PHE A O   1 
ATOM   948  C  CB  . PHE A 1 121 ? 12.031  9.831   -7.970  1.00 17.12 ? 121  PHE A CB  1 
ATOM   949  C  CG  . PHE A 1 121 ? 11.108  10.661  -7.127  1.00 18.22 ? 121  PHE A CG  1 
ATOM   950  C  CD1 . PHE A 1 121 ? 9.771   10.294  -6.965  1.00 21.21 ? 121  PHE A CD1 1 
ATOM   951  C  CD2 . PHE A 1 121 ? 11.581  11.779  -6.454  1.00 17.91 ? 121  PHE A CD2 1 
ATOM   952  C  CE1 . PHE A 1 121 ? 8.920   11.027  -6.133  1.00 21.75 ? 121  PHE A CE1 1 
ATOM   953  C  CE2 . PHE A 1 121 ? 10.741  12.517  -5.624  1.00 20.79 ? 121  PHE A CE2 1 
ATOM   954  C  CZ  . PHE A 1 121 ? 9.406   12.139  -5.461  1.00 18.08 ? 121  PHE A CZ  1 
ATOM   955  N  N   . ASP A 1 122 ? 14.624  7.446   -7.188  1.00 21.00 ? 122  ASP A N   1 
ATOM   956  C  CA  . ASP A 1 122 ? 15.861  6.909   -7.746  1.00 21.19 ? 122  ASP A CA  1 
ATOM   957  C  C   . ASP A 1 122 ? 16.065  5.467   -7.293  1.00 24.23 ? 122  ASP A C   1 
ATOM   958  O  O   . ASP A 1 122 ? 15.400  5.002   -6.365  1.00 17.67 ? 122  ASP A O   1 
ATOM   959  C  CB  . ASP A 1 122 ? 17.051  7.771   -7.303  1.00 21.82 ? 122  ASP A CB  1 
ATOM   960  C  CG  . ASP A 1 122 ? 18.307  7.533   -8.147  1.00 22.10 ? 122  ASP A CG  1 
ATOM   961  O  OD1 . ASP A 1 122 ? 18.220  6.864   -9.200  1.00 23.80 ? 122  ASP A OD1 1 
ATOM   962  O  OD2 . ASP A 1 122 ? 19.390  8.018   -7.752  1.00 23.36 ? 122  ASP A OD2 1 
ATOM   963  N  N   . LYS A 1 123 ? 16.975  4.758   -7.951  1.00 30.14 ? 123  LYS A N   1 
ATOM   964  C  CA  . LYS A 1 123 ? 17.250  3.376   -7.585  1.00 38.00 ? 123  LYS A CA  1 
ATOM   965  C  C   . LYS A 1 123 ? 17.758  3.384   -6.156  1.00 40.77 ? 123  LYS A C   1 
ATOM   966  O  O   . LYS A 1 123 ? 18.508  4.274   -5.770  1.00 42.68 ? 123  LYS A O   1 
ATOM   967  C  CB  . LYS A 1 123 ? 18.306  2.773   -8.519  1.00 41.83 ? 123  LYS A CB  1 
ATOM   968  C  CG  . LYS A 1 123 ? 19.707  3.353   -8.359  1.00 49.18 ? 123  LYS A CG  1 
ATOM   969  C  CD  . LYS A 1 123 ? 20.502  3.253   -9.661  1.00 55.08 ? 123  LYS A CD  1 
ATOM   970  C  CE  . LYS A 1 123 ? 21.965  3.649   -9.462  1.00 59.38 ? 123  LYS A CE  1 
ATOM   971  N  NZ  . LYS A 1 123 ? 22.234  5.092   -9.771  1.00 58.90 ? 123  LYS A NZ  1 
ATOM   972  N  N   . PRO A 1 124 ? 17.326  2.415   -5.334  1.00 45.27 ? 124  PRO A N   1 
ATOM   973  C  CA  . PRO A 1 124 ? 17.775  2.361   -3.938  1.00 49.37 ? 124  PRO A CA  1 
ATOM   974  C  C   . PRO A 1 124 ? 19.300  2.350   -3.785  1.00 53.66 ? 124  PRO A C   1 
ATOM   975  O  O   . PRO A 1 124 ? 19.823  2.039   -2.712  1.00 56.14 ? 124  PRO A O   1 
ATOM   976  C  CB  . PRO A 1 124 ? 17.117  1.094   -3.395  1.00 48.35 ? 124  PRO A CB  1 
ATOM   977  C  CG  . PRO A 1 124 ? 15.923  0.897   -4.267  1.00 47.23 ? 124  PRO A CG  1 
ATOM   978  C  CD  . PRO A 1 124 ? 16.365  1.341   -5.635  1.00 45.38 ? 124  PRO A CD  1 
ATOM   979  N  N   . GLU A 1 125 ? 20.002  2.682   -4.867  1.00 56.64 ? 125  GLU A N   1 
ATOM   980  C  CA  . GLU A 1 125 ? 21.459  2.757   -4.873  1.00 58.48 ? 125  GLU A CA  1 
ATOM   981  C  C   . GLU A 1 125 ? 21.871  4.200   -5.191  1.00 58.54 ? 125  GLU A C   1 
ATOM   982  O  O   . GLU A 1 125 ? 22.254  4.917   -4.243  1.00 58.53 ? 125  GLU A O   1 
ATOM   983  C  CB  . GLU A 1 125 ? 22.045  1.808   -5.924  1.00 62.14 ? 125  GLU A CB  1 
ATOM   984  C  CG  . GLU A 1 125 ? 21.429  0.416   -5.924  1.00 65.99 ? 125  GLU A CG  1 
ATOM   985  C  CD  . GLU A 1 125 ? 20.433  0.217   -7.054  1.00 67.25 ? 125  GLU A CD  1 
ATOM   986  O  OE1 . GLU A 1 125 ? 20.859  0.206   -8.230  1.00 67.49 ? 125  GLU A OE1 1 
ATOM   987  O  OE2 . GLU A 1 125 ? 19.225  0.070   -6.765  1.00 65.68 ? 125  GLU A OE2 1 
HETATM 988  O  O   . HOH B 2 .   ? 0.648   3.079   -5.723  1.00 16.18 ? 1001 HOH A O   1 
HETATM 989  O  O   . HOH B 2 .   ? 13.572  -4.184  -0.484  0.96 15.15 ? 1002 HOH A O   1 
HETATM 990  O  O   . HOH B 2 .   ? -18.045 -11.736 -9.294  1.00 22.07 ? 1003 HOH A O   1 
HETATM 991  O  O   . HOH B 2 .   ? 8.323   -3.506  13.659  0.76 15.74 ? 1004 HOH A O   1 
HETATM 992  O  O   . HOH B 2 .   ? 3.572   -7.601  -4.862  0.99 15.93 ? 1005 HOH A O   1 
HETATM 993  O  O   . HOH B 2 .   ? -2.554  -0.563  4.944   1.00 17.24 ? 1006 HOH A O   1 
HETATM 994  O  O   . HOH B 2 .   ? 0.064   3.550   -2.577  1.00 21.15 ? 1007 HOH A O   1 
HETATM 995  O  O   . HOH B 2 .   ? 2.495   11.675  11.821  0.94 19.21 ? 1008 HOH A O   1 
HETATM 996  O  O   . HOH B 2 .   ? 10.543  7.151   -4.698  0.99 16.96 ? 1009 HOH A O   1 
HETATM 997  O  O   . HOH B 2 .   ? -14.043 7.961   -5.464  1.00 23.46 ? 1011 HOH A O   1 
HETATM 998  O  O   . HOH B 2 .   ? 7.573   -3.925  5.503   0.93 17.08 ? 1012 HOH A O   1 
HETATM 999  O  O   . HOH B 2 .   ? -13.467 -15.186 -5.917  1.00 21.89 ? 1013 HOH A O   1 
HETATM 1000 O  O   . HOH B 2 .   ? 2.006   -10.243 -5.158  1.00 24.15 ? 1014 HOH A O   1 
HETATM 1001 O  O   . HOH B 2 .   ? -1.026  4.007   10.309  0.84 20.41 ? 1015 HOH A O   1 
HETATM 1002 O  O   . HOH B 2 .   ? -20.259 -0.680  -10.943 0.96 22.04 ? 1016 HOH A O   1 
HETATM 1003 O  O   . HOH B 2 .   ? -2.315  -6.795  13.079  1.00 34.59 ? 1017 HOH A O   1 
HETATM 1004 O  O   . HOH B 2 .   ? 12.825  -5.792  10.658  0.88 21.17 ? 1018 HOH A O   1 
HETATM 1005 O  O   . HOH B 2 .   ? 10.678  -6.599  6.424   1.00 22.17 ? 1019 HOH A O   1 
HETATM 1006 O  O   . HOH B 2 .   ? -3.722  0.014   -10.794 1.00 23.63 ? 1020 HOH A O   1 
HETATM 1007 O  O   . HOH B 2 .   ? -2.444  6.398   3.047   0.63 26.93 ? 1021 HOH A O   1 
HETATM 1008 O  O   . HOH B 2 .   ? 8.815   6.784   -6.830  1.00 32.84 ? 1022 HOH A O   1 
HETATM 1009 O  O   . HOH B 2 .   ? -12.202 -5.529  2.540   1.00 25.60 ? 1023 HOH A O   1 
HETATM 1010 O  O   . HOH B 2 .   ? -9.933  -10.214 -1.324  0.82 17.90 ? 1024 HOH A O   1 
HETATM 1011 O  O   . HOH B 2 .   ? -11.780 9.033   -7.471  1.00 42.91 ? 1025 HOH A O   1 
HETATM 1012 O  O   . HOH B 2 .   ? -5.408  -0.899  7.967   0.97 23.19 ? 1026 HOH A O   1 
HETATM 1013 O  O   . HOH B 2 .   ? 13.449  13.726  8.838   1.00 29.21 ? 1030 HOH A O   1 
HETATM 1014 O  O   . HOH B 2 .   ? -16.754 -11.615 -2.645  1.00 50.92 ? 1032 HOH A O   1 
HETATM 1015 O  O   . HOH B 2 .   ? -8.905  -12.630 -1.817  1.00 32.47 ? 1035 HOH A O   1 
HETATM 1016 O  O   . HOH B 2 .   ? -6.687  -10.948 -10.852 1.00 34.48 ? 1036 HOH A O   1 
HETATM 1017 O  O   . HOH B 2 .   ? 2.426   12.045  4.206   0.82 25.98 ? 1037 HOH A O   1 
HETATM 1018 O  O   . HOH B 2 .   ? -9.755  4.674   -0.305  0.96 30.16 ? 1039 HOH A O   1 
HETATM 1019 O  O   . HOH B 2 .   ? 10.943  12.842  -0.990  0.72 30.59 ? 1042 HOH A O   1 
HETATM 1020 O  O   . HOH B 2 .   ? -1.303  4.314   1.254   0.69 19.58 ? 1043 HOH A O   1 
HETATM 1021 O  O   . HOH B 2 .   ? -10.482 -10.088 -13.894 0.65 24.02 ? 1048 HOH A O   1 
HETATM 1022 O  O   . HOH B 2 .   ? 15.301  -5.485  3.628   0.61 19.12 ? 1049 HOH A O   1 
HETATM 1023 O  O   . HOH B 2 .   ? 0.859   -5.834  8.251   0.97 25.99 ? 1050 HOH A O   1 
HETATM 1024 O  O   . HOH B 2 .   ? -1.106  -14.041 11.682  1.00 34.82 ? 1052 HOH A O   1 
HETATM 1025 O  O   . HOH B 2 .   ? 10.228  15.571  2.772   1.00 36.61 ? 1053 HOH A O   1 
HETATM 1026 O  O   . HOH B 2 .   ? 3.500   14.705  3.258   0.97 29.19 ? 1054 HOH A O   1 
HETATM 1027 O  O   . HOH B 2 .   ? -10.988 -7.483  -13.151 0.43 11.84 ? 1061 HOH A O   1 
HETATM 1028 O  O   . HOH B 2 .   ? -11.479 6.416   1.041   0.67 27.71 ? 1064 HOH A O   1 
HETATM 1029 O  O   . HOH B 2 .   ? 14.961  1.898   12.022  1.00 30.98 ? 1075 HOH A O   1 
HETATM 1030 O  O   . HOH B 2 .   ? 5.281   8.611   -4.451  1.00 33.55 ? 1077 HOH A O   1 
HETATM 1031 O  O   . HOH B 2 .   ? -0.862  17.021  9.110   0.19 7.90  ? 1079 HOH A O   1 
HETATM 1032 O  O   . HOH B 2 .   ? 15.301  -3.277  -4.059  0.77 25.33 ? 1089 HOH A O   1 
HETATM 1033 O  O   . HOH B 2 .   ? -6.230  -9.877  8.724   0.99 41.99 ? 1107 HOH A O   1 
HETATM 1034 O  O   . HOH B 2 .   ? 1.941   -9.405  -11.694 0.71 31.04 ? 1120 HOH A O   1 
HETATM 1035 O  O   . HOH B 2 .   ? 11.799  -6.367  1.699   0.76 18.29 ? 1133 HOH A O   1 
HETATM 1036 O  O   . HOH B 2 .   ? 9.386   15.016  7.362   0.54 18.91 ? 1134 HOH A O   1 
HETATM 1037 O  O   . HOH B 2 .   ? -13.645 -14.178 -3.215  0.89 74.17 ? 1150 HOH A O   1 
HETATM 1038 O  O   . HOH B 2 .   ? -7.651  3.059   0.010   1.00 35.99 ? 1152 HOH A O   1 
HETATM 1039 O  O   . HOH B 2 .   ? 3.550   -7.403  8.329   1.00 40.42 ? 2006 HOH A O   1 
HETATM 1040 O  O   . HOH B 2 .   ? -1.372  10.836  12.458  1.00 35.22 ? 2008 HOH A O   1 
HETATM 1041 O  O   . HOH B 2 .   ? 12.059  -7.550  4.500   1.00 24.80 ? 2018 HOH A O   1 
HETATM 1042 O  O   . HOH B 2 .   ? -6.588  -0.406  -12.226 1.00 46.48 ? 2029 HOH A O   1 
HETATM 1043 O  O   . HOH B 2 .   ? -7.643  -7.053  -12.572 0.56 41.63 ? 2045 HOH A O   1 
HETATM 1044 O  O   . HOH B 2 .   ? -13.420 -11.251 -15.699 0.71 34.55 ? 2059 HOH A O   1 
HETATM 1045 O  O   . HOH B 2 .   ? 11.798  -4.544  -9.339  0.65 24.15 ? 2074 HOH A O   1 
HETATM 1046 O  O   . HOH B 2 .   ? 21.527  2.589   7.337   1.00 50.32 ? 2096 HOH A O   1 
HETATM 1047 O  O   . HOH B 2 .   ? 6.261   4.128   17.534  1.00 38.53 ? 2207 HOH A O   1 
HETATM 1048 O  O   . HOH B 2 .   ? 4.149   10.566  5.564   1.00 34.05 ? 3002 HOH A O   1 
HETATM 1049 O  O   . HOH B 2 .   ? -13.856 -13.691 -16.586 0.86 22.71 ? 3004 HOH A O   1 
HETATM 1050 O  O   . HOH B 2 .   ? -12.729 9.043   2.066   0.79 20.44 ? 3006 HOH A O   1 
HETATM 1051 O  O   . HOH B 2 .   ? 6.339   12.987  -2.518  0.88 36.71 ? 3008 HOH A O   1 
HETATM 1052 O  O   . HOH B 2 .   ? -13.683 -1.182  -13.752 0.95 23.79 ? 3011 HOH A O   1 
HETATM 1053 O  O   . HOH B 2 .   ? 19.237  9.413   -5.146  0.45 13.99 ? 3012 HOH A O   1 
HETATM 1054 O  O   . HOH B 2 .   ? 7.715   -6.450  6.140   0.96 36.18 ? 3013 HOH A O   1 
HETATM 1055 O  O   . HOH B 2 .   ? -17.700 0.249   -14.584 0.57 17.31 ? 3016 HOH A O   1 
HETATM 1056 O  O   . HOH B 2 .   ? 14.527  -1.378  -7.454  0.74 20.92 ? 3022 HOH A O   1 
HETATM 1057 O  O   . HOH B 2 .   ? -2.522  8.377   5.591   0.68 20.67 ? 3037 HOH A O   1 
HETATM 1058 O  O   . HOH B 2 .   ? -10.250 0.424   -13.510 0.81 62.24 ? 3044 HOH A O   1 
HETATM 1059 O  O   . HOH B 2 .   ? -18.736 2.673   -14.185 0.66 25.21 ? 3053 HOH A O   1 
HETATM 1060 O  O   . HOH B 2 .   ? -22.111 -9.158  -6.347  1.00 50.20 ? 3177 HOH A O   1 
HETATM 1061 O  O   . HOH B 2 .   ? 17.098  11.363  2.897   0.77 45.55 ? 3203 HOH A O   1 
HETATM 1062 O  O   . HOH B 2 .   ? -0.600  -4.978  10.061  0.31 11.43 ? 4001 HOH A O   1 
HETATM 1063 O  O   . HOH B 2 .   ? 2.376   10.815  -2.580  0.98 60.16 ? 4015 HOH A O   1 
HETATM 1064 O  O   . HOH B 2 .   ? -11.735 -5.838  -15.033 0.57 24.73 ? 4023 HOH A O   1 
HETATM 1065 O  O   . HOH B 2 .   ? -16.600 -1.430  4.373   0.51 19.82 ? 4025 HOH A O   1 
HETATM 1066 O  O   . HOH B 2 .   ? 17.637  -6.078  3.060   0.77 40.09 ? 4034 HOH A O   1 
HETATM 1067 O  O   . HOH B 2 .   ? 9.306   -4.209  -9.295  0.90 40.96 ? 4035 HOH A O   1 
HETATM 1068 O  O   . HOH B 2 .   ? -6.978  0.649   0.831   1.00 46.30 ? 4038 HOH A O   1 
HETATM 1069 O  O   . HOH B 2 .   ? -20.750 -3.350  -12.486 0.55 34.75 ? 4039 HOH A O   1 
HETATM 1070 O  O   . HOH B 2 .   ? 18.224  12.118  -3.567  0.85 41.22 ? 4040 HOH A O   1 
HETATM 1071 O  O   . HOH B 2 .   ? 17.829  8.400   2.715   0.88 41.91 ? 4047 HOH A O   1 
HETATM 1072 O  O   . HOH B 2 .   ? 15.346  1.953   -9.645  0.59 31.42 ? 4055 HOH A O   1 
HETATM 1073 O  O   . HOH B 2 .   ? 18.322  5.203   8.106   0.70 42.82 ? 4061 HOH A O   1 
HETATM 1074 O  O   . HOH B 2 .   ? 5.618   15.302  1.814   0.65 29.89 ? 4066 HOH A O   1 
HETATM 1075 O  O   . HOH B 2 .   ? -13.021 -3.519  -15.248 0.51 26.34 ? 4072 HOH A O   1 
HETATM 1076 O  O   . HOH B 2 .   ? -18.292 -0.341  6.873   0.52 38.00 ? 4079 HOH A O   1 
HETATM 1077 O  O   . HOH B 2 .   ? 17.752  7.700   -3.475  0.73 28.27 ? 4102 HOH A O   1 
HETATM 1078 O  O   . HOH B 2 .   ? 14.173  -7.072  5.456   1.00 37.34 ? 4111 HOH A O   1 
HETATM 1079 O  O   . HOH B 2 .   ? 1.883   -9.272  -2.768  0.48 12.31 ? 4119 HOH A O   1 
HETATM 1080 O  O   . HOH B 2 .   ? 0.643   -11.055 2.177   1.00 45.85 ? 4124 HOH A O   1 
HETATM 1081 O  O   . HOH B 2 .   ? -19.112 -6.828  2.146   0.68 40.90 ? 4191 HOH A O   1 
HETATM 1082 O  O   . HOH B 2 .   ? 9.671   16.191  -4.764  1.00 41.55 ? 5002 HOH A O   1 
HETATM 1083 O  O   . HOH B 2 .   ? -6.541  -0.156  10.251  0.15 5.20  ? 5007 HOH A O   1 
HETATM 1084 O  O   . HOH B 2 .   ? -23.485 -3.380  -6.907  0.36 17.45 ? 5009 HOH A O   1 
HETATM 1085 O  O   . HOH B 2 .   ? -10.591 -4.803  4.804   0.11 6.32  ? 5010 HOH A O   1 
HETATM 1086 O  O   . HOH B 2 .   ? 17.863  9.828   -1.709  0.74 27.13 ? 5012 HOH A O   1 
HETATM 1087 O  O   . HOH B 2 .   ? 11.977  9.896   12.468  0.79 29.77 ? 5013 HOH A O   1 
HETATM 1088 O  O   . HOH B 2 .   ? 5.304   -12.670 -2.653  0.42 31.03 ? 5015 HOH A O   1 
HETATM 1089 O  O   . HOH B 2 .   ? -15.430 -0.096  -15.617 0.88 29.97 ? 5018 HOH A O   1 
HETATM 1090 O  O   . HOH B 2 .   ? 4.919   -9.728  -5.517  0.88 36.27 ? 5020 HOH A O   1 
HETATM 1091 O  O   . HOH B 2 .   ? -1.441  7.475   -1.941  0.61 45.17 ? 5024 HOH A O   1 
HETATM 1092 O  O   . HOH B 2 .   ? 0.713   10.220  13.666  0.36 15.30 ? 5029 HOH A O   1 
HETATM 1093 O  O   . HOH B 2 .   ? 4.943   -12.067 0.780   0.52 24.09 ? 5033 HOH A O   1 
HETATM 1094 O  O   . HOH B 2 .   ? -3.568  -0.567  1.228   0.99 34.73 ? 5034 HOH A O   1 
HETATM 1095 O  O   . HOH B 2 .   ? 15.599  -4.665  -8.441  0.45 22.22 ? 5038 HOH A O   1 
HETATM 1096 O  O   . HOH B 2 .   ? 6.611   -11.840 -4.831  0.57 26.61 ? 5044 HOH A O   1 
HETATM 1097 O  O   . HOH B 2 .   ? -0.043  5.799   -0.386  0.30 19.91 ? 5058 HOH A O   1 
HETATM 1098 O  O   . HOH B 2 .   ? 20.506  6.772   -11.015 1.00 38.93 ? 5061 HOH A O   1 
HETATM 1099 O  O   . HOH B 2 .   ? -0.126  15.102  -4.526  1.00 47.89 ? 5063 HOH A O   1 
HETATM 1100 O  O   . HOH B 2 .   ? 14.623  -5.544  12.776  0.30 13.42 ? 5084 HOH A O   1 
HETATM 1101 O  O   . HOH B 2 .   ? -7.413  -9.841  -12.908 1.00 47.31 ? 5093 HOH A O   1 
HETATM 1102 O  O   . HOH B 2 .   ? 1.634   6.943   -7.824  1.00 44.79 ? 5094 HOH A O   1 
# 
